data_8FM2
#
_entry.id   8FM2
#
_cell.length_a   71.223
_cell.length_b   121.179
_cell.length_c   194.626
_cell.angle_alpha   90.000
_cell.angle_beta   90.000
_cell.angle_gamma   90.000
#
_symmetry.space_group_name_H-M   'P 21 21 21'
#
loop_
_entity.id
_entity.type
_entity.pdbx_description
1 polymer 'Envelope glycoprotein gp120'
2 non-polymer 2-acetamido-2-deoxy-beta-D-glucopyranose
3 non-polymer 'ethyl (2R,3S)-2-(carbamimidamidomethyl)-3-[2-(4-chloro-3-fluoroanilino)(oxo)acetamido]-6-[(methylamino)methyl]-2,3-dihydro-1H-indole-1-carboxylate'
4 non-polymer IMIDAZOLE
5 water water
#
_entity_poly.entity_id   1
_entity_poly.type   'polypeptide(L)'
_entity_poly.pdbx_seq_one_letter_code
;VWKEAKTTLFCASDAKAYEKEVHNVWATHACVPTDPNPQEMVLANVTENFNMWKNDMVEQMHEDIISLWDESLKPCVKLT
GGSAITQACPKVSFDPIPLHYCAPAGFAILKCNNKTFNGTGPCRNVSTVQCTHGIKPVVSTQLLLNGSLAEEEIIIRSEN
LTNNAKTIIVHLNESVNIVCTRPNNGGSGSGGNIRQAHCNINESKWNNTLQKVGEELAKHFPSKTIKFEPSSGGDLEITT
HSFNCRGEFFYCNTSDLFNGTYRNGTYNHTGRSSNGTITLQCKIKQIINMWQEVGRAIYAPPIEGEITCNSNITGLLLLR
DGGQSNETNDTETFRPGGGDMRDNWRSELYKYKVVEIK
;
_entity_poly.pdbx_strand_id   D,B,A,C
#
loop_
_chem_comp.id
_chem_comp.type
_chem_comp.name
_chem_comp.formula
IMD non-polymer IMIDAZOLE 'C3 H5 N2 1'
NAG D-saccharide, beta linking 2-acetamido-2-deoxy-beta-D-glucopyranose 'C8 H15 N O6'
Y1X non-polymer 'ethyl (2R,3S)-2-(carbamimidamidomethyl)-3-[2-(4-chloro-3-fluoroanilino)(oxo)acetamido]-6-[(methylamino)methyl]-2,3-dihydro-1H-indole-1-carboxylate' 'C23 H27 Cl F N7 O4'
#
# COMPACT_ATOMS: atom_id res chain seq x y z
N LYS A 6 -14.01 11.95 -44.71
CA LYS A 6 -13.08 11.09 -45.45
C LYS A 6 -13.82 9.92 -46.18
N THR A 7 -14.57 9.05 -45.47
CA THR A 7 -15.15 7.83 -46.05
C THR A 7 -16.44 7.44 -45.34
N THR A 8 -17.08 6.34 -45.81
CA THR A 8 -18.22 5.72 -45.12
C THR A 8 -17.75 4.62 -44.18
N LEU A 9 -18.04 4.81 -42.90
CA LEU A 9 -17.82 3.90 -41.79
C LEU A 9 -18.92 2.86 -41.72
N PHE A 10 -18.70 1.80 -40.94
CA PHE A 10 -19.74 0.83 -40.71
C PHE A 10 -19.76 0.49 -39.23
N CYS A 11 -20.87 -0.05 -38.73
CA CYS A 11 -20.98 -0.29 -37.30
C CYS A 11 -20.93 -1.77 -36.98
N ALA A 12 -20.30 -2.08 -35.86
CA ALA A 12 -20.24 -3.43 -35.32
C ALA A 12 -20.85 -3.38 -33.94
N SER A 13 -21.88 -4.16 -33.73
CA SER A 13 -22.56 -4.18 -32.46
C SER A 13 -22.48 -5.58 -31.93
N ASP A 14 -23.10 -5.77 -30.80
CA ASP A 14 -22.99 -7.05 -30.12
C ASP A 14 -24.39 -7.57 -29.84
N ALA A 15 -25.35 -7.14 -30.65
CA ALA A 15 -26.76 -7.44 -30.42
C ALA A 15 -27.10 -8.80 -31.00
N LYS A 16 -28.23 -9.36 -30.58
CA LYS A 16 -28.63 -10.63 -31.16
C LYS A 16 -30.07 -10.52 -31.62
N ALA A 17 -30.40 -11.41 -32.55
CA ALA A 17 -31.65 -11.29 -33.29
C ALA A 17 -32.87 -11.69 -32.48
N TYR A 18 -32.71 -12.25 -31.27
CA TYR A 18 -33.87 -12.61 -30.46
C TYR A 18 -34.31 -11.52 -29.50
N GLU A 19 -33.45 -10.56 -29.20
CA GLU A 19 -33.94 -9.40 -28.49
C GLU A 19 -35.01 -8.72 -29.34
N LYS A 20 -36.14 -8.40 -28.69
CA LYS A 20 -37.11 -7.46 -29.24
C LYS A 20 -36.77 -6.04 -28.82
N GLU A 21 -35.68 -5.87 -28.08
CA GLU A 21 -35.27 -4.52 -27.72
C GLU A 21 -34.86 -3.82 -29.02
N VAL A 22 -35.22 -2.55 -29.17
CA VAL A 22 -35.17 -1.99 -30.51
C VAL A 22 -33.75 -1.64 -30.95
N HIS A 23 -32.88 -1.20 -30.04
CA HIS A 23 -31.47 -1.07 -30.44
C HIS A 23 -30.93 -2.38 -30.97
N ASN A 24 -31.35 -3.51 -30.36
CA ASN A 24 -30.88 -4.81 -30.84
C ASN A 24 -31.39 -5.09 -32.24
N VAL A 25 -32.68 -4.84 -32.49
CA VAL A 25 -33.23 -5.10 -33.81
C VAL A 25 -32.50 -4.27 -34.87
N TRP A 26 -32.44 -2.96 -34.66
CA TRP A 26 -31.77 -2.10 -35.61
C TRP A 26 -30.35 -2.61 -35.84
N ALA A 27 -29.58 -2.77 -34.76
CA ALA A 27 -28.18 -3.17 -34.93
C ALA A 27 -28.06 -4.49 -35.70
N THR A 28 -28.96 -5.46 -35.46
CA THR A 28 -28.84 -6.72 -36.18
C THR A 28 -29.11 -6.53 -37.66
N HIS A 29 -29.87 -5.49 -38.04
CA HIS A 29 -30.00 -5.23 -39.48
C HIS A 29 -28.89 -4.33 -40.03
N ALA A 30 -28.38 -3.38 -39.25
CA ALA A 30 -27.52 -2.33 -39.79
C ALA A 30 -26.06 -2.52 -39.46
N CYS A 31 -25.73 -3.32 -38.45
CA CYS A 31 -24.36 -3.51 -38.02
C CYS A 31 -23.94 -4.96 -38.24
N VAL A 32 -22.62 -5.15 -38.29
CA VAL A 32 -21.98 -6.46 -38.43
C VAL A 32 -21.44 -6.85 -37.06
N PRO A 33 -21.32 -8.15 -36.77
CA PRO A 33 -20.85 -8.56 -35.43
C PRO A 33 -19.43 -8.06 -35.16
N THR A 34 -19.15 -7.85 -33.87
CA THR A 34 -17.87 -7.31 -33.46
C THR A 34 -16.77 -8.37 -33.47
N ASP A 35 -15.55 -7.93 -33.81
CA ASP A 35 -14.40 -8.82 -33.78
C ASP A 35 -14.04 -9.26 -32.37
N PRO A 36 -14.09 -10.58 -32.09
CA PRO A 36 -13.88 -11.04 -30.70
C PRO A 36 -12.65 -10.44 -30.04
N ASN A 37 -11.51 -10.48 -30.71
CA ASN A 37 -10.31 -9.77 -30.25
C ASN A 37 -9.80 -8.86 -31.36
N PRO A 38 -10.10 -7.57 -31.27
CA PRO A 38 -9.57 -6.62 -32.25
C PRO A 38 -8.13 -6.37 -31.88
N GLN A 39 -7.43 -5.69 -32.78
CA GLN A 39 -6.04 -5.47 -32.44
C GLN A 39 -5.65 -4.03 -32.73
N GLU A 40 -5.10 -3.41 -31.69
CA GLU A 40 -4.59 -2.05 -31.74
C GLU A 40 -3.21 -2.06 -32.42
N MET A 41 -2.42 -0.98 -32.23
CA MET A 41 -1.21 -0.64 -33.00
C MET A 41 -0.68 0.73 -32.58
N VAL A 42 -0.01 0.81 -31.43
CA VAL A 42 0.56 2.07 -30.97
C VAL A 42 1.47 2.72 -32.02
N LEU A 43 1.90 3.95 -31.73
CA LEU A 43 2.80 4.77 -32.56
C LEU A 43 3.17 5.98 -31.71
N ALA A 44 3.72 5.74 -30.50
CA ALA A 44 3.89 6.72 -29.42
C ALA A 44 4.87 7.87 -29.74
N ASN A 45 5.50 7.91 -30.93
CA ASN A 45 6.24 9.09 -31.37
C ASN A 45 5.47 10.00 -32.34
N VAL A 46 4.37 9.52 -32.94
CA VAL A 46 3.85 10.08 -34.19
C VAL A 46 3.33 11.50 -34.02
N THR A 47 2.49 11.74 -33.00
CA THR A 47 1.86 13.05 -32.88
C THR A 47 1.08 13.48 -34.11
N GLU A 48 -0.26 13.35 -34.06
CA GLU A 48 -1.15 13.88 -35.09
C GLU A 48 -2.18 14.79 -34.44
N ASN A 49 -2.79 15.68 -35.25
CA ASN A 49 -3.80 16.60 -34.72
C ASN A 49 -5.19 16.03 -34.84
N PHE A 50 -6.04 16.22 -33.83
CA PHE A 50 -7.43 15.97 -34.09
C PHE A 50 -8.21 17.24 -33.78
N ASN A 51 -9.47 17.23 -34.20
CA ASN A 51 -10.38 18.32 -33.81
C ASN A 51 -11.76 17.70 -33.65
N MET A 52 -12.11 17.36 -32.41
CA MET A 52 -13.39 16.76 -32.09
C MET A 52 -14.57 17.56 -32.61
N TRP A 53 -14.40 18.88 -32.80
CA TRP A 53 -15.54 19.73 -33.11
C TRP A 53 -15.87 19.74 -34.59
N LYS A 54 -15.12 19.02 -35.41
CA LYS A 54 -15.24 19.05 -36.86
C LYS A 54 -14.78 17.66 -37.29
N ASN A 55 -15.56 16.64 -36.93
CA ASN A 55 -15.17 15.24 -37.00
C ASN A 55 -16.29 14.51 -37.73
N ASP A 56 -16.02 14.08 -38.96
CA ASP A 56 -17.07 13.47 -39.74
C ASP A 56 -17.67 12.23 -39.09
N MET A 57 -16.93 11.56 -38.20
CA MET A 57 -17.51 10.41 -37.52
C MET A 57 -18.80 10.80 -36.77
N VAL A 58 -18.81 11.98 -36.15
CA VAL A 58 -20.00 12.50 -35.51
C VAL A 58 -21.16 12.59 -36.50
N GLU A 59 -20.95 13.18 -37.70
CA GLU A 59 -22.05 13.19 -38.67
C GLU A 59 -22.58 11.80 -38.92
N GLN A 60 -21.69 10.85 -39.20
CA GLN A 60 -22.17 9.51 -39.52
C GLN A 60 -22.95 8.88 -38.36
N MET A 61 -22.42 8.98 -37.14
CA MET A 61 -23.17 8.40 -36.02
C MET A 61 -24.51 9.08 -35.85
N HIS A 62 -24.53 10.41 -35.97
CA HIS A 62 -25.78 11.13 -35.86
C HIS A 62 -26.80 10.60 -36.86
N GLU A 63 -26.38 10.47 -38.12
CA GLU A 63 -27.23 9.85 -39.14
C GLU A 63 -27.77 8.51 -38.66
N ASP A 64 -26.88 7.67 -38.09
CA ASP A 64 -27.31 6.32 -37.72
C ASP A 64 -28.31 6.36 -36.57
N ILE A 65 -28.03 7.14 -35.52
CA ILE A 65 -29.00 7.23 -34.42
C ILE A 65 -30.33 7.79 -34.90
N ILE A 66 -30.32 8.75 -35.82
CA ILE A 66 -31.60 9.20 -36.35
C ILE A 66 -32.33 8.05 -37.01
N SER A 67 -31.61 7.25 -37.82
CA SER A 67 -32.23 6.08 -38.43
C SER A 67 -32.80 5.14 -37.37
N LEU A 68 -32.01 4.86 -36.35
CA LEU A 68 -32.44 3.99 -35.27
C LEU A 68 -33.74 4.48 -34.66
N TRP A 69 -33.79 5.76 -34.29
CA TRP A 69 -34.97 6.28 -33.61
C TRP A 69 -36.18 6.26 -34.54
N ASP A 70 -35.98 6.53 -35.83
CA ASP A 70 -37.13 6.51 -36.73
C ASP A 70 -37.67 5.12 -36.88
N GLU A 71 -36.82 4.09 -36.82
CA GLU A 71 -37.37 2.75 -36.96
C GLU A 71 -37.85 2.14 -35.65
N SER A 72 -37.39 2.67 -34.50
CA SER A 72 -37.68 2.12 -33.17
C SER A 72 -38.71 2.93 -32.37
N LEU A 73 -38.47 4.23 -32.17
CA LEU A 73 -39.41 5.07 -31.44
C LEU A 73 -40.29 5.85 -32.41
N LYS A 74 -41.16 5.12 -33.11
CA LYS A 74 -42.11 5.78 -34.01
C LYS A 74 -43.11 6.58 -33.21
N PRO A 75 -43.33 7.86 -33.52
CA PRO A 75 -44.34 8.63 -32.81
C PRO A 75 -45.72 8.40 -33.40
N CYS A 76 -46.74 8.46 -32.55
CA CYS A 76 -48.11 8.48 -33.08
C CYS A 76 -48.30 9.61 -34.07
N VAL A 77 -47.79 10.79 -33.77
CA VAL A 77 -47.93 11.89 -34.72
C VAL A 77 -46.58 12.58 -34.84
N LYS A 78 -46.26 13.05 -36.03
CA LYS A 78 -45.02 13.78 -36.22
C LYS A 78 -45.39 15.03 -37.01
N LEU A 79 -45.17 16.19 -36.42
CA LEU A 79 -45.46 17.47 -37.02
C LEU A 79 -44.17 18.08 -37.52
N THR A 80 -44.07 18.28 -38.84
CA THR A 80 -42.91 18.96 -39.43
C THR A 80 -43.42 19.90 -40.50
N GLY A 81 -42.90 21.12 -40.51
CA GLY A 81 -43.56 22.08 -41.37
C GLY A 81 -45.02 22.16 -40.98
N GLY A 82 -45.88 22.12 -42.00
CA GLY A 82 -47.32 22.05 -41.76
C GLY A 82 -47.87 20.65 -41.82
N SER A 83 -47.04 19.70 -42.30
CA SER A 83 -47.39 18.30 -42.39
C SER A 83 -47.50 17.66 -41.02
N ALA A 84 -48.40 16.68 -40.93
CA ALA A 84 -48.48 15.75 -39.82
C ALA A 84 -48.50 14.34 -40.40
N ILE A 85 -47.59 13.51 -39.96
CA ILE A 85 -47.55 12.10 -40.35
C ILE A 85 -48.11 11.29 -39.19
N THR A 86 -48.93 10.29 -39.48
CA THR A 86 -49.45 9.40 -38.46
C THR A 86 -48.98 7.97 -38.69
N GLN A 87 -48.56 7.29 -37.62
CA GLN A 87 -48.09 5.91 -37.69
C GLN A 87 -48.54 5.17 -36.45
N ALA A 88 -48.41 3.85 -36.50
CA ALA A 88 -48.56 3.06 -35.29
C ALA A 88 -47.41 3.37 -34.35
N CYS A 89 -47.72 3.59 -33.07
CA CYS A 89 -46.72 3.94 -32.05
C CYS A 89 -46.80 2.92 -30.90
N PRO A 90 -46.49 1.66 -31.18
CA PRO A 90 -46.47 0.67 -30.12
C PRO A 90 -45.45 1.04 -29.07
N LYS A 91 -45.78 0.73 -27.82
CA LYS A 91 -44.79 0.73 -26.75
C LYS A 91 -43.78 -0.38 -27.00
N VAL A 92 -42.50 -0.11 -26.75
CA VAL A 92 -41.45 -1.01 -27.19
C VAL A 92 -40.42 -1.19 -26.09
N SER A 93 -39.57 -2.18 -26.29
CA SER A 93 -38.52 -2.49 -25.33
C SER A 93 -37.28 -1.71 -25.75
N PHE A 94 -36.85 -0.79 -24.88
CA PHE A 94 -35.91 0.27 -25.27
C PHE A 94 -34.81 0.41 -24.24
N ASP A 95 -33.60 -0.09 -24.55
CA ASP A 95 -32.44 0.05 -23.68
C ASP A 95 -31.16 0.11 -24.51
N PRO A 96 -30.49 1.27 -24.62
CA PRO A 96 -29.42 1.42 -25.61
C PRO A 96 -28.31 0.42 -25.38
N ILE A 97 -27.77 -0.12 -26.48
CA ILE A 97 -26.65 -1.05 -26.48
C ILE A 97 -25.45 -0.31 -27.07
N PRO A 98 -24.21 -0.76 -26.83
CA PRO A 98 -23.06 -0.06 -27.41
C PRO A 98 -22.89 -0.37 -28.87
N LEU A 99 -22.46 0.64 -29.64
CA LEU A 99 -22.21 0.57 -31.07
C LEU A 99 -20.76 0.92 -31.33
N HIS A 100 -20.11 0.16 -32.20
CA HIS A 100 -18.73 0.40 -32.56
C HIS A 100 -18.71 0.97 -33.96
N TYR A 101 -17.91 2.00 -34.18
CA TYR A 101 -17.75 2.51 -35.53
C TYR A 101 -16.41 2.04 -36.05
N CYS A 102 -16.42 1.55 -37.29
CA CYS A 102 -15.33 0.77 -37.88
C CYS A 102 -14.99 1.37 -39.23
N ALA A 103 -13.66 1.43 -39.50
CA ALA A 103 -13.17 1.90 -40.79
C ALA A 103 -13.15 0.75 -41.77
N PRO A 104 -13.65 0.94 -42.99
CA PRO A 104 -13.72 -0.16 -43.95
C PRO A 104 -12.34 -0.32 -44.61
N ALA A 105 -12.24 -1.33 -45.49
CA ALA A 105 -10.97 -1.66 -46.14
C ALA A 105 -10.25 -0.43 -46.69
N GLY A 106 -8.98 -0.25 -46.28
CA GLY A 106 -8.12 0.82 -46.80
C GLY A 106 -8.04 2.05 -45.92
N PHE A 107 -8.79 2.08 -44.87
CA PHE A 107 -8.97 3.14 -43.89
C PHE A 107 -8.66 2.62 -42.50
N ALA A 108 -8.17 3.52 -41.65
CA ALA A 108 -7.99 3.12 -40.27
C ALA A 108 -8.50 4.24 -39.37
N ILE A 109 -8.72 3.93 -38.11
CA ILE A 109 -9.15 4.92 -37.15
C ILE A 109 -7.97 5.19 -36.25
N LEU A 110 -7.44 6.41 -36.29
CA LEU A 110 -6.48 6.83 -35.29
C LEU A 110 -7.19 7.14 -34.01
N LYS A 111 -6.58 6.73 -32.91
CA LYS A 111 -7.10 6.90 -31.56
C LYS A 111 -6.05 7.59 -30.72
N CYS A 112 -6.39 8.74 -30.18
CA CYS A 112 -5.43 9.45 -29.35
C CYS A 112 -5.41 8.83 -27.96
N ASN A 113 -4.20 8.61 -27.42
CA ASN A 113 -4.01 7.91 -26.16
C ASN A 113 -3.63 8.82 -25.00
N ASN A 114 -3.45 10.13 -25.23
CA ASN A 114 -3.17 11.09 -24.18
C ASN A 114 -4.38 11.24 -23.25
N LYS A 115 -4.35 10.60 -22.08
CA LYS A 115 -5.52 10.62 -21.21
C LYS A 115 -5.93 11.99 -20.69
N THR A 116 -5.27 13.07 -21.11
CA THR A 116 -5.74 14.41 -20.76
C THR A 116 -6.15 15.22 -21.98
N PHE A 117 -6.13 14.61 -23.17
CA PHE A 117 -6.35 15.30 -24.43
C PHE A 117 -7.67 16.08 -24.41
N ASN A 118 -7.60 17.40 -24.60
CA ASN A 118 -8.85 18.14 -24.51
C ASN A 118 -9.69 18.03 -25.79
N GLY A 119 -9.19 17.38 -26.84
CA GLY A 119 -10.00 17.05 -27.98
C GLY A 119 -9.72 17.88 -29.22
N THR A 120 -8.93 18.94 -29.11
CA THR A 120 -8.43 19.67 -30.26
C THR A 120 -6.91 19.78 -30.17
N GLY A 121 -6.27 19.87 -31.34
CA GLY A 121 -4.86 20.13 -31.39
C GLY A 121 -4.04 18.86 -31.52
N PRO A 122 -2.73 18.97 -31.33
CA PRO A 122 -1.84 17.81 -31.53
C PRO A 122 -1.80 16.89 -30.32
N CYS A 123 -1.74 15.60 -30.61
CA CYS A 123 -1.73 14.54 -29.61
C CYS A 123 -0.58 13.58 -29.93
N ARG A 124 0.12 13.18 -28.86
CA ARG A 124 1.45 12.58 -28.89
C ARG A 124 1.44 11.06 -29.08
N ASN A 125 0.96 10.32 -28.07
CA ASN A 125 0.70 8.89 -28.19
C ASN A 125 -0.52 8.70 -29.08
N VAL A 126 -0.41 7.82 -30.07
CA VAL A 126 -1.49 7.61 -31.03
C VAL A 126 -1.49 6.14 -31.42
N SER A 127 -2.68 5.55 -31.59
CA SER A 127 -2.77 4.17 -32.05
C SER A 127 -3.59 4.09 -33.32
N THR A 128 -3.51 2.93 -33.95
CA THR A 128 -4.36 2.59 -35.09
C THR A 128 -5.29 1.47 -34.66
N VAL A 129 -6.58 1.62 -35.00
CA VAL A 129 -7.60 0.67 -34.59
C VAL A 129 -8.52 0.42 -35.76
N GLN A 130 -9.14 -0.77 -35.74
CA GLN A 130 -10.25 -1.08 -36.64
C GLN A 130 -11.51 -0.31 -36.26
N CYS A 131 -11.81 -0.22 -34.95
CA CYS A 131 -13.09 0.28 -34.48
C CYS A 131 -12.95 1.09 -33.21
N THR A 132 -13.91 2.00 -33.02
CA THR A 132 -14.04 2.72 -31.76
C THR A 132 -14.40 1.76 -30.64
N HIS A 133 -14.30 2.22 -29.41
CA HIS A 133 -14.92 1.44 -28.36
C HIS A 133 -16.43 1.41 -28.55
N GLY A 134 -17.11 0.63 -27.72
CA GLY A 134 -18.55 0.53 -27.80
C GLY A 134 -19.18 1.78 -27.23
N ILE A 135 -19.96 2.49 -28.04
CA ILE A 135 -20.58 3.75 -27.64
C ILE A 135 -22.07 3.53 -27.52
N LYS A 136 -22.64 3.76 -26.32
CA LYS A 136 -24.09 3.71 -26.11
C LYS A 136 -24.72 5.02 -26.60
N PRO A 137 -25.47 4.99 -27.69
CA PRO A 137 -26.04 6.24 -28.22
C PRO A 137 -27.16 6.75 -27.34
N VAL A 138 -26.84 7.51 -26.30
CA VAL A 138 -27.80 7.90 -25.27
C VAL A 138 -28.18 9.36 -25.48
N VAL A 139 -29.40 9.58 -25.94
CA VAL A 139 -29.94 10.92 -26.14
C VAL A 139 -30.33 11.49 -24.79
N SER A 140 -29.76 12.63 -24.41
CA SER A 140 -30.22 13.38 -23.25
C SER A 140 -29.71 14.81 -23.36
N THR A 141 -30.17 15.66 -22.46
CA THR A 141 -29.68 17.02 -22.39
C THR A 141 -29.10 17.25 -21.01
N GLN A 142 -28.35 18.34 -20.87
CA GLN A 142 -27.83 18.76 -19.57
C GLN A 142 -26.84 17.79 -18.98
N LEU A 143 -27.22 16.55 -18.73
CA LEU A 143 -26.29 15.56 -18.24
C LEU A 143 -26.06 14.51 -19.31
N LEU A 144 -24.81 14.08 -19.48
CA LEU A 144 -24.51 12.96 -20.36
C LEU A 144 -24.47 11.68 -19.53
N LEU A 145 -25.15 10.63 -19.99
CA LEU A 145 -25.41 9.46 -19.18
C LEU A 145 -24.77 8.24 -19.79
N ASN A 146 -24.21 7.38 -18.95
CA ASN A 146 -23.71 6.08 -19.39
C ASN A 146 -22.55 6.22 -20.38
N GLY A 147 -21.77 7.29 -20.28
CA GLY A 147 -20.63 7.44 -21.14
C GLY A 147 -19.40 6.73 -20.58
N SER A 148 -18.25 7.06 -21.14
CA SER A 148 -16.95 6.61 -20.64
C SER A 148 -16.31 7.72 -19.84
N LEU A 149 -15.80 7.42 -18.65
CA LEU A 149 -15.20 8.46 -17.85
C LEU A 149 -13.77 8.75 -18.31
N ALA A 150 -13.37 10.03 -18.20
CA ALA A 150 -11.96 10.38 -18.34
C ALA A 150 -11.16 9.56 -17.33
N GLU A 151 -9.90 9.24 -17.66
CA GLU A 151 -9.23 8.27 -16.81
C GLU A 151 -8.25 8.92 -15.83
N GLU A 152 -7.71 10.08 -16.19
CA GLU A 152 -6.93 10.96 -15.31
C GLU A 152 -7.85 11.88 -14.54
N GLU A 153 -7.74 13.17 -14.83
CA GLU A 153 -8.60 14.23 -14.33
C GLU A 153 -9.75 14.61 -15.28
N ILE A 154 -10.79 15.20 -14.67
CA ILE A 154 -11.89 15.88 -15.35
C ILE A 154 -11.31 16.69 -16.49
N ILE A 155 -11.99 16.74 -17.64
CA ILE A 155 -11.47 17.46 -18.82
C ILE A 155 -12.54 18.39 -19.38
N ILE A 156 -12.18 19.65 -19.60
CA ILE A 156 -13.09 20.64 -20.17
C ILE A 156 -12.83 20.67 -21.67
N ARG A 157 -13.88 20.45 -22.46
CA ARG A 157 -13.77 20.48 -23.89
C ARG A 157 -14.63 21.60 -24.44
N SER A 158 -14.12 22.31 -25.43
CA SER A 158 -14.93 23.33 -26.05
C SER A 158 -14.31 23.73 -27.38
N GLU A 159 -15.16 24.03 -28.35
CA GLU A 159 -14.65 24.45 -29.65
C GLU A 159 -13.81 25.71 -29.48
N ASN A 160 -14.21 26.57 -28.53
CA ASN A 160 -13.59 27.86 -28.25
C ASN A 160 -14.11 28.41 -26.92
N LEU A 161 -13.34 28.24 -25.84
CA LEU A 161 -13.86 28.55 -24.50
C LEU A 161 -14.16 30.03 -24.33
N THR A 162 -13.57 30.89 -25.16
CA THR A 162 -13.89 32.32 -25.08
C THR A 162 -15.27 32.63 -25.64
N ASN A 163 -15.69 31.85 -26.63
CA ASN A 163 -16.95 32.11 -27.32
C ASN A 163 -18.05 31.50 -26.48
N ASN A 164 -18.72 32.31 -25.68
CA ASN A 164 -19.66 31.74 -24.73
C ASN A 164 -20.85 31.06 -25.42
N ALA A 165 -21.13 31.36 -26.69
CA ALA A 165 -22.15 30.61 -27.42
C ALA A 165 -21.80 29.15 -27.69
N LYS A 166 -20.59 28.68 -27.35
CA LYS A 166 -20.13 27.33 -27.68
C LYS A 166 -20.34 26.41 -26.49
N THR A 167 -21.06 25.31 -26.73
CA THR A 167 -21.29 24.34 -25.67
C THR A 167 -19.98 23.84 -25.09
N ILE A 168 -19.91 23.73 -23.77
CA ILE A 168 -18.77 23.17 -23.06
C ILE A 168 -19.12 21.74 -22.64
N ILE A 169 -18.23 20.80 -22.90
CA ILE A 169 -18.47 19.42 -22.46
C ILE A 169 -17.53 19.16 -21.31
N VAL A 170 -18.06 18.91 -20.14
CA VAL A 170 -17.25 18.52 -19.00
C VAL A 170 -17.22 17.00 -18.99
N HIS A 171 -16.03 16.42 -19.02
CA HIS A 171 -15.84 14.97 -18.99
C HIS A 171 -15.41 14.54 -17.59
N LEU A 172 -16.30 13.91 -16.85
CA LEU A 172 -15.99 13.56 -15.47
C LEU A 172 -15.07 12.34 -15.41
N ASN A 173 -14.31 12.23 -14.32
CA ASN A 173 -13.52 11.03 -14.08
C ASN A 173 -14.13 10.09 -13.03
N GLU A 174 -15.29 10.43 -12.46
CA GLU A 174 -16.01 9.53 -11.56
C GLU A 174 -17.52 9.64 -11.80
N SER A 175 -18.14 8.50 -12.09
CA SER A 175 -19.59 8.43 -12.23
C SER A 175 -20.27 9.11 -11.06
N VAL A 176 -21.44 9.69 -11.30
CA VAL A 176 -22.33 10.11 -10.23
C VAL A 176 -23.68 9.50 -10.54
N ASN A 177 -24.16 8.63 -9.65
CA ASN A 177 -25.43 7.96 -9.87
C ASN A 177 -26.59 8.94 -9.98
N ILE A 178 -27.50 8.68 -10.91
CA ILE A 178 -28.77 9.37 -10.92
C ILE A 178 -29.82 8.31 -11.16
N VAL A 179 -30.80 8.23 -10.25
CA VAL A 179 -31.82 7.19 -10.28
C VAL A 179 -33.16 7.86 -10.53
N CYS A 180 -33.79 7.53 -11.66
CA CYS A 180 -35.05 8.17 -12.01
C CYS A 180 -36.14 7.13 -12.05
N THR A 181 -37.29 7.49 -11.48
CA THR A 181 -38.36 6.55 -11.30
C THR A 181 -39.70 7.25 -11.40
N ARG A 182 -40.60 6.64 -12.17
CA ARG A 182 -42.04 6.86 -12.07
C ARG A 182 -42.57 5.67 -11.32
N PRO A 183 -43.03 5.83 -10.09
CA PRO A 183 -43.27 4.67 -9.24
C PRO A 183 -44.60 4.03 -9.59
N ASN A 184 -45.13 3.21 -8.69
CA ASN A 184 -46.36 2.48 -8.95
C ASN A 184 -47.39 2.77 -7.87
N ASN A 193 -51.07 10.92 -10.08
CA ASN A 193 -50.60 11.28 -11.42
C ASN A 193 -49.68 10.23 -12.05
N ILE A 194 -50.06 9.72 -13.23
CA ILE A 194 -49.25 8.68 -13.88
C ILE A 194 -48.02 9.30 -14.59
N ARG A 195 -48.15 10.56 -15.01
CA ARG A 195 -47.08 11.37 -15.60
C ARG A 195 -46.08 11.99 -14.60
N GLN A 196 -46.07 11.65 -13.32
CA GLN A 196 -45.13 12.26 -12.39
C GLN A 196 -44.10 11.27 -11.85
N ALA A 197 -42.83 11.70 -11.83
CA ALA A 197 -41.69 10.89 -11.39
C ALA A 197 -40.65 11.77 -10.73
N HIS A 198 -39.53 11.17 -10.32
CA HIS A 198 -38.49 11.92 -9.61
C HIS A 198 -37.16 11.22 -9.78
N CYS A 199 -36.09 11.98 -9.53
CA CYS A 199 -34.73 11.45 -9.61
C CYS A 199 -33.94 11.74 -8.32
N ASN A 200 -33.04 10.84 -7.98
CA ASN A 200 -32.24 10.97 -6.77
C ASN A 200 -30.77 10.94 -7.12
N ILE A 201 -30.07 11.98 -6.68
CA ILE A 201 -28.62 12.06 -6.73
C ILE A 201 -28.09 12.21 -5.31
N ASN A 202 -27.07 11.43 -4.96
CA ASN A 202 -26.48 11.54 -3.63
C ASN A 202 -25.80 12.91 -3.53
N GLU A 203 -26.43 13.85 -2.82
CA GLU A 203 -25.89 15.22 -2.76
C GLU A 203 -24.41 15.27 -2.37
N SER A 204 -23.90 14.27 -1.63
CA SER A 204 -22.48 14.28 -1.28
C SER A 204 -21.58 14.13 -2.51
N LYS A 205 -21.91 13.17 -3.38
CA LYS A 205 -21.03 13.02 -4.53
C LYS A 205 -21.27 14.11 -5.56
N TRP A 206 -22.47 14.67 -5.62
CA TRP A 206 -22.66 15.85 -6.45
C TRP A 206 -21.78 17.00 -5.97
N ASN A 207 -21.95 17.41 -4.70
CA ASN A 207 -21.02 18.19 -3.88
C ASN A 207 -19.58 18.08 -4.38
N ASN A 208 -18.98 16.91 -4.19
CA ASN A 208 -17.60 16.73 -4.61
C ASN A 208 -17.44 17.07 -6.08
N THR A 209 -18.34 16.55 -6.92
CA THR A 209 -18.13 16.63 -8.36
C THR A 209 -18.11 18.08 -8.82
N LEU A 210 -19.01 18.89 -8.29
CA LEU A 210 -18.99 20.28 -8.69
C LEU A 210 -17.81 21.02 -8.06
N GLN A 211 -17.36 20.61 -6.87
CA GLN A 211 -16.06 21.03 -6.34
C GLN A 211 -15.02 20.98 -7.45
N LYS A 212 -14.68 19.76 -7.85
CA LYS A 212 -13.63 19.48 -8.82
C LYS A 212 -13.92 20.16 -10.17
N VAL A 213 -15.19 20.16 -10.60
CA VAL A 213 -15.48 20.82 -11.88
C VAL A 213 -15.17 22.31 -11.77
N GLY A 214 -15.50 22.92 -10.63
CA GLY A 214 -15.18 24.32 -10.43
C GLY A 214 -13.68 24.58 -10.44
N GLU A 215 -12.90 23.68 -9.83
CA GLU A 215 -11.44 23.83 -9.93
C GLU A 215 -11.01 23.92 -11.38
N GLU A 216 -11.40 22.92 -12.20
CA GLU A 216 -10.97 22.88 -13.59
C GLU A 216 -11.45 24.11 -14.38
N LEU A 217 -12.71 24.46 -14.22
CA LEU A 217 -13.23 25.67 -14.85
C LEU A 217 -12.46 26.89 -14.38
N ALA A 218 -11.94 26.85 -13.14
CA ALA A 218 -11.23 28.00 -12.60
C ALA A 218 -9.88 28.15 -13.28
N LYS A 219 -9.14 27.04 -13.45
CA LYS A 219 -7.93 27.19 -14.25
C LYS A 219 -8.23 27.80 -15.60
N HIS A 220 -9.38 27.52 -16.19
CA HIS A 220 -9.55 28.23 -17.47
C HIS A 220 -10.06 29.66 -17.30
N PHE A 221 -10.38 30.10 -16.09
CA PHE A 221 -11.14 31.33 -15.85
C PHE A 221 -10.65 31.91 -14.53
N PRO A 222 -9.47 32.56 -14.54
CA PRO A 222 -8.68 32.60 -13.31
C PRO A 222 -9.13 33.61 -12.27
N SER A 223 -9.50 34.83 -12.69
CA SER A 223 -9.77 35.85 -11.68
C SER A 223 -11.12 35.66 -10.99
N LYS A 224 -11.92 34.71 -11.43
CA LYS A 224 -13.36 34.83 -11.24
C LYS A 224 -13.92 33.72 -10.38
N THR A 225 -15.04 34.06 -9.76
CA THR A 225 -15.81 33.10 -8.97
C THR A 225 -16.80 32.39 -9.89
N ILE A 226 -16.95 31.08 -9.70
CA ILE A 226 -17.55 30.20 -10.69
C ILE A 226 -18.92 29.78 -10.16
N LYS A 227 -19.99 30.26 -10.77
CA LYS A 227 -21.33 30.00 -10.27
C LYS A 227 -22.02 29.00 -11.19
N PHE A 228 -22.64 27.97 -10.61
CA PHE A 228 -23.54 27.07 -11.31
C PHE A 228 -24.98 27.48 -11.01
N GLU A 229 -25.77 27.64 -12.06
CA GLU A 229 -27.11 28.17 -11.98
C GLU A 229 -27.96 27.40 -12.97
N PRO A 230 -29.24 27.19 -12.68
CA PRO A 230 -30.06 26.33 -13.53
C PRO A 230 -30.38 27.06 -14.81
N SER A 231 -30.71 26.29 -15.84
CA SER A 231 -30.75 26.86 -17.19
C SER A 231 -31.85 27.90 -17.30
N SER A 232 -31.52 29.03 -17.92
CA SER A 232 -32.46 30.15 -18.02
C SER A 232 -33.73 29.80 -18.79
N GLY A 233 -33.66 29.75 -20.13
CA GLY A 233 -34.87 29.63 -20.92
C GLY A 233 -34.71 28.70 -22.11
N GLY A 234 -35.86 28.36 -22.69
CA GLY A 234 -35.83 27.51 -23.87
C GLY A 234 -36.95 26.50 -23.84
N ASP A 235 -36.92 25.58 -24.79
CA ASP A 235 -37.87 24.48 -24.76
C ASP A 235 -37.64 23.63 -23.52
N LEU A 236 -38.69 22.99 -23.05
CA LEU A 236 -38.53 22.15 -21.88
C LEU A 236 -37.39 21.16 -22.06
N GLU A 237 -37.16 20.71 -23.28
CA GLU A 237 -36.18 19.65 -23.45
C GLU A 237 -34.76 20.09 -23.09
N ILE A 238 -34.47 21.40 -23.11
CA ILE A 238 -33.14 21.91 -22.76
C ILE A 238 -33.11 22.64 -21.43
N THR A 239 -34.25 23.13 -20.93
CA THR A 239 -34.27 23.77 -19.62
C THR A 239 -34.45 22.77 -18.51
N THR A 240 -34.65 21.49 -18.85
CA THR A 240 -34.66 20.42 -17.87
C THR A 240 -33.77 19.32 -18.40
N HIS A 241 -33.34 18.44 -17.53
CA HIS A 241 -32.55 17.29 -17.93
C HIS A 241 -33.51 16.29 -18.53
N SER A 242 -33.59 16.22 -19.85
CA SER A 242 -34.55 15.33 -20.48
C SER A 242 -33.84 14.13 -21.08
N PHE A 243 -34.55 13.02 -21.17
CA PHE A 243 -33.92 11.80 -21.66
C PHE A 243 -35.01 10.74 -21.80
N ASN A 244 -34.67 9.61 -22.40
CA ASN A 244 -35.67 8.57 -22.63
C ASN A 244 -35.35 7.36 -21.78
N CYS A 245 -36.30 6.96 -20.96
CA CYS A 245 -36.14 5.83 -20.07
C CYS A 245 -37.19 4.79 -20.44
N ARG A 246 -36.75 3.67 -21.01
CA ARG A 246 -37.61 2.52 -21.25
C ARG A 246 -38.77 2.94 -22.15
N GLY A 247 -38.46 3.83 -23.08
CA GLY A 247 -39.40 4.29 -24.05
C GLY A 247 -40.06 5.60 -23.72
N GLU A 248 -40.03 6.03 -22.46
CA GLU A 248 -40.79 7.21 -22.04
C GLU A 248 -39.89 8.42 -21.89
N PHE A 249 -40.37 9.58 -22.32
CA PHE A 249 -39.55 10.79 -22.32
C PHE A 249 -39.72 11.46 -20.98
N PHE A 250 -38.70 11.37 -20.14
CA PHE A 250 -38.66 12.08 -18.87
C PHE A 250 -38.09 13.46 -19.05
N TYR A 251 -38.61 14.42 -18.29
CA TYR A 251 -38.08 15.78 -18.23
C TYR A 251 -37.91 16.10 -16.76
N CYS A 252 -36.68 16.29 -16.29
CA CYS A 252 -36.40 16.42 -14.87
C CYS A 252 -35.85 17.81 -14.54
N ASN A 253 -36.41 18.44 -13.51
CA ASN A 253 -35.98 19.77 -13.11
C ASN A 253 -34.58 19.69 -12.52
N THR A 254 -33.70 20.60 -12.91
CA THR A 254 -32.34 20.55 -12.38
C THR A 254 -31.97 21.78 -11.55
N SER A 255 -32.94 22.58 -11.11
CA SER A 255 -32.55 23.80 -10.42
C SER A 255 -32.06 23.53 -9.01
N ASP A 256 -32.30 22.36 -8.44
CA ASP A 256 -31.58 22.01 -7.22
C ASP A 256 -30.25 21.31 -7.51
N LEU A 257 -29.88 21.18 -8.78
CA LEU A 257 -28.63 20.52 -9.15
C LEU A 257 -27.58 21.51 -9.64
N PHE A 258 -27.94 22.34 -10.62
CA PHE A 258 -27.03 23.37 -11.12
C PHE A 258 -27.33 24.64 -10.35
N ASN A 259 -26.77 24.69 -9.15
CA ASN A 259 -27.13 25.68 -8.14
C ASN A 259 -26.09 25.64 -7.03
N GLY A 260 -25.09 26.50 -7.13
CA GLY A 260 -23.94 26.38 -6.27
C GLY A 260 -22.91 27.43 -6.65
N THR A 261 -22.02 27.76 -5.72
CA THR A 261 -20.95 28.72 -5.97
C THR A 261 -19.62 28.13 -5.54
N TYR A 262 -18.59 28.33 -6.39
CA TYR A 262 -17.22 27.92 -6.09
C TYR A 262 -16.37 29.18 -6.13
N ARG A 263 -15.92 29.62 -4.95
CA ARG A 263 -15.28 30.93 -4.82
C ARG A 263 -13.85 30.85 -4.35
N ASN A 264 -13.61 30.40 -3.13
CA ASN A 264 -12.28 30.57 -2.59
C ASN A 264 -11.60 29.21 -2.60
N GLY A 265 -11.44 28.62 -3.78
CA GLY A 265 -11.01 27.25 -3.83
C GLY A 265 -11.95 26.28 -3.12
N THR A 266 -13.16 26.72 -2.76
CA THR A 266 -14.17 25.87 -2.13
C THR A 266 -15.52 26.01 -2.85
N TYR A 267 -16.20 24.87 -3.03
CA TYR A 267 -17.56 24.82 -3.58
C TYR A 267 -18.60 24.73 -2.46
N ASN A 268 -19.62 25.59 -2.55
CA ASN A 268 -20.76 25.66 -1.64
C ASN A 268 -21.98 25.32 -2.47
N HIS A 269 -22.67 24.22 -2.15
CA HIS A 269 -23.90 23.89 -2.86
C HIS A 269 -25.09 24.70 -2.34
N THR A 270 -25.97 25.09 -3.25
CA THR A 270 -26.99 26.08 -2.96
C THR A 270 -28.40 25.63 -3.33
N GLY A 271 -28.56 24.67 -4.22
CA GLY A 271 -29.83 24.04 -4.36
C GLY A 271 -30.19 23.25 -3.12
N ARG A 272 -31.49 23.00 -2.98
CA ARG A 272 -32.02 22.46 -1.74
C ARG A 272 -31.90 20.95 -1.74
N SER A 273 -31.22 20.40 -0.75
CA SER A 273 -31.08 18.96 -0.59
C SER A 273 -32.04 18.47 0.49
N SER A 274 -31.87 17.22 0.92
CA SER A 274 -32.76 16.71 1.97
C SER A 274 -32.48 15.28 2.40
N ASN A 275 -32.11 15.06 3.67
CA ASN A 275 -31.67 13.75 4.15
C ASN A 275 -30.51 13.24 3.30
N GLY A 276 -29.73 14.19 2.75
CA GLY A 276 -28.47 13.89 2.11
C GLY A 276 -28.54 13.59 0.62
N THR A 277 -29.69 13.82 -0.03
CA THR A 277 -29.84 13.53 -1.45
C THR A 277 -30.67 14.63 -2.09
N ILE A 278 -30.32 14.96 -3.37
CA ILE A 278 -31.04 15.91 -4.19
C ILE A 278 -32.10 15.11 -4.94
N THR A 279 -33.31 15.67 -5.03
CA THR A 279 -34.43 14.99 -5.67
C THR A 279 -35.06 15.90 -6.69
N LEU A 280 -35.02 15.47 -7.95
CA LEU A 280 -35.51 16.24 -9.06
C LEU A 280 -36.93 15.81 -9.36
N GLN A 281 -37.79 16.79 -9.54
CA GLN A 281 -39.15 16.52 -9.95
C GLN A 281 -39.17 16.32 -11.47
N CYS A 282 -39.63 15.17 -11.95
CA CYS A 282 -39.77 14.92 -13.37
C CYS A 282 -41.23 14.76 -13.79
N LYS A 283 -41.51 15.20 -15.01
CA LYS A 283 -42.73 14.90 -15.75
C LYS A 283 -42.38 13.91 -16.85
N ILE A 284 -43.20 12.91 -17.05
CA ILE A 284 -43.17 12.17 -18.32
C ILE A 284 -44.03 12.90 -19.33
N LYS A 285 -43.63 12.95 -20.60
CA LYS A 285 -44.35 13.81 -21.53
C LYS A 285 -44.66 13.09 -22.82
N GLN A 286 -45.85 13.34 -23.39
CA GLN A 286 -46.14 12.84 -24.72
C GLN A 286 -45.74 13.76 -25.85
N ILE A 287 -45.65 15.08 -25.67
CA ILE A 287 -45.39 15.97 -26.80
C ILE A 287 -43.94 16.46 -26.77
N ILE A 288 -43.14 15.93 -27.68
CA ILE A 288 -41.69 16.08 -27.66
C ILE A 288 -41.26 17.03 -28.76
N ASN A 289 -40.36 17.96 -28.41
CA ASN A 289 -39.62 18.69 -29.43
C ASN A 289 -38.48 17.81 -29.91
N MET A 290 -38.57 17.39 -31.16
CA MET A 290 -37.60 16.45 -31.72
C MET A 290 -36.17 17.00 -31.67
N TRP A 291 -35.20 16.13 -31.36
CA TRP A 291 -33.78 16.50 -31.52
C TRP A 291 -33.28 16.23 -32.91
N GLN A 292 -33.95 15.32 -33.63
CA GLN A 292 -33.50 14.95 -34.96
C GLN A 292 -33.61 16.10 -35.94
N GLU A 293 -34.60 16.96 -35.77
CA GLU A 293 -34.91 17.99 -36.75
C GLU A 293 -35.91 18.91 -36.07
N VAL A 294 -36.21 20.03 -36.72
CA VAL A 294 -37.15 20.97 -36.14
C VAL A 294 -38.57 20.45 -36.37
N GLY A 295 -39.23 20.06 -35.29
CA GLY A 295 -40.52 19.42 -35.43
C GLY A 295 -40.96 18.94 -34.06
N ARG A 296 -42.20 18.49 -34.01
CA ARG A 296 -42.79 17.96 -32.79
C ARG A 296 -43.27 16.54 -33.02
N ALA A 297 -43.25 15.73 -31.96
CA ALA A 297 -43.56 14.31 -32.06
C ALA A 297 -44.45 13.94 -30.89
N ILE A 298 -45.63 13.40 -31.16
CA ILE A 298 -46.54 12.97 -30.10
C ILE A 298 -46.52 11.46 -29.94
N TYR A 299 -46.44 11.02 -28.68
CA TYR A 299 -46.34 9.64 -28.28
C TYR A 299 -47.54 9.24 -27.42
N ALA A 300 -47.71 7.93 -27.25
CA ALA A 300 -48.80 7.43 -26.44
C ALA A 300 -48.49 7.64 -24.97
N PRO A 301 -49.50 7.67 -24.11
CA PRO A 301 -49.23 7.90 -22.69
C PRO A 301 -48.48 6.73 -22.09
N PRO A 302 -47.95 6.88 -20.88
CA PRO A 302 -46.88 5.97 -20.45
C PRO A 302 -47.40 4.57 -20.17
N ILE A 303 -46.51 3.59 -20.34
CA ILE A 303 -46.74 2.22 -19.85
C ILE A 303 -47.11 2.25 -18.37
N GLU A 304 -47.34 1.08 -17.79
CA GLU A 304 -47.77 0.95 -16.41
C GLU A 304 -46.69 0.33 -15.53
N GLY A 305 -46.76 0.63 -14.23
CA GLY A 305 -45.80 0.11 -13.28
C GLY A 305 -44.58 0.99 -13.14
N GLU A 306 -43.68 0.56 -12.24
CA GLU A 306 -42.42 1.26 -12.03
C GLU A 306 -41.64 1.36 -13.33
N ILE A 307 -41.46 2.59 -13.80
CA ILE A 307 -40.47 2.88 -14.85
C ILE A 307 -39.25 3.40 -14.13
N THR A 308 -38.14 2.67 -14.22
CA THR A 308 -36.96 3.13 -13.51
C THR A 308 -35.71 2.99 -14.35
N CYS A 309 -34.90 4.05 -14.36
CA CYS A 309 -33.58 4.06 -14.98
C CYS A 309 -32.55 4.40 -13.93
N ASN A 310 -31.51 3.57 -13.86
CA ASN A 310 -30.42 3.73 -12.91
C ASN A 310 -29.18 4.05 -13.74
N SER A 311 -28.81 5.33 -13.85
CA SER A 311 -27.82 5.71 -14.85
C SER A 311 -26.63 6.36 -14.17
N ASN A 312 -25.48 6.34 -14.87
CA ASN A 312 -24.26 7.02 -14.42
C ASN A 312 -24.17 8.38 -15.12
N ILE A 313 -24.30 9.48 -14.37
CA ILE A 313 -23.91 10.78 -14.93
C ILE A 313 -22.40 10.73 -15.14
N THR A 314 -21.94 10.80 -16.40
CA THR A 314 -20.51 10.76 -16.70
C THR A 314 -19.99 12.00 -17.43
N GLY A 315 -20.79 13.04 -17.60
CA GLY A 315 -20.31 14.29 -18.16
C GLY A 315 -21.42 15.29 -18.07
N LEU A 316 -21.07 16.56 -18.25
CA LEU A 316 -22.08 17.60 -18.27
C LEU A 316 -21.98 18.39 -19.56
N LEU A 317 -23.08 19.00 -19.96
CA LEU A 317 -23.09 19.96 -21.05
C LEU A 317 -23.42 21.32 -20.46
N LEU A 318 -22.48 22.25 -20.52
CA LEU A 318 -22.65 23.56 -19.91
C LEU A 318 -22.63 24.67 -20.95
N LEU A 319 -23.13 25.83 -20.55
CA LEU A 319 -22.98 27.04 -21.35
C LEU A 319 -22.72 28.19 -20.40
N ARG A 320 -21.81 29.06 -20.81
CA ARG A 320 -21.35 30.19 -20.01
C ARG A 320 -22.11 31.46 -20.41
N ASP A 321 -22.45 32.30 -19.45
CA ASP A 321 -23.09 33.56 -19.86
C ASP A 321 -22.12 34.51 -20.53
N ASP A 330 -14.66 39.39 -10.59
CA ASP A 330 -15.94 39.26 -11.27
C ASP A 330 -16.33 37.77 -11.35
N THR A 331 -17.49 37.49 -11.94
CA THR A 331 -18.05 36.15 -11.94
C THR A 331 -18.23 35.58 -13.35
N GLU A 332 -18.05 34.27 -13.45
CA GLU A 332 -18.48 33.48 -14.60
C GLU A 332 -19.57 32.53 -14.13
N THR A 333 -20.69 32.51 -14.85
CA THR A 333 -21.82 31.65 -14.54
C THR A 333 -22.02 30.58 -15.61
N PHE A 334 -22.23 29.34 -15.15
CA PHE A 334 -22.44 28.19 -16.02
C PHE A 334 -23.81 27.59 -15.77
N ARG A 335 -24.58 27.44 -16.83
CA ARG A 335 -25.88 26.83 -16.73
C ARG A 335 -25.92 25.58 -17.58
N PRO A 336 -26.78 24.62 -17.26
CA PRO A 336 -26.80 23.40 -18.07
C PRO A 336 -27.28 23.74 -19.46
N GLY A 337 -26.80 22.97 -20.44
CA GLY A 337 -27.22 23.17 -21.81
C GLY A 337 -27.55 21.88 -22.53
N GLY A 338 -27.52 21.88 -23.86
CA GLY A 338 -27.83 20.70 -24.62
C GLY A 338 -28.80 21.01 -25.73
N GLY A 339 -29.17 19.98 -26.47
CA GLY A 339 -30.16 20.08 -27.53
C GLY A 339 -29.65 19.64 -28.88
N ASP A 340 -28.31 19.71 -29.08
CA ASP A 340 -27.69 19.34 -30.34
C ASP A 340 -27.09 17.97 -30.09
N MET A 341 -27.77 16.92 -30.54
CA MET A 341 -27.33 15.63 -30.05
C MET A 341 -25.96 15.26 -30.53
N ARG A 342 -25.41 15.96 -31.50
CA ARG A 342 -24.07 15.61 -31.94
C ARG A 342 -23.08 15.81 -30.82
N ASP A 343 -23.27 16.83 -29.99
CA ASP A 343 -22.38 17.00 -28.85
C ASP A 343 -22.32 15.73 -28.00
N ASN A 344 -23.45 15.05 -27.83
CA ASN A 344 -23.37 13.78 -27.11
C ASN A 344 -22.39 12.84 -27.80
N TRP A 345 -22.61 12.57 -29.09
CA TRP A 345 -21.67 11.74 -29.84
C TRP A 345 -20.24 12.30 -29.76
N ARG A 346 -20.07 13.63 -29.85
CA ARG A 346 -18.71 14.17 -29.77
C ARG A 346 -18.04 13.71 -28.50
N SER A 347 -18.74 13.83 -27.37
CA SER A 347 -18.16 13.49 -26.09
C SER A 347 -17.50 12.12 -26.11
N GLU A 348 -17.99 11.19 -26.94
CA GLU A 348 -17.39 9.86 -27.00
C GLU A 348 -16.45 9.66 -28.17
N LEU A 349 -16.68 10.35 -29.30
CA LEU A 349 -15.87 10.17 -30.50
C LEU A 349 -14.70 11.12 -30.54
N TYR A 350 -14.52 11.92 -29.49
CA TYR A 350 -13.54 13.00 -29.56
C TYR A 350 -12.15 12.47 -29.81
N LYS A 351 -11.87 11.22 -29.46
CA LYS A 351 -10.47 10.82 -29.47
C LYS A 351 -10.15 9.98 -30.66
N TYR A 352 -10.97 10.05 -31.71
CA TYR A 352 -10.84 9.24 -32.90
C TYR A 352 -10.92 10.11 -34.13
N LYS A 353 -10.11 9.80 -35.13
CA LYS A 353 -10.35 10.29 -36.49
C LYS A 353 -10.08 9.18 -37.49
N VAL A 354 -10.67 9.28 -38.66
CA VAL A 354 -10.51 8.30 -39.72
C VAL A 354 -9.45 8.79 -40.68
N VAL A 355 -8.56 7.92 -41.14
CA VAL A 355 -7.46 8.40 -41.95
C VAL A 355 -7.28 7.41 -43.10
N GLU A 356 -6.68 7.95 -44.18
CA GLU A 356 -6.07 7.24 -45.33
C GLU A 356 -7.07 6.81 -46.41
N LYS B 6 37.02 -30.41 -20.32
CA LYS B 6 37.94 -31.33 -20.99
C LYS B 6 37.20 -32.47 -21.76
N THR B 7 36.35 -33.28 -21.08
CA THR B 7 35.75 -34.47 -21.70
C THR B 7 34.38 -34.79 -21.08
N THR B 8 33.72 -35.85 -21.58
CA THR B 8 32.50 -36.40 -20.98
C THR B 8 32.84 -37.51 -19.99
N LEU B 9 32.47 -37.29 -18.73
CA LEU B 9 32.56 -38.19 -17.61
C LEU B 9 31.40 -39.17 -17.60
N PHE B 10 31.52 -40.22 -16.80
CA PHE B 10 30.39 -41.14 -16.64
C PHE B 10 30.26 -41.46 -15.15
N CYS B 11 29.08 -41.92 -14.74
CA CYS B 11 28.86 -42.14 -13.31
C CYS B 11 28.81 -43.63 -12.97
N ALA B 12 29.34 -43.95 -11.81
CA ALA B 12 29.28 -45.30 -11.26
C ALA B 12 28.59 -45.20 -9.93
N SER B 13 27.50 -45.91 -9.79
CA SER B 13 26.74 -45.88 -8.56
C SER B 13 26.70 -47.28 -8.02
N ASP B 14 25.98 -47.43 -6.92
CA ASP B 14 25.98 -48.69 -6.24
C ASP B 14 24.54 -49.13 -6.05
N ALA B 15 23.66 -48.65 -6.93
CA ALA B 15 22.22 -48.88 -6.79
C ALA B 15 21.85 -50.22 -7.38
N LYS B 16 20.66 -50.71 -7.04
CA LYS B 16 20.22 -51.95 -7.63
C LYS B 16 18.83 -51.78 -8.20
N ALA B 17 18.52 -52.66 -9.14
CA ALA B 17 17.34 -52.48 -9.97
C ALA B 17 16.04 -52.79 -9.24
N TYR B 18 16.09 -53.35 -8.02
CA TYR B 18 14.85 -53.62 -7.29
C TYR B 18 14.41 -52.51 -6.37
N GLU B 19 15.30 -51.59 -6.02
CA GLU B 19 14.82 -50.40 -5.34
C GLU B 19 13.86 -49.66 -6.27
N LYS B 20 12.70 -49.28 -5.72
CA LYS B 20 11.84 -48.29 -6.33
C LYS B 20 12.23 -46.89 -5.90
N GLU B 21 13.27 -46.77 -5.09
CA GLU B 21 13.74 -45.44 -4.72
C GLU B 21 14.27 -44.78 -5.99
N VAL B 22 14.01 -43.49 -6.16
CA VAL B 22 14.17 -42.95 -7.51
C VAL B 22 15.64 -42.69 -7.86
N HIS B 23 16.47 -42.29 -6.89
CA HIS B 23 17.90 -42.23 -7.19
C HIS B 23 18.39 -43.59 -7.66
N ASN B 24 17.88 -44.69 -7.08
CA ASN B 24 18.30 -46.01 -7.52
C ASN B 24 17.87 -46.28 -8.95
N VAL B 25 16.62 -45.96 -9.29
CA VAL B 25 16.15 -46.20 -10.65
C VAL B 25 16.99 -45.43 -11.65
N TRP B 26 17.11 -44.12 -11.45
CA TRP B 26 17.91 -43.31 -12.37
C TRP B 26 19.30 -43.90 -12.49
N ALA B 27 19.98 -44.10 -11.36
CA ALA B 27 21.36 -44.58 -11.43
C ALA B 27 21.46 -45.91 -12.17
N THR B 28 20.49 -46.83 -11.99
CA THR B 28 20.58 -48.11 -12.69
C THR B 28 20.43 -47.91 -14.19
N HIS B 29 19.76 -46.84 -14.63
CA HIS B 29 19.75 -46.58 -16.07
C HIS B 29 20.94 -45.76 -16.56
N ALA B 30 21.44 -44.83 -15.75
CA ALA B 30 22.39 -43.84 -16.23
C ALA B 30 23.82 -44.10 -15.80
N CYS B 31 24.03 -44.91 -14.76
CA CYS B 31 25.36 -45.18 -14.24
C CYS B 31 25.71 -46.65 -14.41
N VAL B 32 27.02 -46.92 -14.37
CA VAL B 32 27.59 -48.26 -14.46
C VAL B 32 28.02 -48.68 -13.06
N PRO B 33 28.04 -49.96 -12.74
CA PRO B 33 28.39 -50.37 -11.38
C PRO B 33 29.81 -49.95 -11.01
N THR B 34 30.02 -49.76 -9.72
CA THR B 34 31.30 -49.29 -9.22
C THR B 34 32.32 -50.40 -9.14
N ASP B 35 33.59 -50.06 -9.39
CA ASP B 35 34.68 -51.00 -9.28
C ASP B 35 34.92 -51.43 -7.85
N PRO B 36 34.77 -52.74 -7.56
CA PRO B 36 34.86 -53.20 -6.15
C PRO B 36 36.07 -52.66 -5.42
N ASN B 37 37.26 -52.78 -6.00
CA ASN B 37 38.46 -52.14 -5.47
C ASN B 37 39.09 -51.26 -6.54
N PRO B 38 38.87 -49.96 -6.49
CA PRO B 38 39.52 -49.05 -7.43
C PRO B 38 40.94 -48.87 -6.97
N GLN B 39 41.74 -48.25 -7.82
CA GLN B 39 43.11 -48.12 -7.40
C GLN B 39 43.61 -46.70 -7.65
N GLU B 40 44.11 -46.09 -6.59
CA GLU B 40 44.70 -44.77 -6.61
C GLU B 40 46.12 -44.86 -7.20
N MET B 41 46.96 -43.84 -6.97
CA MET B 41 48.24 -43.57 -7.66
C MET B 41 48.81 -42.23 -7.21
N VAL B 42 49.40 -42.18 -6.03
CA VAL B 42 50.01 -40.94 -5.52
C VAL B 42 51.04 -40.35 -6.50
N LEU B 43 51.52 -39.15 -6.21
CA LEU B 43 52.51 -38.40 -6.98
C LEU B 43 52.90 -37.19 -6.11
N ALA B 44 53.35 -37.46 -4.87
CA ALA B 44 53.50 -36.47 -3.79
C ALA B 44 54.56 -35.38 -4.05
N ASN B 45 55.27 -35.39 -5.19
CA ASN B 45 56.11 -34.25 -5.58
C ASN B 45 55.47 -33.32 -6.62
N VAL B 46 54.39 -33.75 -7.28
CA VAL B 46 53.98 -33.17 -8.58
C VAL B 46 53.53 -31.72 -8.45
N THR B 47 52.65 -31.43 -7.49
CA THR B 47 52.08 -30.07 -7.42
C THR B 47 51.41 -29.62 -8.71
N GLU B 48 50.07 -29.68 -8.75
CA GLU B 48 49.28 -29.10 -9.85
C GLU B 48 48.26 -28.12 -9.27
N ASN B 49 47.75 -27.22 -10.13
CA ASN B 49 46.78 -26.22 -9.69
C ASN B 49 45.36 -26.72 -9.90
N PHE B 50 44.47 -26.48 -8.94
CA PHE B 50 43.08 -26.65 -9.31
C PHE B 50 42.35 -25.33 -9.06
N ASN B 51 41.12 -25.27 -9.56
CA ASN B 51 40.26 -24.14 -9.25
C ASN B 51 38.84 -24.67 -9.18
N MET B 52 38.38 -24.97 -7.95
CA MET B 52 37.05 -25.51 -7.73
C MET B 52 35.96 -24.63 -8.33
N TRP B 53 36.21 -23.33 -8.52
CA TRP B 53 35.15 -22.42 -8.91
C TRP B 53 34.92 -22.41 -10.42
N LYS B 54 35.68 -23.18 -11.17
CA LYS B 54 35.66 -23.16 -12.63
C LYS B 54 36.07 -24.57 -13.01
N ASN B 55 35.20 -25.54 -12.71
CA ASN B 55 35.53 -26.97 -12.73
C ASN B 55 34.42 -27.64 -13.54
N ASP B 56 34.75 -28.10 -14.74
CA ASP B 56 33.72 -28.66 -15.59
C ASP B 56 33.00 -29.86 -14.97
N MET B 57 33.65 -30.56 -14.02
CA MET B 57 32.95 -31.66 -13.38
C MET B 57 31.64 -31.19 -12.72
N VAL B 58 31.66 -30.01 -12.11
CA VAL B 58 30.46 -29.41 -11.57
C VAL B 58 29.38 -29.26 -12.64
N GLU B 59 29.71 -28.71 -13.81
CA GLU B 59 28.68 -28.63 -14.86
C GLU B 59 28.08 -29.99 -15.15
N GLN B 60 28.93 -31.01 -15.35
CA GLN B 60 28.40 -32.32 -15.69
C GLN B 60 27.51 -32.90 -14.58
N MET B 61 27.95 -32.81 -13.33
CA MET B 61 27.10 -33.33 -12.25
C MET B 61 25.79 -32.58 -12.19
N HIS B 62 25.85 -31.25 -12.31
CA HIS B 62 24.64 -30.45 -12.29
C HIS B 62 23.67 -30.94 -13.36
N GLU B 63 24.16 -31.11 -14.59
CA GLU B 63 23.34 -31.68 -15.66
C GLU B 63 22.71 -32.99 -15.20
N ASP B 64 23.50 -33.87 -14.57
CA ASP B 64 22.96 -35.19 -14.22
C ASP B 64 21.90 -35.08 -13.14
N ILE B 65 22.15 -34.30 -12.09
CA ILE B 65 21.12 -34.15 -11.06
C ILE B 65 19.85 -33.53 -11.63
N ILE B 66 19.98 -32.57 -12.55
CA ILE B 66 18.77 -32.05 -13.18
C ILE B 66 18.02 -33.17 -13.87
N SER B 67 18.74 -34.01 -14.62
CA SER B 67 18.11 -35.17 -15.27
C SER B 67 17.41 -36.04 -14.25
N LEU B 68 18.12 -36.35 -13.17
CA LEU B 68 17.56 -37.20 -12.12
C LEU B 68 16.25 -36.62 -11.60
N TRP B 69 16.25 -35.34 -11.25
CA TRP B 69 15.05 -34.75 -10.66
C TRP B 69 13.92 -34.71 -11.65
N ASP B 70 14.21 -34.46 -12.94
CA ASP B 70 13.13 -34.42 -13.91
C ASP B 70 12.52 -35.78 -14.09
N GLU B 71 13.31 -36.86 -13.96
CA GLU B 71 12.69 -38.17 -14.14
C GLU B 71 12.09 -38.74 -12.85
N SER B 72 12.49 -38.22 -11.68
CA SER B 72 12.09 -38.73 -10.37
C SER B 72 11.06 -37.86 -9.64
N LEU B 73 11.35 -36.58 -9.44
CA LEU B 73 10.41 -35.67 -8.79
C LEU B 73 9.65 -34.86 -9.83
N LYS B 74 8.78 -35.53 -10.57
CA LYS B 74 7.95 -34.84 -11.55
C LYS B 74 6.93 -33.97 -10.81
N PRO B 75 6.81 -32.70 -11.15
CA PRO B 75 5.80 -31.86 -10.51
C PRO B 75 4.47 -32.01 -11.21
N CYS B 76 3.39 -31.88 -10.43
CA CYS B 76 2.06 -31.79 -11.05
C CYS B 76 2.01 -30.66 -12.06
N VAL B 77 2.56 -29.51 -11.73
CA VAL B 77 2.56 -28.41 -12.71
C VAL B 77 3.95 -27.81 -12.74
N LYS B 78 4.37 -27.37 -13.90
CA LYS B 78 5.67 -26.71 -14.02
C LYS B 78 5.42 -25.46 -14.84
N LEU B 79 5.66 -24.30 -14.25
CA LEU B 79 5.49 -23.01 -14.86
C LEU B 79 6.85 -22.48 -15.29
N THR B 80 7.05 -22.31 -16.58
CA THR B 80 8.28 -21.70 -17.09
C THR B 80 7.91 -20.74 -18.21
N GLY B 81 8.49 -19.56 -18.19
CA GLY B 81 7.95 -18.56 -19.11
C GLY B 81 6.47 -18.41 -18.82
N GLY B 82 5.68 -18.41 -19.90
CA GLY B 82 4.23 -18.40 -19.75
C GLY B 82 3.61 -19.76 -19.85
N SER B 83 4.41 -20.76 -20.26
CA SER B 83 3.98 -22.14 -20.36
C SER B 83 3.74 -22.76 -19.00
N ALA B 84 2.78 -23.68 -18.96
CA ALA B 84 2.58 -24.59 -17.86
C ALA B 84 2.50 -26.00 -18.43
N ILE B 85 3.34 -26.88 -17.92
CA ILE B 85 3.33 -28.29 -18.29
C ILE B 85 2.65 -29.05 -17.17
N THR B 86 1.80 -30.01 -17.51
CA THR B 86 1.15 -30.86 -16.51
C THR B 86 1.54 -32.33 -16.70
N GLN B 87 1.85 -33.01 -15.60
CA GLN B 87 2.25 -34.41 -15.63
C GLN B 87 1.67 -35.11 -14.42
N ALA B 88 1.73 -36.43 -14.45
CA ALA B 88 1.45 -37.21 -13.25
C ALA B 88 2.56 -36.94 -12.24
N CYS B 89 2.17 -36.70 -10.97
CA CYS B 89 3.11 -36.39 -9.89
C CYS B 89 2.90 -37.39 -8.75
N PRO B 90 3.15 -38.67 -9.00
CA PRO B 90 3.04 -39.66 -7.92
C PRO B 90 4.01 -39.32 -6.81
N LYS B 91 3.58 -39.60 -5.58
CA LYS B 91 4.49 -39.65 -4.45
C LYS B 91 5.45 -40.82 -4.62
N VAL B 92 6.71 -40.61 -4.27
CA VAL B 92 7.74 -41.57 -4.64
C VAL B 92 8.69 -41.80 -3.48
N SER B 93 9.48 -42.84 -3.60
CA SER B 93 10.44 -43.19 -2.58
C SER B 93 11.76 -42.49 -2.91
N PHE B 94 12.18 -41.58 -2.02
CA PHE B 94 13.19 -40.59 -2.35
C PHE B 94 14.23 -40.50 -1.24
N ASP B 95 15.42 -41.07 -1.48
CA ASP B 95 16.54 -40.99 -0.53
C ASP B 95 17.88 -41.01 -1.27
N PRO B 96 18.60 -39.90 -1.34
CA PRO B 96 19.75 -39.83 -2.25
C PRO B 96 20.79 -40.89 -1.94
N ILE B 97 21.36 -41.46 -3.00
CA ILE B 97 22.43 -42.44 -2.91
C ILE B 97 23.71 -41.79 -3.42
N PRO B 98 24.90 -42.30 -3.09
CA PRO B 98 26.13 -41.68 -3.59
C PRO B 98 26.37 -42.01 -5.04
N LEU B 99 26.92 -41.03 -5.77
CA LEU B 99 27.27 -41.14 -7.19
C LEU B 99 28.74 -40.87 -7.35
N HIS B 100 29.40 -41.69 -8.16
CA HIS B 100 30.82 -41.53 -8.43
C HIS B 100 30.97 -40.98 -9.83
N TYR B 101 31.83 -40.00 -10.01
CA TYR B 101 32.13 -39.51 -11.35
C TYR B 101 33.47 -40.07 -11.76
N CYS B 102 33.52 -40.57 -13.00
CA CYS B 102 34.58 -41.40 -13.50
C CYS B 102 35.06 -40.85 -14.83
N ALA B 103 36.41 -40.87 -15.02
CA ALA B 103 37.00 -40.44 -16.27
C ALA B 103 37.03 -41.61 -17.25
N PRO B 104 36.63 -41.40 -18.49
CA PRO B 104 36.56 -42.50 -19.44
C PRO B 104 37.97 -42.76 -20.00
N ALA B 105 38.07 -43.77 -20.87
CA ALA B 105 39.36 -44.19 -21.43
C ALA B 105 40.19 -43.00 -21.94
N GLY B 106 41.44 -42.90 -21.44
CA GLY B 106 42.38 -41.89 -21.90
C GLY B 106 42.49 -40.65 -21.04
N PHE B 107 41.66 -40.57 -20.03
CA PHE B 107 41.48 -39.48 -19.09
C PHE B 107 41.67 -39.99 -17.68
N ALA B 108 42.15 -39.12 -16.80
CA ALA B 108 42.21 -39.51 -15.39
C ALA B 108 41.70 -38.36 -14.55
N ILE B 109 41.38 -38.64 -13.30
CA ILE B 109 40.94 -37.61 -12.38
C ILE B 109 42.07 -37.40 -11.41
N LEU B 110 42.66 -36.22 -11.42
CA LEU B 110 43.58 -35.84 -10.36
C LEU B 110 42.80 -35.47 -9.13
N LYS B 111 43.32 -35.90 -7.99
CA LYS B 111 42.71 -35.70 -6.68
C LYS B 111 43.74 -35.05 -5.78
N CYS B 112 43.43 -33.88 -5.27
CA CYS B 112 44.36 -33.21 -4.38
C CYS B 112 44.26 -33.82 -2.99
N ASN B 113 45.41 -34.10 -2.37
CA ASN B 113 45.48 -34.80 -1.09
C ASN B 113 45.83 -33.89 0.09
N ASN B 114 46.09 -32.60 -0.15
CA ASN B 114 46.37 -31.64 0.93
C ASN B 114 45.10 -31.42 1.75
N LYS B 115 45.02 -32.04 2.94
CA LYS B 115 43.79 -31.95 3.72
C LYS B 115 43.42 -30.54 4.20
N THR B 116 44.18 -29.51 3.82
CA THR B 116 43.76 -28.14 4.13
C THR B 116 43.48 -27.32 2.88
N PHE B 117 43.55 -27.95 1.69
CA PHE B 117 43.46 -27.25 0.41
C PHE B 117 42.19 -26.41 0.34
N ASN B 118 42.33 -25.10 0.15
CA ASN B 118 41.13 -24.28 0.14
C ASN B 118 40.38 -24.36 -1.19
N GLY B 119 40.92 -25.05 -2.19
CA GLY B 119 40.16 -25.35 -3.40
C GLY B 119 40.57 -24.55 -4.62
N THR B 120 41.41 -23.54 -4.46
CA THR B 120 42.03 -22.85 -5.58
C THR B 120 43.54 -22.83 -5.38
N GLY B 121 44.27 -22.79 -6.51
CA GLY B 121 45.70 -22.61 -6.46
C GLY B 121 46.45 -23.92 -6.53
N PRO B 122 47.75 -23.89 -6.24
CA PRO B 122 48.58 -25.10 -6.36
C PRO B 122 48.49 -26.01 -5.15
N CYS B 123 48.48 -27.31 -5.43
CA CYS B 123 48.37 -28.35 -4.43
C CYS B 123 49.47 -29.37 -4.65
N ARG B 124 50.07 -29.80 -3.54
CA ARG B 124 51.37 -30.48 -3.47
C ARG B 124 51.28 -31.99 -3.65
N ASN B 125 50.70 -32.69 -2.67
CA ASN B 125 50.36 -34.11 -2.79
C ASN B 125 49.20 -34.24 -3.77
N VAL B 126 49.32 -35.14 -4.74
CA VAL B 126 48.30 -35.29 -5.77
C VAL B 126 48.24 -36.76 -6.15
N SER B 127 47.04 -37.28 -6.39
CA SER B 127 46.90 -38.67 -6.85
C SER B 127 46.16 -38.72 -8.17
N THR B 128 46.21 -39.89 -8.79
CA THR B 128 45.43 -40.19 -9.98
C THR B 128 44.41 -41.25 -9.61
N VAL B 129 43.17 -41.04 -10.03
CA VAL B 129 42.07 -41.91 -9.69
C VAL B 129 41.21 -42.13 -10.92
N GLN B 130 40.52 -43.28 -10.94
CA GLN B 130 39.47 -43.54 -11.90
C GLN B 130 38.23 -42.69 -11.61
N CYS B 131 37.85 -42.58 -10.34
CA CYS B 131 36.56 -41.99 -9.96
C CYS B 131 36.66 -41.18 -8.69
N THR B 132 35.75 -40.22 -8.57
CA THR B 132 35.57 -39.47 -7.33
C THR B 132 35.08 -40.40 -6.23
N HIS B 133 35.12 -39.92 -5.00
CA HIS B 133 34.38 -40.66 -3.99
C HIS B 133 32.89 -40.60 -4.28
N GLY B 134 32.12 -41.34 -3.49
CA GLY B 134 30.68 -41.36 -3.68
C GLY B 134 30.09 -40.07 -3.16
N ILE B 135 29.40 -39.32 -4.03
CA ILE B 135 28.84 -38.03 -3.67
C ILE B 135 27.32 -38.16 -3.67
N LYS B 136 26.69 -37.87 -2.51
CA LYS B 136 25.24 -37.83 -2.40
C LYS B 136 24.72 -36.51 -2.95
N PRO B 137 24.04 -36.51 -4.08
CA PRO B 137 23.58 -35.23 -4.66
C PRO B 137 22.43 -34.65 -3.86
N VAL B 138 22.73 -33.89 -2.81
CA VAL B 138 21.72 -33.45 -1.84
C VAL B 138 21.45 -31.96 -2.09
N VAL B 139 20.27 -31.67 -2.64
CA VAL B 139 19.83 -30.31 -2.89
C VAL B 139 19.38 -29.71 -1.57
N SER B 140 19.98 -28.59 -1.17
CA SER B 140 19.48 -27.81 -0.05
C SER B 140 20.08 -26.42 -0.13
N THR B 141 19.61 -25.52 0.73
CA THR B 141 20.18 -24.19 0.82
C THR B 141 20.67 -23.98 2.24
N GLN B 142 21.48 -22.94 2.42
CA GLN B 142 21.93 -22.53 3.75
C GLN B 142 22.82 -23.54 4.41
N LEU B 143 22.35 -24.75 4.64
CA LEU B 143 23.18 -25.80 5.21
C LEU B 143 23.43 -26.87 4.16
N LEU B 144 24.65 -27.38 4.09
CA LEU B 144 24.96 -28.52 3.23
C LEU B 144 24.86 -29.79 4.08
N LEU B 145 24.16 -30.80 3.57
CA LEU B 145 23.77 -31.95 4.38
C LEU B 145 24.38 -33.21 3.82
N ASN B 146 24.83 -34.09 4.71
CA ASN B 146 25.29 -35.41 4.31
C ASN B 146 26.52 -35.36 3.41
N GLY B 147 27.34 -34.33 3.56
CA GLY B 147 28.56 -34.26 2.77
C GLY B 147 29.69 -35.03 3.42
N SER B 148 30.90 -34.77 2.93
CA SER B 148 32.12 -35.29 3.53
C SER B 148 32.79 -34.20 4.36
N LEU B 149 33.18 -34.53 5.59
CA LEU B 149 33.79 -33.51 6.43
C LEU B 149 35.26 -33.31 6.05
N ALA B 150 35.72 -32.06 6.18
CA ALA B 150 37.16 -31.79 6.14
C ALA B 150 37.84 -32.64 7.20
N GLU B 151 39.10 -33.04 6.97
CA GLU B 151 39.66 -34.03 7.89
C GLU B 151 40.59 -33.43 8.91
N GLU B 152 41.23 -32.30 8.58
CA GLU B 152 42.00 -31.46 9.50
C GLU B 152 41.08 -30.48 10.20
N GLU B 153 41.28 -29.20 9.91
CA GLU B 153 40.44 -28.09 10.34
C GLU B 153 39.41 -27.65 9.32
N ILE B 154 38.36 -27.00 9.85
CA ILE B 154 37.34 -26.26 9.09
C ILE B 154 38.05 -25.49 7.99
N ILE B 155 37.45 -25.43 6.78
CA ILE B 155 38.09 -24.75 5.65
C ILE B 155 37.11 -23.76 5.01
N ILE B 156 37.57 -22.53 4.80
CA ILE B 156 36.75 -21.50 4.15
C ILE B 156 37.12 -21.51 2.69
N ARG B 157 36.12 -21.67 1.83
CA ARG B 157 36.32 -21.68 0.40
C ARG B 157 35.57 -20.50 -0.21
N SER B 158 36.18 -19.84 -1.18
CA SER B 158 35.47 -18.78 -1.86
C SER B 158 36.21 -18.43 -3.14
N GLU B 159 35.45 -18.09 -4.18
CA GLU B 159 36.08 -17.72 -5.43
C GLU B 159 36.98 -16.51 -5.21
N ASN B 160 36.56 -15.62 -4.30
CA ASN B 160 37.23 -14.36 -3.99
C ASN B 160 36.65 -13.76 -2.71
N LEU B 161 37.33 -13.97 -1.57
CA LEU B 161 36.74 -13.61 -0.28
C LEU B 161 36.52 -12.11 -0.14
N THR B 162 37.20 -11.29 -0.93
CA THR B 162 36.96 -9.85 -0.88
C THR B 162 35.66 -9.47 -1.54
N ASN B 163 35.25 -10.23 -2.56
CA ASN B 163 34.06 -9.91 -3.33
C ASN B 163 32.88 -10.45 -2.57
N ASN B 164 32.20 -9.58 -1.81
CA ASN B 164 31.16 -10.09 -0.94
C ASN B 164 29.99 -10.72 -1.70
N ALA B 165 29.81 -10.42 -2.98
CA ALA B 165 28.80 -11.11 -3.78
C ALA B 165 29.08 -12.59 -4.02
N LYS B 166 30.24 -13.13 -3.59
CA LYS B 166 30.65 -14.50 -3.87
C LYS B 166 30.31 -15.41 -2.70
N THR B 167 29.53 -16.46 -2.97
CA THR B 167 29.18 -17.40 -1.92
C THR B 167 30.43 -17.96 -1.25
N ILE B 168 30.38 -18.06 0.07
CA ILE B 168 31.43 -18.69 0.87
C ILE B 168 30.98 -20.08 1.27
N ILE B 169 31.82 -21.08 1.07
CA ILE B 169 31.48 -22.44 1.51
C ILE B 169 32.32 -22.74 2.73
N VAL B 170 31.70 -22.95 3.86
CA VAL B 170 32.41 -23.36 5.05
C VAL B 170 32.35 -24.88 5.08
N HIS B 171 33.51 -25.52 5.14
CA HIS B 171 33.60 -26.98 5.18
C HIS B 171 33.92 -27.42 6.62
N LEU B 172 32.95 -28.00 7.31
CA LEU B 172 33.14 -28.35 8.70
C LEU B 172 33.98 -29.61 8.83
N ASN B 173 34.66 -29.76 9.98
CA ASN B 173 35.36 -31.00 10.29
C ASN B 173 34.62 -31.88 11.29
N GLU B 174 33.44 -31.47 11.77
CA GLU B 174 32.61 -32.31 12.63
C GLU B 174 31.13 -32.12 12.28
N SER B 175 30.46 -33.23 11.96
CA SER B 175 29.03 -33.22 11.73
C SER B 175 28.31 -32.49 12.84
N VAL B 176 27.21 -31.85 12.51
CA VAL B 176 26.27 -31.37 13.51
C VAL B 176 24.90 -31.90 13.12
N ASN B 177 24.31 -32.73 13.98
CA ASN B 177 23.03 -33.34 13.67
C ASN B 177 21.94 -32.29 13.48
N ILE B 178 21.08 -32.52 12.50
CA ILE B 178 19.85 -31.75 12.39
C ILE B 178 18.77 -32.76 12.08
N VAL B 179 17.72 -32.76 12.92
CA VAL B 179 16.64 -33.74 12.82
C VAL B 179 15.37 -33.00 12.48
N CYS B 180 14.79 -33.31 11.32
CA CYS B 180 13.61 -32.60 10.88
C CYS B 180 12.46 -33.57 10.76
N THR B 181 11.30 -33.14 11.25
CA THR B 181 10.17 -34.02 11.37
C THR B 181 8.87 -33.24 11.16
N ARG B 182 8.00 -33.82 10.34
CA ARG B 182 6.58 -33.50 10.34
C ARG B 182 5.92 -34.66 11.06
N PRO B 183 5.38 -34.46 12.25
CA PRO B 183 5.02 -35.59 13.10
C PRO B 183 3.69 -36.16 12.66
N ASN B 184 3.04 -36.93 13.52
CA ASN B 184 1.80 -37.59 13.18
C ASN B 184 0.71 -37.24 14.18
N ASN B 193 -2.33 -28.91 11.66
CA ASN B 193 -1.74 -28.60 10.36
C ASN B 193 -0.85 -29.72 9.81
N ILE B 194 -1.18 -30.22 8.61
CA ILE B 194 -0.38 -31.30 8.02
C ILE B 194 0.92 -30.76 7.40
N ARG B 195 0.90 -29.51 6.95
CA ARG B 195 2.05 -28.77 6.43
C ARG B 195 3.00 -28.18 7.49
N GLN B 196 2.91 -28.51 8.79
CA GLN B 196 3.83 -27.93 9.77
C GLN B 196 4.76 -28.98 10.38
N ALA B 197 6.04 -28.63 10.49
CA ALA B 197 7.10 -29.50 11.00
C ALA B 197 8.15 -28.67 11.74
N HIS B 198 9.20 -29.33 12.23
CA HIS B 198 10.23 -28.63 13.01
C HIS B 198 11.52 -29.41 12.93
N CYS B 199 12.62 -28.71 13.24
CA CYS B 199 13.96 -29.32 13.27
C CYS B 199 14.65 -29.05 14.60
N ASN B 200 15.48 -30.01 15.01
CA ASN B 200 16.19 -29.91 16.27
C ASN B 200 17.69 -30.03 16.03
N ILE B 201 18.43 -29.02 16.51
CA ILE B 201 19.88 -29.02 16.55
C ILE B 201 20.30 -28.88 18.00
N ASN B 202 21.26 -29.71 18.43
CA ASN B 202 21.76 -29.63 19.80
C ASN B 202 22.51 -28.30 19.93
N GLU B 203 21.89 -27.31 20.60
CA GLU B 203 22.49 -25.98 20.68
C GLU B 203 23.95 -26.01 21.17
N SER B 204 24.35 -27.02 21.96
CA SER B 204 25.74 -27.09 22.40
C SER B 204 26.71 -27.30 21.23
N LYS B 205 26.39 -28.26 20.35
CA LYS B 205 27.33 -28.47 19.27
C LYS B 205 27.23 -27.39 18.22
N TRP B 206 26.06 -26.75 18.08
CA TRP B 206 26.01 -25.57 17.21
C TRP B 206 26.92 -24.47 17.75
N ASN B 207 26.68 -24.03 19.00
CA ASN B 207 27.60 -23.30 19.89
C ASN B 207 29.06 -23.49 19.47
N ASN B 208 29.58 -24.71 19.72
CA ASN B 208 30.97 -24.96 19.40
C ASN B 208 31.26 -24.65 17.94
N THR B 209 30.38 -25.13 17.05
CA THR B 209 30.70 -25.07 15.63
C THR B 209 30.82 -23.63 15.16
N LEU B 210 29.94 -22.77 15.61
CA LEU B 210 30.07 -21.39 15.20
C LEU B 210 31.25 -20.71 15.91
N GLN B 211 31.58 -21.13 17.14
CA GLN B 211 32.87 -20.77 17.75
C GLN B 211 33.98 -20.91 16.71
N LYS B 212 34.27 -22.15 16.35
CA LYS B 212 35.37 -22.49 15.45
C LYS B 212 35.21 -21.82 14.08
N VAL B 213 33.99 -21.74 13.56
CA VAL B 213 33.82 -21.08 12.27
C VAL B 213 34.20 -19.62 12.38
N GLY B 214 33.83 -18.98 13.49
CA GLY B 214 34.22 -17.59 13.71
C GLY B 214 35.73 -17.43 13.80
N GLU B 215 36.42 -18.35 14.47
CA GLU B 215 37.88 -18.29 14.47
C GLU B 215 38.42 -18.23 13.04
N GLU B 216 38.02 -19.22 12.21
CA GLU B 216 38.55 -19.30 10.85
C GLU B 216 38.20 -18.07 10.02
N LEU B 217 36.94 -17.64 10.11
CA LEU B 217 36.54 -16.41 9.42
C LEU B 217 37.34 -15.22 9.93
N ALA B 218 37.77 -15.28 11.20
CA ALA B 218 38.51 -14.17 11.78
C ALA B 218 39.91 -14.10 11.19
N LYS B 219 40.60 -15.25 11.08
CA LYS B 219 41.87 -15.19 10.36
C LYS B 219 41.69 -14.58 9.00
N HIS B 220 40.56 -14.79 8.33
CA HIS B 220 40.53 -14.10 7.05
C HIS B 220 40.10 -12.64 7.16
N PHE B 221 39.71 -12.16 8.35
CA PHE B 221 39.01 -10.89 8.51
C PHE B 221 39.44 -10.32 9.86
N PRO B 222 40.66 -9.74 9.93
CA PRO B 222 41.37 -9.73 11.21
C PRO B 222 40.91 -8.67 12.21
N SER B 223 40.63 -7.45 11.75
CA SER B 223 40.35 -6.40 12.73
C SER B 223 38.96 -6.51 13.34
N LYS B 224 38.13 -7.42 12.85
CA LYS B 224 36.69 -7.21 12.93
C LYS B 224 36.01 -8.28 13.77
N THR B 225 34.86 -7.88 14.31
CA THR B 225 33.99 -8.77 15.05
C THR B 225 33.04 -9.43 14.06
N ILE B 226 32.79 -10.74 14.26
CA ILE B 226 32.21 -11.59 13.23
C ILE B 226 30.79 -11.92 13.68
N LYS B 227 29.79 -11.39 12.98
CA LYS B 227 28.41 -11.57 13.39
C LYS B 227 27.73 -12.54 12.42
N PHE B 228 27.01 -13.52 12.98
CA PHE B 228 26.11 -14.38 12.22
C PHE B 228 24.68 -13.90 12.42
N GLU B 229 23.97 -13.69 11.33
CA GLU B 229 22.66 -13.09 11.30
C GLU B 229 21.83 -13.81 10.26
N PRO B 230 20.53 -13.95 10.46
CA PRO B 230 19.72 -14.78 9.56
C PRO B 230 19.54 -14.04 8.25
N SER B 231 19.23 -14.81 7.21
CA SER B 231 19.32 -14.25 5.87
C SER B 231 18.30 -13.15 5.67
N SER B 232 18.73 -12.04 5.07
CA SER B 232 17.87 -10.87 4.88
C SER B 232 16.63 -11.16 4.02
N GLY B 233 16.78 -11.23 2.70
CA GLY B 233 15.63 -11.28 1.83
C GLY B 233 15.82 -12.24 0.66
N GLY B 234 14.70 -12.52 0.00
CA GLY B 234 14.75 -13.38 -1.15
C GLY B 234 13.58 -14.34 -1.20
N ASP B 235 13.62 -15.27 -2.14
CA ASP B 235 12.61 -16.30 -2.17
C ASP B 235 12.71 -17.14 -0.91
N LEU B 236 11.59 -17.73 -0.50
CA LEU B 236 11.63 -18.55 0.68
C LEU B 236 12.71 -19.62 0.59
N GLU B 237 13.01 -20.09 -0.62
CA GLU B 237 13.92 -21.21 -0.71
C GLU B 237 15.33 -20.84 -0.25
N ILE B 238 15.70 -19.55 -0.26
CA ILE B 238 17.03 -19.12 0.18
C ILE B 238 17.02 -18.38 1.50
N THR B 239 15.88 -17.81 1.92
CA THR B 239 15.81 -17.16 3.22
C THR B 239 15.49 -18.14 4.33
N THR B 240 15.24 -19.39 3.97
CA THR B 240 15.10 -20.45 4.95
C THR B 240 15.96 -21.61 4.50
N HIS B 241 16.28 -22.51 5.41
CA HIS B 241 17.02 -23.71 5.07
C HIS B 241 16.05 -24.65 4.41
N SER B 242 16.06 -24.74 3.10
CA SER B 242 15.09 -25.57 2.40
C SER B 242 15.77 -26.82 1.87
N PHE B 243 15.02 -27.89 1.75
CA PHE B 243 15.60 -29.15 1.29
C PHE B 243 14.47 -30.15 1.09
N ASN B 244 14.77 -31.30 0.53
CA ASN B 244 13.74 -32.29 0.22
C ASN B 244 13.93 -33.51 1.11
N CYS B 245 12.91 -33.83 1.87
CA CYS B 245 12.94 -34.96 2.78
C CYS B 245 11.85 -35.95 2.33
N ARG B 246 12.27 -37.10 1.82
CA ARG B 246 11.36 -38.20 1.53
C ARG B 246 10.29 -37.72 0.55
N GLY B 247 10.72 -36.86 -0.37
CA GLY B 247 9.88 -36.36 -1.41
C GLY B 247 9.27 -35.01 -1.13
N GLU B 248 9.24 -34.57 0.12
CA GLU B 248 8.52 -33.35 0.48
C GLU B 248 9.48 -32.19 0.69
N PHE B 249 9.10 -31.01 0.22
CA PHE B 249 9.97 -29.85 0.25
C PHE B 249 9.76 -29.16 1.58
N PHE B 250 10.71 -29.29 2.49
CA PHE B 250 10.70 -28.58 3.76
C PHE B 250 11.37 -27.23 3.60
N TYR B 251 10.85 -26.23 4.32
CA TYR B 251 11.45 -24.90 4.40
C TYR B 251 11.54 -24.57 5.88
N CYS B 252 12.75 -24.45 6.42
CA CYS B 252 12.93 -24.31 7.87
C CYS B 252 13.53 -22.96 8.22
N ASN B 253 12.95 -22.29 9.20
CA ASN B 253 13.42 -20.99 9.62
C ASN B 253 14.77 -21.14 10.32
N THR B 254 15.73 -20.27 9.98
CA THR B 254 17.04 -20.40 10.60
C THR B 254 17.42 -19.18 11.45
N SER B 255 16.48 -18.31 11.80
CA SER B 255 16.89 -17.11 12.51
C SER B 255 17.27 -17.40 13.96
N ASP B 256 16.91 -18.55 14.52
CA ASP B 256 17.53 -18.93 15.79
C ASP B 256 18.82 -19.71 15.60
N LEU B 257 19.29 -19.86 14.36
CA LEU B 257 20.51 -20.60 14.07
C LEU B 257 21.64 -19.68 13.65
N PHE B 258 21.41 -18.84 12.65
CA PHE B 258 22.40 -17.87 12.20
C PHE B 258 22.13 -16.58 12.94
N ASN B 259 22.60 -16.55 14.18
CA ASN B 259 22.23 -15.53 15.15
C ASN B 259 23.19 -15.61 16.32
N GLY B 260 24.24 -14.81 16.29
CA GLY B 260 25.33 -14.99 17.23
C GLY B 260 26.43 -14.00 16.92
N THR B 261 27.28 -13.71 17.91
CA THR B 261 28.42 -12.81 17.72
C THR B 261 29.69 -13.47 18.24
N TYR B 262 30.77 -13.34 17.47
CA TYR B 262 32.09 -13.83 17.86
C TYR B 262 33.02 -12.62 17.88
N ARG B 263 33.42 -12.19 19.08
CA ARG B 263 34.11 -10.91 19.24
C ARG B 263 35.50 -11.08 19.81
N ASN B 264 35.62 -11.53 21.05
CA ASN B 264 36.93 -11.43 21.68
C ASN B 264 37.52 -12.82 21.72
N GLY B 265 37.73 -13.43 20.55
CA GLY B 265 38.08 -14.83 20.55
C GLY B 265 37.05 -15.73 21.19
N THR B 266 35.84 -15.23 21.48
CA THR B 266 34.74 -16.00 22.04
C THR B 266 33.46 -15.80 21.22
N TYR B 267 32.72 -16.89 21.01
CA TYR B 267 31.41 -16.88 20.37
C TYR B 267 30.29 -16.89 21.41
N ASN B 268 29.32 -15.98 21.25
CA ASN B 268 28.14 -15.84 22.07
C ASN B 268 26.95 -16.11 21.16
N HIS B 269 26.18 -17.17 21.44
CA HIS B 269 24.98 -17.44 20.65
C HIS B 269 23.83 -16.55 21.08
N THR B 270 23.03 -16.13 20.11
CA THR B 270 22.05 -15.08 20.32
C THR B 270 20.63 -15.45 19.86
N GLY B 271 20.49 -16.40 18.97
CA GLY B 271 19.19 -16.96 18.75
C GLY B 271 18.70 -17.72 19.97
N ARG B 272 17.39 -17.90 20.02
CA ARG B 272 16.74 -18.38 21.22
C ARG B 272 16.76 -19.91 21.24
N SER B 273 17.35 -20.48 22.28
CA SER B 273 17.40 -21.92 22.45
C SER B 273 16.34 -22.35 23.47
N SER B 274 16.40 -23.60 23.92
CA SER B 274 15.42 -24.04 24.92
C SER B 274 15.58 -25.49 25.37
N ASN B 275 15.86 -25.70 26.67
CA ASN B 275 16.18 -27.04 27.19
C ASN B 275 17.37 -27.62 26.42
N GLY B 276 18.23 -26.71 25.92
CA GLY B 276 19.52 -27.10 25.36
C GLY B 276 19.53 -27.41 23.88
N THR B 277 18.44 -27.12 23.15
CA THR B 277 18.37 -27.42 21.73
C THR B 277 17.65 -26.28 21.01
N ILE B 278 18.12 -25.99 19.77
CA ILE B 278 17.50 -25.01 18.89
C ILE B 278 16.45 -25.76 18.08
N THR B 279 15.29 -25.13 17.89
CA THR B 279 14.18 -25.75 17.19
C THR B 279 13.67 -24.81 16.12
N LEU B 280 13.77 -25.27 14.87
CA LEU B 280 13.41 -24.47 13.72
C LEU B 280 12.00 -24.83 13.32
N GLN B 281 11.21 -23.81 13.08
CA GLN B 281 9.86 -24.00 12.58
C GLN B 281 9.93 -24.22 11.07
N CYS B 282 9.43 -25.35 10.57
CA CYS B 282 9.39 -25.61 9.14
C CYS B 282 7.96 -25.69 8.61
N LYS B 283 7.78 -25.24 7.37
CA LYS B 283 6.60 -25.49 6.56
C LYS B 283 6.96 -26.51 5.49
N ILE B 284 6.09 -27.46 5.24
CA ILE B 284 6.19 -28.22 3.99
C ILE B 284 5.43 -27.45 2.91
N LYS B 285 5.93 -27.44 1.68
CA LYS B 285 5.32 -26.54 0.68
C LYS B 285 5.05 -27.27 -0.61
N GLN B 286 3.92 -26.95 -1.27
CA GLN B 286 3.70 -27.46 -2.61
C GLN B 286 4.23 -26.57 -3.72
N ILE B 287 4.39 -25.25 -3.54
CA ILE B 287 4.77 -24.39 -4.65
C ILE B 287 6.23 -24.00 -4.53
N ILE B 288 7.07 -24.58 -5.37
CA ILE B 288 8.52 -24.51 -5.26
C ILE B 288 9.08 -23.59 -6.33
N ASN B 289 10.01 -22.71 -5.93
CA ASN B 289 10.86 -22.03 -6.90
C ASN B 289 11.98 -22.99 -7.30
N MET B 290 11.96 -23.42 -8.54
CA MET B 290 12.89 -24.42 -9.03
C MET B 290 14.35 -23.94 -8.88
N TRP B 291 15.25 -24.87 -8.50
CA TRP B 291 16.69 -24.58 -8.57
C TRP B 291 17.26 -24.90 -9.91
N GLN B 292 16.60 -25.78 -10.67
CA GLN B 292 17.11 -26.19 -11.97
C GLN B 292 17.14 -25.03 -12.97
N GLU B 293 16.19 -24.13 -12.86
CA GLU B 293 16.00 -23.10 -13.87
C GLU B 293 15.02 -22.11 -13.27
N VAL B 294 14.83 -20.99 -13.94
CA VAL B 294 13.91 -19.98 -13.44
C VAL B 294 12.49 -20.43 -13.76
N GLY B 295 11.73 -20.77 -12.74
CA GLY B 295 10.41 -21.33 -12.96
C GLY B 295 9.85 -21.77 -11.62
N ARG B 296 8.58 -22.14 -11.65
CA ARG B 296 7.89 -22.63 -10.47
C ARG B 296 7.34 -24.02 -10.71
N ALA B 297 7.25 -24.82 -9.64
CA ALA B 297 6.87 -26.22 -9.76
C ALA B 297 5.87 -26.52 -8.66
N ILE B 298 4.68 -27.01 -9.00
CA ILE B 298 3.68 -27.36 -8.00
C ILE B 298 3.61 -28.87 -7.83
N TYR B 299 3.58 -29.29 -6.57
CA TYR B 299 3.56 -30.69 -6.16
C TYR B 299 2.30 -31.00 -5.37
N ALA B 300 2.04 -32.30 -5.20
CA ALA B 300 0.86 -32.73 -4.47
C ALA B 300 1.08 -32.51 -2.98
N PRO B 301 0.02 -32.42 -2.19
CA PRO B 301 0.20 -32.18 -0.76
C PRO B 301 0.84 -33.39 -0.10
N PRO B 302 1.29 -33.25 1.14
CA PRO B 302 2.28 -34.22 1.66
C PRO B 302 1.65 -35.58 1.90
N ILE B 303 2.50 -36.62 1.81
CA ILE B 303 2.15 -37.96 2.29
C ILE B 303 1.69 -37.89 3.73
N GLU B 304 1.35 -39.04 4.31
CA GLU B 304 0.81 -39.13 5.67
C GLU B 304 1.79 -39.80 6.61
N GLY B 305 1.65 -39.48 7.90
CA GLY B 305 2.52 -40.05 8.92
C GLY B 305 3.78 -39.23 9.15
N GLU B 306 4.58 -39.72 10.10
CA GLU B 306 5.85 -39.08 10.40
C GLU B 306 6.74 -39.03 9.14
N ILE B 307 7.02 -37.83 8.68
CA ILE B 307 8.09 -37.60 7.71
C ILE B 307 9.29 -37.15 8.50
N THR B 308 10.36 -37.94 8.49
CA THR B 308 11.51 -37.54 9.28
C THR B 308 12.81 -37.77 8.53
N CYS B 309 13.67 -36.75 8.56
CA CYS B 309 15.03 -36.82 8.05
C CYS B 309 16.00 -36.53 9.16
N ASN B 310 16.99 -37.41 9.31
CA ASN B 310 18.03 -37.30 10.32
C ASN B 310 19.34 -37.07 9.59
N SER B 311 19.78 -35.81 9.49
CA SER B 311 20.85 -35.50 8.57
C SER B 311 22.03 -34.91 9.32
N ASN B 312 23.22 -35.00 8.70
CA ASN B 312 24.45 -34.40 9.23
C ASN B 312 24.67 -33.04 8.52
N ILE B 313 24.55 -31.93 9.26
CA ILE B 313 25.06 -30.67 8.71
C ILE B 313 26.56 -30.80 8.61
N THR B 314 27.11 -30.77 7.38
CA THR B 314 28.56 -30.90 7.18
C THR B 314 29.20 -29.70 6.48
N GLY B 315 28.46 -28.62 6.26
CA GLY B 315 29.06 -27.40 5.71
C GLY B 315 28.00 -26.33 5.72
N LEU B 316 28.44 -25.09 5.55
CA LEU B 316 27.49 -24.00 5.46
C LEU B 316 27.73 -23.24 4.16
N LEU B 317 26.69 -22.56 3.69
CA LEU B 317 26.82 -21.63 2.60
C LEU B 317 26.53 -20.24 3.15
N LEU B 318 27.53 -19.36 3.15
CA LEU B 318 27.38 -18.03 3.74
C LEU B 318 27.55 -16.95 2.69
N LEU B 319 27.09 -15.75 3.05
CA LEU B 319 27.35 -14.56 2.25
C LEU B 319 27.62 -13.42 3.20
N ARG B 320 28.60 -12.60 2.85
CA ARG B 320 29.06 -11.49 3.67
C ARG B 320 28.40 -10.20 3.21
N ASP B 321 28.06 -9.31 4.13
CA ASP B 321 27.52 -8.03 3.67
C ASP B 321 28.59 -7.14 3.07
N ASP B 330 35.61 -2.59 13.45
CA ASP B 330 34.38 -2.64 12.69
C ASP B 330 33.91 -4.10 12.60
N THR B 331 32.79 -4.33 11.93
CA THR B 331 32.14 -5.64 11.91
C THR B 331 32.04 -6.21 10.50
N GLU B 332 32.14 -7.54 10.41
CA GLU B 332 31.74 -8.30 9.25
C GLU B 332 30.57 -9.19 9.64
N THR B 333 29.50 -9.16 8.85
CA THR B 333 28.30 -9.95 9.08
C THR B 333 28.12 -11.02 8.02
N PHE B 334 27.82 -12.23 8.46
CA PHE B 334 27.60 -13.38 7.59
C PHE B 334 26.18 -13.89 7.76
N ARG B 335 25.47 -14.02 6.64
CA ARG B 335 24.14 -14.54 6.66
C ARG B 335 24.08 -15.80 5.81
N PRO B 336 23.16 -16.71 6.08
CA PRO B 336 23.11 -17.93 5.29
C PRO B 336 22.76 -17.59 3.86
N GLY B 337 23.26 -18.39 2.93
CA GLY B 337 22.93 -18.18 1.52
C GLY B 337 22.58 -19.47 0.79
N GLY B 338 22.70 -19.48 -0.53
CA GLY B 338 22.38 -20.65 -1.31
C GLY B 338 21.50 -20.30 -2.48
N GLY B 339 21.13 -21.32 -3.23
CA GLY B 339 20.22 -21.17 -4.36
C GLY B 339 20.80 -21.66 -5.66
N ASP B 340 22.15 -21.66 -5.78
CA ASP B 340 22.84 -22.09 -6.99
C ASP B 340 23.34 -23.47 -6.69
N MET B 341 22.63 -24.50 -7.18
CA MET B 341 22.96 -25.81 -6.63
C MET B 341 24.34 -26.26 -7.02
N ARG B 342 25.00 -25.59 -7.96
CA ARG B 342 26.34 -26.03 -8.30
C ARG B 342 27.26 -25.87 -7.12
N ASP B 343 27.06 -24.84 -6.32
CA ASP B 343 27.89 -24.70 -5.11
C ASP B 343 27.82 -25.96 -4.26
N ASN B 344 26.64 -26.59 -4.15
CA ASN B 344 26.61 -27.84 -3.42
C ASN B 344 27.58 -28.85 -4.04
N TRP B 345 27.42 -29.11 -5.34
CA TRP B 345 28.36 -30.00 -6.02
C TRP B 345 29.81 -29.52 -5.84
N ARG B 346 30.06 -28.21 -5.92
CA ARG B 346 31.44 -27.75 -5.76
C ARG B 346 32.00 -28.23 -4.44
N SER B 347 31.23 -28.05 -3.36
CA SER B 347 31.70 -28.42 -2.04
C SER B 347 32.28 -29.83 -2.00
N GLU B 348 31.79 -30.74 -2.85
CA GLU B 348 32.31 -32.10 -2.87
C GLU B 348 33.33 -32.36 -3.98
N LEU B 349 33.21 -31.68 -5.11
CA LEU B 349 34.09 -31.91 -6.26
C LEU B 349 35.32 -31.03 -6.23
N TYR B 350 35.48 -30.23 -5.17
CA TYR B 350 36.50 -29.21 -5.17
C TYR B 350 37.88 -29.82 -5.33
N LYS B 351 38.07 -31.08 -4.95
CA LYS B 351 39.43 -31.55 -4.85
C LYS B 351 39.79 -32.43 -6.02
N TYR B 352 39.06 -32.32 -7.13
CA TYR B 352 39.21 -33.16 -8.29
C TYR B 352 39.26 -32.30 -9.53
N LYS B 353 40.13 -32.66 -10.49
CA LYS B 353 40.01 -32.18 -11.86
C LYS B 353 40.28 -33.32 -12.83
N VAL B 354 39.78 -33.19 -14.03
CA VAL B 354 39.95 -34.20 -15.07
C VAL B 354 41.10 -33.77 -15.96
N VAL B 355 41.97 -34.70 -16.34
CA VAL B 355 43.14 -34.29 -17.09
C VAL B 355 43.35 -35.30 -18.21
N GLU B 356 44.05 -34.82 -19.26
CA GLU B 356 44.70 -35.58 -20.35
C GLU B 356 43.76 -35.96 -21.49
N LYS C 6 39.88 30.92 28.65
CA LYS C 6 40.93 31.85 28.22
C LYS C 6 40.81 33.25 28.91
N THR C 7 39.66 33.95 28.79
CA THR C 7 39.53 35.34 29.27
C THR C 7 38.09 35.65 29.68
N THR C 8 37.86 36.89 30.16
CA THR C 8 36.51 37.42 30.41
C THR C 8 35.98 38.17 29.19
N LEU C 9 34.88 37.66 28.65
CA LEU C 9 34.11 38.22 27.56
C LEU C 9 33.17 39.31 28.06
N PHE C 10 32.62 40.08 27.12
CA PHE C 10 31.60 41.06 27.50
C PHE C 10 30.46 40.97 26.49
N CYS C 11 29.28 41.47 26.87
CA CYS C 11 28.13 41.32 25.98
C CYS C 11 27.74 42.65 25.36
N ALA C 12 27.30 42.58 24.12
CA ALA C 12 26.77 43.71 23.39
C ALA C 12 25.36 43.35 22.97
N SER C 13 24.41 44.15 23.41
CA SER C 13 23.03 43.88 23.10
C SER C 13 22.50 45.08 22.35
N ASP C 14 21.23 45.02 22.05
CA ASP C 14 20.64 46.04 21.22
C ASP C 14 19.42 46.60 21.93
N ALA C 15 19.42 46.51 23.26
CA ALA C 15 18.27 46.88 24.06
C ALA C 15 18.28 48.37 24.33
N LYS C 16 17.14 48.90 24.75
CA LYS C 16 17.12 50.31 25.09
C LYS C 16 16.49 50.49 26.46
N ALA C 17 16.84 51.62 27.07
CA ALA C 17 16.56 51.84 28.47
C ALA C 17 15.09 52.12 28.76
N TYR C 18 14.24 52.31 27.74
CA TYR C 18 12.83 52.55 28.00
C TYR C 18 11.99 51.30 27.99
N GLU C 19 12.47 50.20 27.42
CA GLU C 19 11.77 48.95 27.62
C GLU C 19 11.76 48.63 29.12
N LYS C 20 10.58 48.27 29.63
CA LYS C 20 10.46 47.61 30.92
C LYS C 20 10.57 46.11 30.77
N GLU C 21 10.79 45.62 29.54
CA GLU C 21 10.99 44.20 29.37
C GLU C 21 12.30 43.85 30.06
N VAL C 22 12.35 42.70 30.74
CA VAL C 22 13.43 42.53 31.69
C VAL C 22 14.76 42.17 31.01
N HIS C 23 14.74 41.41 29.91
CA HIS C 23 15.98 41.25 29.16
C HIS C 23 16.56 42.60 28.77
N ASN C 24 15.69 43.55 28.40
CA ASN C 24 16.17 44.88 28.03
C ASN C 24 16.80 45.58 29.21
N VAL C 25 16.16 45.54 30.38
CA VAL C 25 16.71 46.20 31.55
C VAL C 25 18.08 45.62 31.90
N TRP C 26 18.15 44.30 32.05
CA TRP C 26 19.42 43.67 32.37
C TRP C 26 20.46 44.08 31.35
N ALA C 27 20.18 43.87 30.07
CA ALA C 27 21.18 44.16 29.05
C ALA C 27 21.65 45.61 29.09
N THR C 28 20.73 46.57 29.36
CA THR C 28 21.17 47.97 29.40
C THR C 28 22.09 48.20 30.59
N HIS C 29 21.99 47.39 31.64
CA HIS C 29 22.99 47.54 32.70
C HIS C 29 24.26 46.73 32.47
N ALA C 30 24.17 45.55 31.85
CA ALA C 30 25.28 44.61 31.83
C ALA C 30 25.99 44.55 30.50
N CYS C 31 25.36 45.01 29.42
CA CYS C 31 25.96 44.94 28.10
C CYS C 31 26.20 46.34 27.54
N VAL C 32 27.09 46.41 26.56
CA VAL C 32 27.44 47.63 25.85
C VAL C 32 26.76 47.59 24.49
N PRO C 33 26.46 48.73 23.87
CA PRO C 33 25.75 48.71 22.59
C PRO C 33 26.55 48.02 21.52
N THR C 34 25.84 47.44 20.55
CA THR C 34 26.48 46.69 19.49
C THR C 34 27.07 47.59 18.42
N ASP C 35 28.19 47.15 17.85
CA ASP C 35 28.83 47.87 16.75
C ASP C 35 27.98 47.87 15.49
N PRO C 36 27.57 49.06 15.01
CA PRO C 36 26.63 49.10 13.87
C PRO C 36 27.05 48.23 12.70
N ASN C 37 28.31 48.34 12.27
CA ASN C 37 28.88 47.41 11.29
C ASN C 37 30.14 46.79 11.85
N PRO C 38 30.06 45.56 12.34
CA PRO C 38 31.25 44.86 12.81
C PRO C 38 32.00 44.37 11.59
N GLN C 39 33.21 43.90 11.80
CA GLN C 39 33.92 43.47 10.62
C GLN C 39 34.59 42.13 10.89
N GLU C 40 34.29 41.18 9.99
CA GLU C 40 34.85 39.86 9.99
C GLU C 40 36.27 39.91 9.41
N MET C 41 36.82 38.75 8.99
CA MET C 41 38.23 38.51 8.68
C MET C 41 38.46 37.03 8.37
N VAL C 42 38.09 36.58 7.18
CA VAL C 42 38.31 35.19 6.79
C VAL C 42 39.78 34.75 6.94
N LEU C 43 40.03 33.45 6.75
CA LEU C 43 41.34 32.81 6.83
C LEU C 43 41.13 31.38 6.33
N ALA C 44 40.60 31.23 5.10
CA ALA C 44 40.06 29.98 4.55
C ALA C 44 41.11 28.87 4.32
N ASN C 45 42.39 29.09 4.62
CA ASN C 45 43.37 27.99 4.66
C ASN C 45 43.69 27.47 6.07
N VAL C 46 43.32 28.21 7.13
CA VAL C 46 43.97 28.06 8.44
C VAL C 46 43.68 26.69 9.08
N THR C 47 42.41 26.28 9.11
CA THR C 47 42.06 25.05 9.83
C THR C 47 42.51 25.06 11.30
N GLU C 48 41.55 25.32 12.21
CA GLU C 48 41.77 25.17 13.64
C GLU C 48 40.74 24.22 14.23
N ASN C 49 41.03 23.66 15.42
CA ASN C 49 40.11 22.73 16.05
C ASN C 49 39.17 23.45 17.01
N PHE C 50 37.89 23.08 17.03
CA PHE C 50 37.12 23.53 18.17
C PHE C 50 36.54 22.32 18.86
N ASN C 51 35.99 22.56 20.05
CA ASN C 51 35.25 21.51 20.75
C ASN C 51 34.13 22.18 21.51
N MET C 52 32.94 22.20 20.90
CA MET C 52 31.76 22.83 21.48
C MET C 52 31.46 22.32 22.89
N TRP C 53 31.89 21.09 23.22
CA TRP C 53 31.47 20.48 24.47
C TRP C 53 32.33 20.90 25.64
N LYS C 54 33.33 21.73 25.41
CA LYS C 54 34.31 22.12 26.42
C LYS C 54 34.74 23.51 26.01
N ASN C 55 33.81 24.47 26.10
CA ASN C 55 33.93 25.80 25.49
C ASN C 55 33.62 26.79 26.58
N ASP C 56 34.64 27.52 27.05
CA ASP C 56 34.42 28.42 28.16
C ASP C 56 33.37 29.49 27.88
N MET C 57 33.13 29.82 26.60
CA MET C 57 32.08 30.79 26.30
C MET C 57 30.73 30.34 26.87
N VAL C 58 30.44 29.04 26.79
CA VAL C 58 29.23 28.50 27.40
C VAL C 58 29.19 28.79 28.90
N GLU C 59 30.28 28.53 29.64
CA GLU C 59 30.26 28.89 31.07
C GLU C 59 29.90 30.35 31.27
N GLN C 60 30.56 31.25 30.54
CA GLN C 60 30.29 32.67 30.75
C GLN C 60 28.84 33.03 30.43
N MET C 61 28.31 32.56 29.31
CA MET C 61 26.92 32.87 29.00
C MET C 61 25.99 32.32 30.06
N HIS C 62 26.24 31.09 30.48
CA HIS C 62 25.42 30.48 31.51
C HIS C 62 25.40 31.36 32.74
N GLU C 63 26.58 31.80 33.21
CA GLU C 63 26.65 32.74 34.31
C GLU C 63 25.77 33.95 34.06
N ASP C 64 25.83 34.51 32.84
CA ASP C 64 25.09 35.74 32.58
C ASP C 64 23.58 35.49 32.60
N ILE C 65 23.12 34.43 31.94
CA ILE C 65 21.69 34.15 31.98
C ILE C 65 21.22 33.88 33.39
N ILE C 66 22.03 33.20 34.22
CA ILE C 66 21.62 33.04 35.60
C ILE C 66 21.45 34.40 36.25
N SER C 67 22.40 35.31 36.04
CA SER C 67 22.28 36.66 36.57
C SER C 67 21.00 37.32 36.09
N LEU C 68 20.74 37.23 34.80
CA LEU C 68 19.55 37.82 34.21
C LEU C 68 18.29 37.32 34.91
N TRP C 69 18.17 35.99 35.04
CA TRP C 69 16.95 35.43 35.61
C TRP C 69 16.81 35.83 37.07
N ASP C 70 17.92 35.89 37.81
CA ASP C 70 17.81 36.27 39.21
C ASP C 70 17.35 37.71 39.36
N GLU C 71 17.75 38.58 38.43
CA GLU C 71 17.30 39.97 38.58
C GLU C 71 15.94 40.23 37.94
N SER C 72 15.48 39.38 37.03
CA SER C 72 14.24 39.56 36.26
C SER C 72 13.07 38.68 36.72
N LEU C 73 13.28 37.37 36.75
CA LEU C 73 12.23 36.44 37.20
C LEU C 73 12.45 36.05 38.65
N LYS C 74 12.27 37.02 39.54
CA LYS C 74 12.38 36.74 40.97
C LYS C 74 11.23 35.85 41.41
N PRO C 75 11.48 34.74 42.09
CA PRO C 75 10.39 33.91 42.58
C PRO C 75 9.88 34.42 43.91
N CYS C 76 8.57 34.23 44.14
CA CYS C 76 8.05 34.49 45.48
C CYS C 76 8.80 33.71 46.54
N VAL C 77 9.08 32.44 46.28
CA VAL C 77 9.82 31.66 47.25
C VAL C 77 10.92 30.90 46.52
N LYS C 78 12.06 30.74 47.14
CA LYS C 78 13.13 29.97 46.55
C LYS C 78 13.63 29.03 47.63
N LEU C 79 13.50 27.74 47.40
CA LEU C 79 13.92 26.69 48.31
C LEU C 79 15.24 26.12 47.83
N THR C 80 16.29 26.28 48.63
CA THR C 80 17.58 25.67 48.33
C THR C 80 18.15 25.11 49.62
N GLY C 81 18.67 23.89 49.56
CA GLY C 81 18.99 23.27 50.83
C GLY C 81 17.74 23.24 51.67
N GLY C 82 17.90 23.64 52.94
CA GLY C 82 16.75 23.79 53.82
C GLY C 82 16.24 25.20 53.91
N SER C 83 17.01 26.15 53.36
CA SER C 83 16.64 27.56 53.32
C SER C 83 15.49 27.81 52.37
N ALA C 84 14.69 28.81 52.73
CA ALA C 84 13.70 29.41 51.86
C ALA C 84 13.91 30.91 51.88
N ILE C 85 14.09 31.51 50.71
CA ILE C 85 14.21 32.95 50.58
C ILE C 85 12.88 33.47 50.04
N THR C 86 12.41 34.59 50.57
CA THR C 86 11.18 35.22 50.09
C THR C 86 11.47 36.60 49.53
N GLN C 87 10.89 36.92 48.37
CA GLN C 87 11.06 38.21 47.71
C GLN C 87 9.76 38.62 47.08
N ALA C 88 9.70 39.88 46.68
CA ALA C 88 8.62 40.34 45.83
C ALA C 88 8.75 39.67 44.46
N CYS C 89 7.64 39.14 43.94
CA CYS C 89 7.61 38.42 42.65
C CYS C 89 6.59 39.10 41.73
N PRO C 90 6.82 40.35 41.37
CA PRO C 90 5.92 41.01 40.42
C PRO C 90 5.90 40.26 39.10
N LYS C 91 4.72 40.26 38.48
CA LYS C 91 4.61 39.87 37.08
C LYS C 91 5.32 40.90 36.21
N VAL C 92 6.02 40.43 35.19
CA VAL C 92 6.93 41.32 34.47
C VAL C 92 6.80 41.09 32.97
N SER C 93 7.38 42.01 32.22
CA SER C 93 7.34 41.93 30.77
C SER C 93 8.58 41.17 30.32
N PHE C 94 8.37 40.01 29.69
CA PHE C 94 9.42 39.02 29.52
C PHE C 94 9.43 38.49 28.10
N ASP C 95 10.40 38.93 27.29
CA ASP C 95 10.58 38.45 25.92
C ASP C 95 12.05 38.49 25.51
N PRO C 96 12.72 37.34 25.40
CA PRO C 96 14.19 37.37 25.27
C PRO C 96 14.63 38.15 24.03
N ILE C 97 15.71 38.90 24.20
CA ILE C 97 16.35 39.67 23.15
C ILE C 97 17.68 39.01 22.82
N PRO C 98 18.28 39.25 21.65
CA PRO C 98 19.57 38.61 21.34
C PRO C 98 20.70 39.30 22.06
N LEU C 99 21.69 38.49 22.48
CA LEU C 99 22.89 38.93 23.18
C LEU C 99 24.11 38.52 22.37
N HIS C 100 25.06 39.42 22.24
CA HIS C 100 26.29 39.15 21.52
C HIS C 100 27.40 38.99 22.52
N TYR C 101 28.24 37.97 22.35
CA TYR C 101 29.40 37.83 23.20
C TYR C 101 30.61 38.29 22.43
N CYS C 102 31.44 39.10 23.09
CA CYS C 102 32.49 39.89 22.47
C CYS C 102 33.79 39.66 23.21
N ALA C 103 34.89 39.54 22.43
CA ALA C 103 36.22 39.38 23.01
C ALA C 103 36.80 40.75 23.31
N PRO C 104 37.37 40.96 24.49
CA PRO C 104 37.88 42.28 24.86
C PRO C 104 39.26 42.47 24.22
N ALA C 105 39.83 43.66 24.44
CA ALA C 105 41.11 44.03 23.84
C ALA C 105 42.17 42.93 23.97
N GLY C 106 42.73 42.52 22.83
CA GLY C 106 43.84 41.55 22.80
C GLY C 106 43.43 40.12 22.50
N PHE C 107 42.15 39.89 22.39
CA PHE C 107 41.47 38.63 22.18
C PHE C 107 40.60 38.70 20.95
N ALA C 108 40.43 37.57 20.28
CA ALA C 108 39.49 37.55 19.17
C ALA C 108 38.65 36.30 19.28
N ILE C 109 37.53 36.28 18.56
CA ILE C 109 36.68 35.10 18.52
C ILE C 109 36.85 34.48 17.16
N LEU C 110 37.40 33.28 17.11
CA LEU C 110 37.38 32.51 15.88
C LEU C 110 36.01 31.92 15.69
N LYS C 111 35.56 31.96 14.43
CA LYS C 111 34.25 31.49 14.01
C LYS C 111 34.45 30.49 12.89
N CYS C 112 33.98 29.28 13.09
CA CYS C 112 34.12 28.28 12.05
C CYS C 112 33.04 28.50 11.00
N ASN C 113 33.43 28.44 9.72
CA ASN C 113 32.54 28.75 8.61
C ASN C 113 32.07 27.52 7.83
N ASN C 114 32.54 26.32 8.18
CA ASN C 114 32.10 25.08 7.55
C ASN C 114 30.63 24.82 7.89
N LYS C 115 29.71 25.09 6.97
CA LYS C 115 28.29 24.97 7.29
C LYS C 115 27.82 23.54 7.62
N THR C 116 28.72 22.56 7.67
CA THR C 116 28.32 21.23 8.14
C THR C 116 29.05 20.83 9.41
N PHE C 117 29.85 21.73 9.99
CA PHE C 117 30.72 21.43 11.13
C PHE C 117 29.92 20.82 12.27
N ASN C 118 30.28 19.60 12.67
CA ASN C 118 29.48 18.99 13.74
C ASN C 118 29.83 19.52 15.12
N GLY C 119 30.84 20.38 15.25
CA GLY C 119 31.09 21.09 16.49
C GLY C 119 32.29 20.61 17.28
N THR C 120 32.88 19.49 16.89
CA THR C 120 34.16 19.04 17.43
C THR C 120 35.13 18.77 16.28
N GLY C 121 36.41 18.94 16.58
CA GLY C 121 37.44 18.56 15.63
C GLY C 121 37.91 19.72 14.80
N PRO C 122 38.67 19.44 13.74
CA PRO C 122 39.25 20.51 12.91
C PRO C 122 38.28 21.05 11.89
N CYS C 123 38.35 22.37 11.70
CA CYS C 123 37.48 23.11 10.80
C CYS C 123 38.35 23.99 9.91
N ARG C 124 37.99 24.03 8.62
CA ARG C 124 38.83 24.47 7.51
C ARG C 124 38.74 25.97 7.25
N ASN C 125 37.60 26.45 6.78
CA ASN C 125 37.31 27.88 6.67
C ASN C 125 37.12 28.44 8.08
N VAL C 126 37.78 29.54 8.40
CA VAL C 126 37.74 30.10 9.74
C VAL C 126 37.82 31.61 9.62
N SER C 127 37.06 32.34 10.44
CA SER C 127 37.15 33.80 10.45
C SER C 127 37.51 34.31 11.83
N THR C 128 37.87 35.59 11.87
CA THR C 128 38.08 36.30 13.11
C THR C 128 37.00 37.35 13.25
N VAL C 129 36.40 37.43 14.44
CA VAL C 129 35.28 38.33 14.69
C VAL C 129 35.48 38.98 16.06
N GLN C 130 34.89 40.17 16.18
CA GLN C 130 34.76 40.82 17.47
C GLN C 130 33.74 40.10 18.36
N CYS C 131 32.60 39.71 17.78
CA CYS C 131 31.46 39.21 18.56
C CYS C 131 30.74 38.08 17.86
N THR C 132 30.08 37.26 18.67
CA THR C 132 29.17 36.24 18.17
C THR C 132 27.98 36.90 17.49
N HIS C 133 27.21 36.10 16.75
CA HIS C 133 25.93 36.63 16.35
C HIS C 133 25.05 36.86 17.57
N GLY C 134 23.89 37.45 17.34
CA GLY C 134 22.96 37.72 18.43
C GLY C 134 22.30 36.43 18.85
N ILE C 135 22.45 36.05 20.12
CA ILE C 135 21.92 34.79 20.63
C ILE C 135 20.80 35.12 21.61
N LYS C 136 19.58 34.63 21.32
CA LYS C 136 18.45 34.76 22.24
C LYS C 136 18.56 33.72 23.35
N PRO C 137 18.85 34.11 24.58
CA PRO C 137 19.02 33.11 25.65
C PRO C 137 17.69 32.50 26.05
N VAL C 138 17.25 31.44 25.36
CA VAL C 138 15.90 30.90 25.50
C VAL C 138 16.01 29.60 26.29
N VAL C 139 15.55 29.63 27.54
CA VAL C 139 15.53 28.46 28.39
C VAL C 139 14.36 27.59 27.99
N SER C 140 14.63 26.33 27.62
CA SER C 140 13.57 25.35 27.41
C SER C 140 14.19 23.95 27.47
N THR C 141 13.32 22.95 27.46
CA THR C 141 13.80 21.57 27.40
C THR C 141 13.21 20.92 26.17
N GLN C 142 13.77 19.77 25.80
CA GLN C 142 13.22 18.96 24.72
C GLN C 142 13.33 19.63 23.38
N LEU C 143 12.72 20.78 23.19
CA LEU C 143 12.85 21.51 21.93
C LEU C 143 13.64 22.77 22.17
N LEU C 144 14.54 23.12 21.25
CA LEU C 144 15.24 24.39 21.30
C LEU C 144 14.48 25.40 20.42
N LEU C 145 14.23 26.58 20.94
CA LEU C 145 13.29 27.51 20.33
C LEU C 145 14.00 28.79 19.93
N ASN C 146 13.65 29.33 18.76
CA ASN C 146 14.14 30.63 18.34
C ASN C 146 15.65 30.65 18.15
N GLY C 147 16.24 29.52 17.79
CA GLY C 147 17.66 29.49 17.53
C GLY C 147 17.97 29.90 16.09
N SER C 148 19.21 29.62 15.69
CA SER C 148 19.65 29.79 14.32
C SER C 148 19.65 28.44 13.62
N LEU C 149 19.08 28.37 12.41
CA LEU C 149 19.04 27.08 11.73
C LEU C 149 20.37 26.79 11.05
N ALA C 150 20.75 25.50 11.01
CA ALA C 150 21.84 25.06 10.15
C ALA C 150 21.54 25.49 8.72
N GLU C 151 22.58 25.76 7.92
CA GLU C 151 22.26 26.39 6.64
C GLU C 151 22.30 25.40 5.48
N GLU C 152 23.08 24.33 5.60
CA GLU C 152 23.09 23.18 4.70
C GLU C 152 22.03 22.17 5.13
N GLU C 153 22.49 21.01 5.56
CA GLU C 153 21.69 19.95 6.15
C GLU C 153 21.67 19.95 7.68
N ILE C 154 20.62 19.33 8.22
CA ILE C 154 20.45 18.97 9.62
C ILE C 154 21.79 18.44 10.12
N ILE C 155 22.19 18.78 11.36
CA ILE C 155 23.48 18.36 11.90
C ILE C 155 23.30 17.73 13.27
N ILE C 156 23.86 16.54 13.47
CA ILE C 156 23.81 15.85 14.75
C ILE C 156 25.08 16.20 15.51
N ARG C 157 24.92 16.72 16.71
CA ARG C 157 26.05 17.08 17.56
C ARG C 157 26.02 16.24 18.82
N SER C 158 27.18 15.78 19.24
CA SER C 158 27.22 15.05 20.50
C SER C 158 28.66 14.97 20.97
N GLU C 159 28.85 15.03 22.29
CA GLU C 159 30.19 14.92 22.83
C GLU C 159 30.80 13.59 22.43
N ASN C 160 29.96 12.56 22.35
CA ASN C 160 30.35 11.18 22.05
C ASN C 160 29.11 10.33 21.73
N LEU C 161 28.81 10.13 20.44
CA LEU C 161 27.53 9.52 20.07
C LEU C 161 27.40 8.09 20.55
N THR C 162 28.51 7.43 20.86
CA THR C 162 28.44 6.08 21.41
C THR C 162 27.97 6.07 22.86
N ASN C 163 28.30 7.12 23.59
CA ASN C 163 27.99 7.19 25.01
C ASN C 163 26.57 7.66 25.14
N ASN C 164 25.64 6.72 25.33
CA ASN C 164 24.24 7.12 25.28
C ASN C 164 23.85 8.08 26.41
N ALA C 165 24.62 8.16 27.49
CA ALA C 165 24.37 9.18 28.52
C ALA C 165 24.61 10.61 28.06
N LYS C 166 25.10 10.85 26.83
CA LYS C 166 25.47 12.18 26.35
C LYS C 166 24.34 12.77 25.52
N THR C 167 23.88 13.95 25.92
CA THR C 167 22.82 14.62 25.18
C THR C 167 23.21 14.81 23.72
N ILE C 168 22.26 14.55 22.82
CA ILE C 168 22.45 14.78 21.39
C ILE C 168 21.71 16.06 21.02
N ILE C 169 22.37 16.96 20.29
CA ILE C 169 21.71 18.18 19.83
C ILE C 169 21.46 18.02 18.35
N VAL C 170 20.21 17.99 17.95
CA VAL C 170 19.88 17.98 16.53
C VAL C 170 19.69 19.42 16.11
N HIS C 171 20.43 19.87 15.11
CA HIS C 171 20.34 21.23 14.59
C HIS C 171 19.56 21.21 13.28
N LEU C 172 18.32 21.71 13.30
CA LEU C 172 17.47 21.64 12.12
C LEU C 172 17.88 22.70 11.09
N ASN C 173 17.58 22.43 9.82
CA ASN C 173 17.78 23.43 8.78
C ASN C 173 16.48 24.10 8.34
N GLU C 174 15.33 23.75 8.91
CA GLU C 174 14.06 24.42 8.65
C GLU C 174 13.25 24.54 9.94
N SER C 175 12.88 25.77 10.29
CA SER C 175 12.00 26.03 11.41
C SER C 175 10.78 25.13 11.35
N VAL C 176 10.26 24.75 12.51
CA VAL C 176 8.94 24.14 12.60
C VAL C 176 8.16 24.95 13.62
N ASN C 177 7.07 25.59 13.20
CA ASN C 177 6.29 26.42 14.10
C ASN C 177 5.74 25.63 15.26
N ILE C 178 5.76 26.23 16.45
CA ILE C 178 5.01 25.69 17.58
C ILE C 178 4.33 26.88 18.22
N VAL C 179 3.00 26.80 18.35
CA VAL C 179 2.20 27.91 18.85
C VAL C 179 1.57 27.47 20.16
N CYS C 180 1.92 28.16 21.25
CA CYS C 180 1.42 27.77 22.56
C CYS C 180 0.57 28.88 23.12
N THR C 181 -0.56 28.49 23.70
CA THR C 181 -1.54 29.45 24.13
C THR C 181 -2.26 28.94 25.36
N ARG C 182 -2.40 29.84 26.35
CA ARG C 182 -3.40 29.73 27.39
C ARG C 182 -4.47 30.73 27.02
N PRO C 183 -5.66 30.28 26.61
CA PRO C 183 -6.59 31.19 25.96
C PRO C 183 -7.31 32.03 27.00
N ASN C 184 -8.44 32.62 26.62
CA ASN C 184 -9.17 33.51 27.50
C ASN C 184 -10.62 33.05 27.64
N ASN C 193 -10.36 26.21 33.82
CA ASN C 193 -9.03 26.19 34.40
C ASN C 193 -8.10 27.27 33.85
N ILE C 194 -7.56 28.13 34.74
CA ILE C 194 -6.68 29.21 34.30
C ILE C 194 -5.26 28.69 34.00
N ARG C 195 -4.85 27.61 34.67
CA ARG C 195 -3.60 26.89 34.47
C ARG C 195 -3.58 25.92 33.27
N GLN C 196 -4.56 25.90 32.37
CA GLN C 196 -4.52 24.96 31.25
C GLN C 196 -4.35 25.66 29.90
N ALA C 197 -3.46 25.12 29.07
CA ALA C 197 -3.11 25.66 27.74
C ALA C 197 -2.78 24.53 26.78
N HIS C 198 -2.41 24.88 25.56
CA HIS C 198 -2.13 23.86 24.54
C HIS C 198 -1.21 24.45 23.48
N CYS C 199 -0.55 23.55 22.73
CA CYS C 199 0.33 23.94 21.64
C CYS C 199 -0.04 23.23 20.34
N ASN C 200 0.21 23.92 19.23
CA ASN C 200 -0.12 23.39 17.92
C ASN C 200 1.11 23.36 17.05
N ILE C 201 1.40 22.17 16.52
CA ILE C 201 2.44 21.97 15.51
C ILE C 201 1.76 21.38 14.27
N ASN C 202 2.09 21.93 13.10
CA ASN C 202 1.54 21.41 11.86
C ASN C 202 2.11 20.00 11.65
N GLU C 203 1.29 18.97 11.90
CA GLU C 203 1.79 17.59 11.81
C GLU C 203 2.51 17.29 10.49
N SER C 204 2.18 17.99 9.40
CA SER C 204 2.89 17.75 8.13
C SER C 204 4.36 18.14 8.23
N LYS C 205 4.65 19.32 8.76
CA LYS C 205 6.05 19.70 8.80
C LYS C 205 6.79 18.95 9.89
N TRP C 206 6.10 18.55 10.96
CA TRP C 206 6.75 17.66 11.93
C TRP C 206 7.15 16.34 11.27
N ASN C 207 6.16 15.62 10.70
CA ASN C 207 6.29 14.55 9.70
C ASN C 207 7.61 14.65 8.93
N ASN C 208 7.71 15.67 8.08
CA ASN C 208 8.92 15.80 7.28
C ASN C 208 10.14 15.87 8.16
N THR C 209 10.08 16.68 9.23
CA THR C 209 11.28 16.97 9.99
C THR C 209 11.82 15.72 10.65
N LEU C 210 10.94 14.89 11.18
CA LEU C 210 11.44 13.66 11.77
C LEU C 210 11.87 12.67 10.70
N GLN C 211 11.25 12.69 9.51
CA GLN C 211 11.80 12.00 8.33
C GLN C 211 13.30 12.26 8.25
N LYS C 212 13.65 13.51 7.96
CA LYS C 212 15.02 13.93 7.72
C LYS C 212 15.91 13.67 8.95
N VAL C 213 15.38 13.91 10.15
CA VAL C 213 16.20 13.65 11.33
C VAL C 213 16.52 12.18 11.43
N GLY C 214 15.55 11.31 11.10
CA GLY C 214 15.82 9.89 11.10
C GLY C 214 16.86 9.49 10.07
N GLU C 215 16.82 10.11 8.89
CA GLU C 215 17.89 9.83 7.91
C GLU C 215 19.26 10.11 8.54
N GLU C 216 19.45 11.33 9.08
CA GLU C 216 20.76 11.71 9.63
C GLU C 216 21.17 10.79 10.79
N LEU C 217 20.25 10.53 11.71
CA LEU C 217 20.53 9.60 12.78
C LEU C 217 20.87 8.23 12.24
N ALA C 218 20.31 7.88 11.08
CA ALA C 218 20.55 6.56 10.50
C ALA C 218 21.98 6.46 9.99
N LYS C 219 22.45 7.49 9.27
CA LYS C 219 23.86 7.45 8.92
C LYS C 219 24.72 7.27 10.14
N HIS C 220 24.34 7.80 11.29
CA HIS C 220 25.25 7.50 12.39
C HIS C 220 24.99 6.13 13.03
N PHE C 221 23.94 5.42 12.61
CA PHE C 221 23.44 4.25 13.34
C PHE C 221 22.88 3.28 12.30
N PRO C 222 23.77 2.54 11.60
CA PRO C 222 23.41 2.10 10.25
C PRO C 222 22.50 0.88 10.20
N SER C 223 22.71 -0.12 11.04
CA SER C 223 21.93 -1.35 10.87
C SER C 223 20.50 -1.22 11.36
N LYS C 224 20.15 -0.11 11.99
CA LYS C 224 19.07 -0.14 12.96
C LYS C 224 17.91 0.74 12.55
N THR C 225 16.74 0.37 13.06
CA THR C 225 15.52 1.14 12.89
C THR C 225 15.44 2.18 14.01
N ILE C 226 15.02 3.39 13.66
CA ILE C 226 15.21 4.56 14.50
C ILE C 226 13.85 4.96 15.07
N LYS C 227 13.64 4.78 16.36
CA LYS C 227 12.34 5.03 16.97
C LYS C 227 12.42 6.30 17.80
N PHE C 228 11.44 7.19 17.62
CA PHE C 228 11.22 8.33 18.50
C PHE C 228 10.09 8.01 19.46
N GLU C 229 10.35 8.21 20.74
CA GLU C 229 9.45 7.81 21.82
C GLU C 229 9.50 8.91 22.88
N PRO C 230 8.40 9.16 23.57
CA PRO C 230 8.35 10.30 24.49
C PRO C 230 9.17 9.98 25.72
N SER C 231 9.60 11.03 26.41
CA SER C 231 10.62 10.86 27.43
C SER C 231 10.11 10.00 28.57
N SER C 232 10.94 9.05 29.01
CA SER C 232 10.55 8.10 30.05
C SER C 232 10.20 8.77 31.39
N GLY C 233 11.21 9.18 32.17
CA GLY C 233 10.97 9.62 33.52
C GLY C 233 11.81 10.82 33.90
N GLY C 234 11.42 11.43 35.03
CA GLY C 234 12.17 12.55 35.52
C GLY C 234 11.26 13.63 36.07
N ASP C 235 11.85 14.76 36.42
CA ASP C 235 11.04 15.89 36.83
C ASP C 235 10.18 16.35 35.65
N LEU C 236 9.04 16.95 35.96
CA LEU C 236 8.19 17.41 34.89
C LEU C 236 8.94 18.30 33.92
N GLU C 237 9.94 19.03 34.40
CA GLU C 237 10.57 20.00 33.53
C GLU C 237 11.31 19.33 32.37
N ILE C 238 11.70 18.05 32.51
CA ILE C 238 12.41 17.34 31.43
C ILE C 238 11.56 16.28 30.76
N THR C 239 10.49 15.78 31.40
CA THR C 239 9.62 14.82 30.75
C THR C 239 8.55 15.50 29.94
N THR C 240 8.49 16.82 29.97
CA THR C 240 7.62 17.59 29.10
C THR C 240 8.46 18.69 28.49
N HIS C 241 7.99 19.26 27.40
CA HIS C 241 8.66 20.39 26.78
C HIS C 241 8.32 21.60 27.60
N SER C 242 9.21 22.04 28.48
CA SER C 242 8.91 23.16 29.35
C SER C 242 9.65 24.39 28.89
N PHE C 243 9.09 25.56 29.19
CA PHE C 243 9.71 26.79 28.73
C PHE C 243 8.92 27.96 29.34
N ASN C 244 9.44 29.17 29.19
CA ASN C 244 8.81 30.32 29.80
C ASN C 244 8.24 31.23 28.72
N CYS C 245 6.95 31.47 28.80
CA CYS C 245 6.25 32.30 27.83
C CYS C 245 5.67 33.51 28.58
N ARG C 246 6.22 34.69 28.32
CA ARG C 246 5.66 35.94 28.81
C ARG C 246 5.60 35.89 30.33
N GLY C 247 6.60 35.26 30.92
CA GLY C 247 6.74 35.19 32.34
C GLY C 247 6.24 33.90 32.95
N GLU C 248 5.40 33.15 32.25
CA GLU C 248 4.75 31.99 32.84
C GLU C 248 5.41 30.69 32.39
N PHE C 249 5.56 29.75 33.30
CA PHE C 249 6.27 28.51 33.03
C PHE C 249 5.27 27.52 32.47
N PHE C 250 5.33 27.27 31.17
CA PHE C 250 4.52 26.25 30.52
C PHE C 250 5.24 24.92 30.58
N TYR C 251 4.46 23.84 30.72
CA TYR C 251 4.95 22.47 30.64
C TYR C 251 4.04 21.74 29.68
N CYS C 252 4.56 21.32 28.52
CA CYS C 252 3.73 20.78 27.45
C CYS C 252 4.04 19.31 27.20
N ASN C 253 3.00 18.49 27.12
CA ASN C 253 3.18 17.07 26.90
C ASN C 253 3.68 16.83 25.48
N THR C 254 4.68 15.98 25.31
CA THR C 254 5.20 15.74 23.97
C THR C 254 5.00 14.30 23.48
N SER C 255 4.15 13.51 24.14
CA SER C 255 4.08 12.12 23.72
C SER C 255 3.34 11.95 22.40
N ASP C 256 2.60 12.93 21.92
CA ASP C 256 2.15 12.87 20.53
C ASP C 256 3.15 13.48 19.57
N LEU C 257 4.32 13.91 20.05
CA LEU C 257 5.33 14.52 19.20
C LEU C 257 6.53 13.61 19.00
N PHE C 258 7.12 13.10 20.08
CA PHE C 258 8.23 12.17 20.00
C PHE C 258 7.65 10.78 20.05
N ASN C 259 7.15 10.35 18.89
CA ASN C 259 6.30 9.16 18.79
C ASN C 259 6.19 8.79 17.32
N GLY C 260 7.05 7.90 16.87
CA GLY C 260 7.19 7.65 15.44
C GLY C 260 8.29 6.65 15.19
N THR C 261 8.26 6.00 14.03
CA THR C 261 9.30 5.04 13.65
C THR C 261 9.79 5.35 12.25
N TYR C 262 11.12 5.29 12.09
CA TYR C 262 11.78 5.47 10.80
C TYR C 262 12.54 4.19 10.51
N ARG C 263 12.05 3.39 9.55
CA ARG C 263 12.56 2.03 9.34
C ARG C 263 13.17 1.86 7.97
N ASN C 264 12.37 1.93 6.91
CA ASN C 264 12.90 1.49 5.63
C ASN C 264 13.17 2.72 4.80
N GLY C 265 14.07 3.58 5.27
CA GLY C 265 14.20 4.87 4.64
C GLY C 265 12.94 5.71 4.64
N THR C 266 11.91 5.30 5.40
CA THR C 266 10.66 6.05 5.54
C THR C 266 10.30 6.25 7.01
N TYR C 267 9.81 7.45 7.34
CA TYR C 267 9.30 7.79 8.66
C TYR C 267 7.76 7.67 8.71
N ASN C 268 7.27 6.97 9.73
CA ASN C 268 5.85 6.79 10.01
C ASN C 268 5.59 7.45 11.35
N HIS C 269 4.75 8.49 11.37
CA HIS C 269 4.38 9.12 12.64
C HIS C 269 3.33 8.32 13.39
N THR C 270 3.45 8.28 14.69
CA THR C 270 2.68 7.36 15.52
C THR C 270 1.95 8.02 16.68
N GLY C 271 2.36 9.20 17.10
CA GLY C 271 1.52 9.98 17.97
C GLY C 271 0.26 10.43 17.25
N ARG C 272 -0.74 10.76 18.05
CA ARG C 272 -2.08 10.99 17.53
C ARG C 272 -2.21 12.43 17.05
N SER C 273 -2.54 12.62 15.79
CA SER C 273 -2.75 13.95 15.22
C SER C 273 -4.25 14.21 15.12
N SER C 274 -4.64 15.28 14.41
CA SER C 274 -6.06 15.56 14.26
C SER C 274 -6.39 16.80 13.42
N ASN C 275 -7.08 16.61 12.30
CA ASN C 275 -7.32 17.69 11.34
C ASN C 275 -5.99 18.30 10.90
N GLY C 276 -4.94 17.46 10.91
CA GLY C 276 -3.66 17.80 10.31
C GLY C 276 -2.67 18.50 11.21
N THR C 277 -2.93 18.56 12.53
CA THR C 277 -2.05 19.24 13.47
C THR C 277 -1.98 18.45 14.76
N ILE C 278 -0.77 18.44 15.38
CA ILE C 278 -0.53 17.84 16.68
C ILE C 278 -0.80 18.90 17.72
N THR C 279 -1.46 18.51 18.81
CA THR C 279 -1.85 19.45 19.86
C THR C 279 -1.40 18.91 21.20
N LEU C 280 -0.53 19.67 21.85
CA LEU C 280 0.06 19.28 23.11
C LEU C 280 -0.72 19.92 24.22
N GLN C 281 -1.03 19.12 25.22
CA GLN C 281 -1.69 19.63 26.41
C GLN C 281 -0.62 20.23 27.33
N CYS C 282 -0.75 21.51 27.68
CA CYS C 282 0.17 22.14 28.60
C CYS C 282 -0.52 22.56 29.90
N LYS C 283 0.23 22.50 30.99
CA LYS C 283 -0.09 23.11 32.27
C LYS C 283 0.80 24.33 32.45
N ILE C 284 0.27 25.42 32.93
CA ILE C 284 1.11 26.47 33.52
C ILE C 284 1.37 26.12 34.97
N LYS C 285 2.57 26.37 35.48
CA LYS C 285 2.88 25.88 36.82
C LYS C 285 3.51 26.96 37.68
N GLN C 286 3.16 26.99 38.97
CA GLN C 286 3.87 27.86 39.88
C GLN C 286 5.09 27.24 40.55
N ILE C 287 5.20 25.93 40.70
CA ILE C 287 6.31 25.35 41.45
C ILE C 287 7.34 24.74 40.50
N ILE C 288 8.47 25.41 40.34
CA ILE C 288 9.44 25.11 39.30
C ILE C 288 10.67 24.45 39.92
N ASN C 289 11.14 23.38 39.28
CA ASN C 289 12.48 22.88 39.56
C ASN C 289 13.48 23.74 38.80
N MET C 290 14.27 24.50 39.54
CA MET C 290 15.20 25.44 38.95
C MET C 290 16.19 24.76 38.01
N TRP C 291 16.51 25.41 36.88
CA TRP C 291 17.62 24.97 36.02
C TRP C 291 18.93 25.55 36.46
N GLN C 292 18.88 26.69 37.18
CA GLN C 292 20.10 27.36 37.60
C GLN C 292 20.91 26.52 38.59
N GLU C 293 20.23 25.76 39.43
CA GLU C 293 20.87 25.07 40.53
C GLU C 293 19.84 24.11 41.07
N VAL C 294 20.26 23.24 41.99
CA VAL C 294 19.33 22.27 42.55
C VAL C 294 18.48 22.98 43.60
N GLY C 295 17.19 23.14 43.31
CA GLY C 295 16.33 23.91 44.19
C GLY C 295 14.99 24.04 43.53
N ARG C 296 14.05 24.58 44.29
CA ARG C 296 12.70 24.81 43.82
C ARG C 296 12.35 26.28 43.95
N ALA C 297 11.48 26.77 43.05
CA ALA C 297 11.16 28.19 42.99
C ALA C 297 9.65 28.31 42.82
N ILE C 298 8.98 29.02 43.71
CA ILE C 298 7.55 29.23 43.60
C ILE C 298 7.23 30.63 43.09
N TYR C 299 6.31 30.69 42.14
CA TYR C 299 5.90 31.92 41.46
C TYR C 299 4.41 32.18 41.69
N ALA C 300 3.99 33.40 41.37
CA ALA C 300 2.60 33.77 41.55
C ALA C 300 1.77 33.14 40.45
N PRO C 301 0.47 32.98 40.65
CA PRO C 301 -0.36 32.34 39.63
C PRO C 301 -0.44 33.23 38.39
N PRO C 302 -0.95 32.70 37.29
CA PRO C 302 -0.68 33.35 36.00
C PRO C 302 -1.42 34.67 35.85
N ILE C 303 -0.83 35.56 35.04
CA ILE C 303 -1.53 36.75 34.56
C ILE C 303 -2.84 36.36 33.91
N GLU C 304 -3.59 37.35 33.41
CA GLU C 304 -4.91 37.15 32.82
C GLU C 304 -4.90 37.39 31.32
N GLY C 305 -5.85 36.76 30.64
CA GLY C 305 -5.97 36.91 29.20
C GLY C 305 -5.14 35.89 28.44
N GLU C 306 -5.24 35.98 27.11
CA GLU C 306 -4.46 35.13 26.23
C GLU C 306 -2.97 35.30 26.49
N ILE C 307 -2.33 34.23 26.96
CA ILE C 307 -0.88 34.15 26.98
C ILE C 307 -0.51 33.33 25.76
N THR C 308 0.22 33.94 24.82
CA THR C 308 0.55 33.19 23.63
C THR C 308 1.98 33.43 23.20
N CYS C 309 2.68 32.33 22.88
CA CYS C 309 4.01 32.36 22.31
C CYS C 309 3.99 31.65 20.97
N ASN C 310 4.52 32.32 19.96
CA ASN C 310 4.59 31.79 18.60
C ASN C 310 6.07 31.59 18.29
N SER C 311 6.57 30.37 18.42
CA SER C 311 8.01 30.16 18.41
C SER C 311 8.40 29.24 17.27
N ASN C 312 9.68 29.33 16.86
CA ASN C 312 10.27 28.45 15.87
C ASN C 312 11.03 27.31 16.58
N ILE C 313 10.55 26.07 16.49
CA ILE C 313 11.39 24.95 16.88
C ILE C 313 12.55 24.89 15.89
N THR C 314 13.78 25.13 16.38
CA THR C 314 14.96 25.10 15.50
C THR C 314 16.01 24.07 15.90
N GLY C 315 15.73 23.20 16.85
CA GLY C 315 16.63 22.10 17.17
C GLY C 315 15.95 21.22 18.19
N LEU C 316 16.50 20.03 18.37
CA LEU C 316 15.97 19.13 19.39
C LEU C 316 17.09 18.73 20.32
N LEU C 317 16.72 18.36 21.54
CA LEU C 317 17.65 17.74 22.47
C LEU C 317 17.18 16.31 22.69
N LEU C 318 17.99 15.33 22.28
CA LEU C 318 17.60 13.93 22.36
C LEU C 318 18.53 13.15 23.27
N LEU C 319 18.06 11.99 23.69
CA LEU C 319 18.90 11.03 24.39
C LEU C 319 18.55 9.65 23.90
N ARG C 320 19.57 8.82 23.71
CA ARG C 320 19.45 7.48 23.17
C ARG C 320 19.40 6.47 24.30
N ASP C 321 18.59 5.43 24.15
CA ASP C 321 18.64 4.40 25.20
C ASP C 321 19.90 3.57 25.15
N ASP C 330 18.34 -4.54 14.68
CA ASP C 330 17.96 -4.11 16.01
C ASP C 330 17.55 -2.62 15.96
N THR C 331 17.16 -2.08 17.11
CA THR C 331 16.60 -0.73 17.18
C THR C 331 17.43 0.20 18.04
N GLU C 332 17.45 1.47 17.65
CA GLU C 332 17.88 2.58 18.48
C GLU C 332 16.69 3.47 18.75
N THR C 333 16.45 3.81 20.02
CA THR C 333 15.35 4.66 20.44
C THR C 333 15.85 5.99 20.98
N PHE C 334 15.21 7.07 20.53
CA PHE C 334 15.54 8.43 20.93
C PHE C 334 14.36 9.06 21.63
N ARG C 335 14.59 9.58 22.82
CA ARG C 335 13.56 10.26 23.56
C ARG C 335 13.98 11.70 23.82
N PRO C 336 13.05 12.62 23.99
CA PRO C 336 13.45 14.00 24.21
C PRO C 336 14.19 14.11 25.52
N GLY C 337 15.12 15.06 25.58
CA GLY C 337 15.86 15.29 26.81
C GLY C 337 15.99 16.76 27.17
N GLY C 338 16.98 17.11 27.99
CA GLY C 338 17.17 18.47 28.39
C GLY C 338 17.36 18.57 29.88
N GLY C 339 17.51 19.81 30.35
CA GLY C 339 17.63 20.08 31.78
C GLY C 339 18.90 20.83 32.13
N ASP C 340 19.95 20.68 31.30
CA ASP C 340 21.25 21.32 31.54
C ASP C 340 21.27 22.50 30.59
N MET C 341 21.00 23.69 31.11
CA MET C 341 20.76 24.75 30.14
C MET C 341 21.99 25.10 29.35
N ARG C 342 23.16 24.63 29.73
CA ARG C 342 24.33 24.96 28.94
C ARG C 342 24.21 24.36 27.55
N ASP C 343 23.60 23.17 27.43
CA ASP C 343 23.40 22.61 26.11
C ASP C 343 22.65 23.59 25.21
N ASN C 344 21.68 24.32 25.75
CA ASN C 344 21.03 25.32 24.91
C ASN C 344 22.07 26.31 24.39
N TRP C 345 22.82 26.95 25.30
CA TRP C 345 23.89 27.85 24.87
C TRP C 345 24.85 27.15 23.91
N ARG C 346 25.22 25.88 24.18
CA ARG C 346 26.14 25.21 23.27
C ARG C 346 25.62 25.23 21.86
N SER C 347 24.33 24.88 21.69
CA SER C 347 23.75 24.81 20.37
C SER C 347 24.01 26.05 19.55
N GLU C 348 24.16 27.22 20.19
CA GLU C 348 24.43 28.45 19.46
C GLU C 348 25.89 28.86 19.44
N LEU C 349 26.65 28.53 20.50
CA LEU C 349 28.04 28.95 20.62
C LEU C 349 28.99 27.94 20.03
N TYR C 350 28.45 26.86 19.43
CA TYR C 350 29.31 25.75 19.04
C TYR C 350 30.35 26.19 18.04
N LYS C 351 30.11 27.26 17.30
CA LYS C 351 31.01 27.51 16.17
C LYS C 351 31.98 28.60 16.47
N TYR C 352 32.20 28.90 17.75
CA TYR C 352 33.03 29.99 18.20
C TYR C 352 33.99 29.50 19.26
N LYS C 353 35.25 29.98 19.22
CA LYS C 353 36.13 29.91 20.37
C LYS C 353 36.89 31.22 20.51
N VAL C 354 37.35 31.49 21.71
CA VAL C 354 38.10 32.71 22.00
C VAL C 354 39.58 32.39 21.96
N VAL C 355 40.39 33.26 21.37
CA VAL C 355 41.79 32.91 21.21
C VAL C 355 42.61 34.15 21.53
N GLU C 356 43.87 33.87 21.91
CA GLU C 356 45.02 34.81 22.00
C GLU C 356 45.09 35.61 23.31
N LYS D 6 -35.50 -24.59 2.94
CA LYS D 6 -36.94 -24.68 2.66
C LYS D 6 -37.23 -25.10 1.18
N THR D 7 -36.73 -24.37 0.16
CA THR D 7 -37.09 -24.61 -1.25
C THR D 7 -35.96 -24.20 -2.19
N THR D 8 -36.18 -24.41 -3.50
CA THR D 8 -35.28 -23.90 -4.55
C THR D 8 -35.73 -22.53 -5.04
N LEU D 9 -34.86 -21.55 -4.86
CA LEU D 9 -34.97 -20.18 -5.30
C LEU D 9 -34.57 -20.05 -6.77
N PHE D 10 -34.88 -18.91 -7.37
CA PHE D 10 -34.41 -18.65 -8.72
C PHE D 10 -33.90 -17.21 -8.78
N CYS D 11 -33.07 -16.90 -9.78
CA CYS D 11 -32.48 -15.57 -9.82
C CYS D 11 -33.06 -14.73 -10.94
N ALA D 12 -33.20 -13.44 -10.67
CA ALA D 12 -33.63 -12.47 -11.65
C ALA D 12 -32.53 -11.43 -11.75
N SER D 13 -32.00 -11.26 -12.92
CA SER D 13 -30.93 -10.32 -13.13
C SER D 13 -31.39 -9.32 -14.15
N ASP D 14 -30.51 -8.42 -14.49
CA ASP D 14 -30.88 -7.33 -15.36
C ASP D 14 -29.92 -7.29 -16.52
N ALA D 15 -29.32 -8.44 -16.84
CA ALA D 15 -28.28 -8.52 -17.85
C ALA D 15 -28.90 -8.64 -19.24
N LYS D 16 -28.08 -8.39 -20.27
CA LYS D 16 -28.60 -8.57 -21.61
C LYS D 16 -27.65 -9.42 -22.41
N ALA D 17 -28.21 -10.02 -23.45
CA ALA D 17 -27.51 -11.08 -24.17
C ALA D 17 -26.38 -10.56 -25.06
N TYR D 18 -26.24 -9.24 -25.25
CA TYR D 18 -25.15 -8.72 -26.07
C TYR D 18 -23.91 -8.39 -25.29
N GLU D 19 -23.99 -8.23 -23.98
CA GLU D 19 -22.77 -8.15 -23.21
C GLU D 19 -22.00 -9.45 -23.39
N LYS D 20 -20.70 -9.33 -23.67
CA LYS D 20 -19.76 -10.43 -23.53
C LYS D 20 -19.18 -10.46 -22.13
N GLU D 21 -19.62 -9.57 -21.26
CA GLU D 21 -19.17 -9.62 -19.89
C GLU D 21 -19.73 -10.91 -19.28
N VAL D 22 -18.94 -11.60 -18.47
CA VAL D 22 -19.31 -12.99 -18.19
C VAL D 22 -20.44 -13.10 -17.17
N HIS D 23 -20.52 -12.19 -16.18
CA HIS D 23 -21.72 -12.19 -15.34
C HIS D 23 -22.96 -12.03 -16.19
N ASN D 24 -22.90 -11.20 -17.24
CA ASN D 24 -24.06 -11.03 -18.11
C ASN D 24 -24.41 -12.31 -18.83
N VAL D 25 -23.40 -13.00 -19.39
CA VAL D 25 -23.67 -14.24 -20.10
C VAL D 25 -24.32 -15.27 -19.19
N TRP D 26 -23.67 -15.53 -18.05
CA TRP D 26 -24.22 -16.50 -17.12
C TRP D 26 -25.65 -16.11 -16.78
N ALA D 27 -25.85 -14.88 -16.31
CA ALA D 27 -27.18 -14.48 -15.87
C ALA D 27 -28.23 -14.65 -16.98
N THR D 28 -27.86 -14.33 -18.24
CA THR D 28 -28.86 -14.49 -19.31
C THR D 28 -29.20 -15.96 -19.52
N HIS D 29 -28.29 -16.88 -19.17
CA HIS D 29 -28.71 -18.29 -19.24
C HIS D 29 -29.39 -18.79 -17.98
N ALA D 30 -29.01 -18.30 -16.80
CA ALA D 30 -29.43 -18.91 -15.55
C ALA D 30 -30.51 -18.12 -14.82
N CYS D 31 -30.68 -16.85 -15.13
CA CYS D 31 -31.65 -16.01 -14.45
C CYS D 31 -32.73 -15.55 -15.42
N VAL D 32 -33.87 -15.15 -14.83
CA VAL D 32 -35.02 -14.62 -15.56
C VAL D 32 -35.02 -13.11 -15.37
N PRO D 33 -35.59 -12.34 -16.31
CA PRO D 33 -35.56 -10.88 -16.16
C PRO D 33 -36.30 -10.42 -14.93
N THR D 34 -35.87 -9.27 -14.41
CA THR D 34 -36.43 -8.74 -13.19
C THR D 34 -37.76 -8.04 -13.43
N ASP D 35 -38.66 -8.15 -12.44
CA ASP D 35 -39.95 -7.48 -12.50
C ASP D 35 -39.81 -5.96 -12.44
N PRO D 36 -40.25 -5.26 -13.50
CA PRO D 36 -40.02 -3.79 -13.55
C PRO D 36 -40.41 -3.07 -12.26
N ASN D 37 -41.62 -3.32 -11.75
CA ASN D 37 -42.01 -2.83 -10.43
C ASN D 37 -42.47 -4.00 -9.57
N PRO D 38 -41.61 -4.48 -8.68
CA PRO D 38 -42.01 -5.53 -7.76
C PRO D 38 -42.85 -4.90 -6.68
N GLN D 39 -43.47 -5.73 -5.87
CA GLN D 39 -44.31 -5.11 -4.87
C GLN D 39 -44.06 -5.77 -3.51
N GLU D 40 -43.76 -4.92 -2.54
CA GLU D 40 -43.55 -5.31 -1.17
C GLU D 40 -44.93 -5.51 -0.49
N MET D 41 -44.96 -5.53 0.86
CA MET D 41 -46.07 -5.99 1.69
C MET D 41 -45.67 -5.96 3.17
N VAL D 42 -45.66 -4.78 3.79
CA VAL D 42 -45.31 -4.66 5.20
C VAL D 42 -46.18 -5.56 6.10
N LEU D 43 -45.84 -5.63 7.38
CA LEU D 43 -46.52 -6.40 8.42
C LEU D 43 -45.87 -5.99 9.75
N ALA D 44 -45.89 -4.66 10.04
CA ALA D 44 -45.10 -4.03 11.09
C ALA D 44 -45.47 -4.44 12.53
N ASN D 45 -46.45 -5.33 12.74
CA ASN D 45 -46.68 -5.93 14.07
C ASN D 45 -46.09 -7.34 14.21
N VAL D 46 -45.72 -8.02 13.11
CA VAL D 46 -45.61 -9.48 13.09
C VAL D 46 -44.48 -9.99 13.97
N THR D 47 -43.28 -9.41 13.84
CA THR D 47 -42.12 -9.96 14.57
C THR D 47 -41.87 -11.43 14.29
N GLU D 48 -40.87 -11.72 13.43
CA GLU D 48 -40.39 -13.08 13.22
C GLU D 48 -38.88 -13.14 13.47
N ASN D 49 -38.36 -14.34 13.72
CA ASN D 49 -36.93 -14.50 13.98
C ASN D 49 -36.16 -14.79 12.72
N PHE D 50 -34.98 -14.20 12.54
CA PHE D 50 -34.13 -14.75 11.51
C PHE D 50 -32.81 -15.15 12.14
N ASN D 51 -32.01 -15.88 11.37
CA ASN D 51 -30.65 -16.19 11.79
C ASN D 51 -29.79 -16.22 10.53
N MET D 52 -29.12 -15.09 10.26
CA MET D 52 -28.28 -14.95 9.08
C MET D 52 -27.22 -16.04 8.99
N TRP D 53 -26.83 -16.64 10.12
CA TRP D 53 -25.70 -17.55 10.12
C TRP D 53 -26.08 -18.96 9.73
N LYS D 54 -27.35 -19.21 9.45
CA LYS D 54 -27.87 -20.54 9.18
C LYS D 54 -29.06 -20.30 8.25
N ASN D 55 -28.76 -19.83 7.03
CA ASN D 55 -29.73 -19.27 6.11
C ASN D 55 -29.52 -19.98 4.79
N ASP D 56 -30.46 -20.83 4.41
CA ASP D 56 -30.27 -21.61 3.19
C ASP D 56 -30.09 -20.75 1.94
N MET D 57 -30.58 -19.50 1.95
CA MET D 57 -30.36 -18.65 0.79
C MET D 57 -28.86 -18.49 0.50
N VAL D 58 -28.05 -18.38 1.54
CA VAL D 58 -26.60 -18.34 1.39
C VAL D 58 -26.09 -19.58 0.66
N GLU D 59 -26.51 -20.79 1.07
CA GLU D 59 -26.07 -21.98 0.33
C GLU D 59 -26.41 -21.85 -1.15
N GLN D 60 -27.66 -21.49 -1.46
CA GLN D 60 -28.04 -21.43 -2.87
C GLN D 60 -27.22 -20.40 -3.64
N MET D 61 -27.05 -19.20 -3.09
CA MET D 61 -26.25 -18.21 -3.80
C MET D 61 -24.83 -18.69 -3.99
N HIS D 62 -24.25 -19.28 -2.95
CA HIS D 62 -22.90 -19.80 -3.05
C HIS D 62 -22.80 -20.79 -4.19
N GLU D 63 -23.73 -21.73 -4.26
CA GLU D 63 -23.79 -22.66 -5.39
C GLU D 63 -23.79 -21.90 -6.71
N ASP D 64 -24.61 -20.84 -6.80
CA ASP D 64 -24.73 -20.15 -8.09
C ASP D 64 -23.43 -19.42 -8.45
N ILE D 65 -22.84 -18.70 -7.50
CA ILE D 65 -21.58 -18.03 -7.81
C ILE D 65 -20.49 -19.03 -8.18
N ILE D 66 -20.46 -20.20 -7.53
CA ILE D 66 -19.49 -21.20 -7.96
C ILE D 66 -19.74 -21.57 -9.41
N SER D 67 -21.02 -21.79 -9.77
CA SER D 67 -21.35 -22.09 -11.17
C SER D 67 -20.87 -20.98 -12.09
N LEU D 68 -21.16 -19.74 -11.71
CA LEU D 68 -20.77 -18.59 -12.51
C LEU D 68 -19.25 -18.60 -12.75
N TRP D 69 -18.47 -18.76 -11.69
CA TRP D 69 -17.03 -18.67 -11.83
C TRP D 69 -16.50 -19.82 -12.67
N ASP D 70 -17.09 -21.02 -12.53
CA ASP D 70 -16.60 -22.14 -13.32
C ASP D 70 -16.89 -21.93 -14.79
N GLU D 71 -17.99 -21.25 -15.13
CA GLU D 71 -18.25 -21.06 -16.56
C GLU D 71 -17.58 -19.80 -17.12
N SER D 72 -17.19 -18.85 -16.26
CA SER D 72 -16.64 -17.54 -16.67
C SER D 72 -15.12 -17.42 -16.47
N LEU D 73 -14.62 -17.65 -15.26
CA LEU D 73 -13.19 -17.58 -15.00
C LEU D 73 -12.58 -18.98 -15.00
N LYS D 74 -12.53 -19.58 -16.19
CA LYS D 74 -11.90 -20.89 -16.32
C LYS D 74 -10.40 -20.75 -16.12
N PRO D 75 -9.79 -21.55 -15.26
CA PRO D 75 -8.34 -21.49 -15.09
C PRO D 75 -7.64 -22.32 -16.14
N CYS D 76 -6.44 -21.89 -16.55
CA CYS D 76 -5.61 -22.74 -17.38
C CYS D 76 -5.39 -24.10 -16.72
N VAL D 77 -5.09 -24.11 -15.43
CA VAL D 77 -4.90 -25.40 -14.75
C VAL D 77 -5.69 -25.36 -13.45
N LYS D 78 -6.24 -26.50 -13.06
CA LYS D 78 -6.94 -26.58 -11.80
C LYS D 78 -6.43 -27.84 -11.12
N LEU D 79 -5.81 -27.67 -9.96
CA LEU D 79 -5.26 -28.75 -9.17
C LEU D 79 -6.21 -29.04 -8.02
N THR D 80 -6.77 -30.25 -8.00
CA THR D 80 -7.61 -30.69 -6.89
C THR D 80 -7.24 -32.13 -6.57
N GLY D 81 -7.09 -32.43 -5.29
CA GLY D 81 -6.52 -33.73 -5.00
C GLY D 81 -5.19 -33.83 -5.72
N GLY D 82 -4.97 -34.98 -6.38
CA GLY D 82 -3.80 -35.14 -7.21
C GLY D 82 -4.04 -34.84 -8.67
N SER D 83 -5.32 -34.69 -9.04
CA SER D 83 -5.72 -34.36 -10.40
C SER D 83 -5.34 -32.95 -10.78
N ALA D 84 -5.05 -32.77 -12.07
CA ALA D 84 -4.94 -31.47 -12.70
C ALA D 84 -5.81 -31.48 -13.94
N ILE D 85 -6.71 -30.53 -14.04
CA ILE D 85 -7.56 -30.36 -15.22
C ILE D 85 -6.99 -29.19 -16.01
N THR D 86 -6.94 -29.32 -17.32
CA THR D 86 -6.50 -28.24 -18.19
C THR D 86 -7.61 -27.79 -19.13
N GLN D 87 -7.78 -26.47 -19.28
CA GLN D 87 -8.81 -25.90 -20.15
C GLN D 87 -8.26 -24.67 -20.81
N ALA D 88 -8.99 -24.20 -21.82
CA ALA D 88 -8.72 -22.88 -22.36
C ALA D 88 -9.05 -21.83 -21.31
N CYS D 89 -8.15 -20.85 -21.13
CA CYS D 89 -8.32 -19.79 -20.13
C CYS D 89 -8.22 -18.44 -20.82
N PRO D 90 -9.16 -18.13 -21.72
CA PRO D 90 -9.17 -16.82 -22.35
C PRO D 90 -9.33 -15.74 -21.31
N LYS D 91 -8.67 -14.60 -21.57
CA LYS D 91 -8.98 -13.38 -20.85
C LYS D 91 -10.38 -12.91 -21.22
N VAL D 92 -11.12 -12.41 -20.23
CA VAL D 92 -12.54 -12.18 -20.44
C VAL D 92 -12.95 -10.85 -19.85
N SER D 93 -14.14 -10.42 -20.20
CA SER D 93 -14.68 -9.16 -19.71
C SER D 93 -15.46 -9.45 -18.44
N PHE D 94 -15.00 -8.91 -17.31
CA PHE D 94 -15.41 -9.36 -15.99
C PHE D 94 -15.75 -8.18 -15.10
N ASP D 95 -17.05 -7.94 -14.87
CA ASP D 95 -17.50 -6.89 -13.97
C ASP D 95 -18.84 -7.27 -13.32
N PRO D 96 -18.86 -7.61 -12.03
CA PRO D 96 -20.06 -8.23 -11.46
C PRO D 96 -21.29 -7.34 -11.59
N ILE D 97 -22.42 -7.97 -11.89
CA ILE D 97 -23.71 -7.33 -12.01
C ILE D 97 -24.56 -7.76 -10.83
N PRO D 98 -25.62 -7.04 -10.46
CA PRO D 98 -26.44 -7.47 -9.32
C PRO D 98 -27.35 -8.62 -9.70
N LEU D 99 -27.56 -9.53 -8.74
CA LEU D 99 -28.42 -10.70 -8.88
C LEU D 99 -29.49 -10.65 -7.81
N HIS D 100 -30.72 -10.95 -8.21
CA HIS D 100 -31.84 -10.97 -7.28
C HIS D 100 -32.21 -12.41 -7.02
N TYR D 101 -32.45 -12.75 -5.77
CA TYR D 101 -32.93 -14.09 -5.45
C TYR D 101 -34.41 -14.00 -5.16
N CYS D 102 -35.16 -14.92 -5.75
CA CYS D 102 -36.61 -14.86 -5.85
C CYS D 102 -37.20 -16.16 -5.37
N ALA D 103 -38.32 -16.06 -4.62
CA ALA D 103 -39.04 -17.23 -4.15
C ALA D 103 -40.02 -17.68 -5.23
N PRO D 104 -40.07 -18.97 -5.53
CA PRO D 104 -40.95 -19.44 -6.61
C PRO D 104 -42.37 -19.58 -6.06
N ALA D 105 -43.30 -19.96 -6.94
CA ALA D 105 -44.71 -20.06 -6.60
C ALA D 105 -44.95 -20.79 -5.28
N GLY D 106 -45.67 -20.12 -4.36
CA GLY D 106 -46.08 -20.73 -3.09
C GLY D 106 -45.20 -20.38 -1.90
N PHE D 107 -44.14 -19.66 -2.15
CA PHE D 107 -43.09 -19.23 -1.24
C PHE D 107 -42.96 -17.73 -1.27
N ALA D 108 -42.56 -17.15 -0.15
CA ALA D 108 -42.28 -15.73 -0.16
C ALA D 108 -40.98 -15.49 0.59
N ILE D 109 -40.39 -14.30 0.40
CA ILE D 109 -39.19 -13.95 1.12
C ILE D 109 -39.59 -12.91 2.13
N LEU D 110 -39.46 -13.24 3.41
CA LEU D 110 -39.58 -12.23 4.45
C LEU D 110 -38.31 -11.41 4.49
N LYS D 111 -38.50 -10.10 4.67
CA LYS D 111 -37.43 -9.11 4.71
C LYS D 111 -37.56 -8.33 5.99
N CYS D 112 -36.54 -8.36 6.81
CA CYS D 112 -36.60 -7.61 8.05
C CYS D 112 -36.29 -6.14 7.77
N ASN D 113 -37.09 -5.24 8.36
CA ASN D 113 -37.01 -3.82 8.09
C ASN D 113 -36.38 -3.01 9.21
N ASN D 114 -36.02 -3.64 10.34
CA ASN D 114 -35.34 -2.97 11.45
C ASN D 114 -33.93 -2.54 11.01
N LYS D 115 -33.74 -1.26 10.70
CA LYS D 115 -32.44 -0.83 10.17
C LYS D 115 -31.26 -0.99 11.13
N THR D 116 -31.47 -1.56 12.32
CA THR D 116 -30.33 -1.87 13.19
C THR D 116 -30.18 -3.36 13.44
N PHE D 117 -31.00 -4.18 12.78
CA PHE D 117 -31.05 -5.62 13.03
C PHE D 117 -29.67 -6.26 12.92
N ASN D 118 -29.19 -6.89 14.00
CA ASN D 118 -27.86 -7.44 13.91
C ASN D 118 -27.82 -8.76 13.16
N GLY D 119 -28.95 -9.31 12.75
CA GLY D 119 -28.97 -10.45 11.86
C GLY D 119 -29.35 -11.77 12.49
N THR D 120 -29.42 -11.83 13.82
CA THR D 120 -29.99 -12.97 14.52
C THR D 120 -31.08 -12.49 15.48
N GLY D 121 -32.04 -13.38 15.74
CA GLY D 121 -33.04 -13.12 16.75
C GLY D 121 -34.31 -12.55 16.17
N PRO D 122 -35.19 -12.04 17.02
CA PRO D 122 -36.49 -11.54 16.55
C PRO D 122 -36.42 -10.12 16.01
N CYS D 123 -37.18 -9.89 14.94
CA CYS D 123 -37.24 -8.63 14.23
C CYS D 123 -38.70 -8.23 14.06
N ARG D 124 -38.97 -6.94 14.28
CA ARG D 124 -40.29 -6.37 14.55
C ARG D 124 -41.05 -5.99 13.28
N ASN D 125 -40.58 -4.96 12.57
CA ASN D 125 -41.09 -4.62 11.24
C ASN D 125 -40.63 -5.69 10.26
N VAL D 126 -41.54 -6.22 9.45
CA VAL D 126 -41.22 -7.31 8.54
C VAL D 126 -42.05 -7.12 7.29
N SER D 127 -41.49 -7.39 6.12
CA SER D 127 -42.25 -7.32 4.87
C SER D 127 -42.21 -8.66 4.14
N THR D 128 -43.07 -8.78 3.15
CA THR D 128 -43.07 -9.90 2.23
C THR D 128 -42.68 -9.39 0.86
N VAL D 129 -41.76 -10.10 0.20
CA VAL D 129 -41.23 -9.69 -1.08
C VAL D 129 -41.13 -10.91 -1.99
N GLN D 130 -41.20 -10.63 -3.29
CA GLN D 130 -40.86 -11.63 -4.30
C GLN D 130 -39.37 -11.93 -4.33
N CYS D 131 -38.54 -10.89 -4.23
CA CYS D 131 -37.11 -11.02 -4.48
C CYS D 131 -36.29 -10.14 -3.55
N THR D 132 -35.04 -10.58 -3.33
CA THR D 132 -34.06 -9.77 -2.63
C THR D 132 -33.73 -8.52 -3.45
N HIS D 133 -33.06 -7.58 -2.83
CA HIS D 133 -32.48 -6.54 -3.65
C HIS D 133 -31.40 -7.12 -4.55
N GLY D 134 -30.89 -6.29 -5.45
CA GLY D 134 -29.85 -6.74 -6.37
C GLY D 134 -28.54 -6.87 -5.61
N ILE D 135 -27.96 -8.07 -5.60
CA ILE D 135 -26.72 -8.34 -4.86
C ILE D 135 -25.62 -8.59 -5.87
N LYS D 136 -24.55 -7.76 -5.82
CA LYS D 136 -23.36 -7.98 -6.64
C LYS D 136 -22.48 -9.08 -6.02
N PRO D 137 -22.39 -10.24 -6.63
CA PRO D 137 -21.61 -11.32 -6.01
C PRO D 137 -20.12 -11.05 -6.11
N VAL D 138 -19.57 -10.31 -5.15
CA VAL D 138 -18.20 -9.81 -5.22
C VAL D 138 -17.33 -10.64 -4.28
N VAL D 139 -16.47 -11.46 -4.85
CA VAL D 139 -15.54 -12.28 -4.10
C VAL D 139 -14.39 -11.41 -3.67
N SER D 140 -14.14 -11.32 -2.35
CA SER D 140 -12.94 -10.69 -1.83
C SER D 140 -12.73 -11.17 -0.40
N THR D 141 -11.58 -10.80 0.16
CA THR D 141 -11.31 -11.10 1.56
C THR D 141 -11.05 -9.79 2.28
N GLN D 142 -11.08 -9.84 3.60
CA GLN D 142 -10.71 -8.69 4.44
C GLN D 142 -11.67 -7.54 4.30
N LEU D 143 -11.84 -6.98 3.11
CA LEU D 143 -12.79 -5.91 2.91
C LEU D 143 -13.92 -6.42 2.02
N LEU D 144 -15.16 -6.05 2.35
CA LEU D 144 -16.29 -6.35 1.49
C LEU D 144 -16.54 -5.13 0.59
N LEU D 145 -16.70 -5.36 -0.71
CA LEU D 145 -16.68 -4.30 -1.69
C LEU D 145 -18.00 -4.22 -2.42
N ASN D 146 -18.46 -3.00 -2.67
CA ASN D 146 -19.64 -2.77 -3.50
C ASN D 146 -20.90 -3.36 -2.88
N GLY D 147 -20.97 -3.44 -1.56
CA GLY D 147 -22.16 -3.93 -0.92
C GLY D 147 -23.19 -2.82 -0.72
N SER D 148 -24.18 -3.13 0.12
CA SER D 148 -25.16 -2.14 0.55
C SER D 148 -24.81 -1.65 1.94
N LEU D 149 -24.83 -0.34 2.14
CA LEU D 149 -24.46 0.17 3.46
C LEU D 149 -25.63 0.06 4.43
N ALA D 150 -25.32 -0.19 5.70
CA ALA D 150 -26.31 -0.04 6.77
C ALA D 150 -26.86 1.38 6.71
N GLU D 151 -28.14 1.57 7.11
CA GLU D 151 -28.71 2.87 6.84
C GLU D 151 -28.75 3.78 8.06
N GLU D 152 -28.79 3.19 9.25
CA GLU D 152 -28.62 3.88 10.53
C GLU D 152 -27.14 3.97 10.88
N GLU D 153 -26.77 3.27 11.94
CA GLU D 153 -25.39 3.08 12.39
C GLU D 153 -24.75 1.78 11.92
N ILE D 154 -23.41 1.80 11.90
CA ILE D 154 -22.54 0.65 11.72
C ILE D 154 -23.11 -0.49 12.55
N ILE D 155 -23.07 -1.73 12.03
CA ILE D 155 -23.65 -2.88 12.72
C ILE D 155 -22.63 -4.02 12.80
N ILE D 156 -22.43 -4.58 13.99
CA ILE D 156 -21.54 -5.70 14.20
C ILE D 156 -22.37 -6.96 14.13
N ARG D 157 -22.00 -7.88 13.26
CA ARG D 157 -22.70 -9.14 13.12
C ARG D 157 -21.76 -10.27 13.46
N SER D 158 -22.26 -11.27 14.18
CA SER D 158 -21.44 -12.42 14.45
C SER D 158 -22.32 -13.56 14.93
N GLU D 159 -21.95 -14.78 14.55
CA GLU D 159 -22.71 -15.94 14.99
C GLU D 159 -22.71 -16.00 16.51
N ASN D 160 -21.60 -15.59 17.12
CA ASN D 160 -21.36 -15.63 18.56
C ASN D 160 -20.12 -14.80 18.92
N LEU D 161 -20.32 -13.55 19.37
CA LEU D 161 -19.19 -12.64 19.53
C LEU D 161 -18.22 -13.10 20.59
N THR D 162 -18.63 -13.98 21.50
CA THR D 162 -17.70 -14.51 22.49
C THR D 162 -16.75 -15.52 21.88
N ASN D 163 -17.20 -16.23 20.86
CA ASN D 163 -16.41 -17.30 20.26
C ASN D 163 -15.46 -16.65 19.26
N ASN D 164 -14.22 -16.42 19.67
CA ASN D 164 -13.34 -15.64 18.81
C ASN D 164 -13.05 -16.35 17.48
N ALA D 165 -13.24 -17.66 17.37
CA ALA D 165 -13.11 -18.33 16.08
C ALA D 165 -14.17 -17.95 15.06
N LYS D 166 -15.17 -17.12 15.40
CA LYS D 166 -16.29 -16.80 14.53
C LYS D 166 -16.03 -15.47 13.84
N THR D 167 -16.07 -15.49 12.51
CA THR D 167 -15.89 -14.26 11.75
C THR D 167 -16.88 -13.19 12.17
N ILE D 168 -16.39 -11.96 12.31
CA ILE D 168 -17.23 -10.80 12.60
C ILE D 168 -17.43 -10.01 11.32
N ILE D 169 -18.66 -9.64 11.00
CA ILE D 169 -18.93 -8.83 9.82
C ILE D 169 -19.26 -7.44 10.31
N VAL D 170 -18.45 -6.46 9.99
CA VAL D 170 -18.77 -5.09 10.30
C VAL D 170 -19.48 -4.51 9.08
N HIS D 171 -20.69 -3.99 9.28
CA HIS D 171 -21.48 -3.39 8.21
C HIS D 171 -21.41 -1.86 8.32
N LEU D 172 -20.69 -1.23 7.41
CA LEU D 172 -20.48 0.21 7.51
C LEU D 172 -21.72 0.96 7.05
N ASN D 173 -21.89 2.19 7.55
CA ASN D 173 -22.95 3.07 7.06
C ASN D 173 -22.43 4.16 6.12
N GLU D 174 -21.15 4.21 5.81
CA GLU D 174 -20.59 5.13 4.82
C GLU D 174 -19.49 4.44 4.02
N SER D 175 -19.65 4.42 2.69
CA SER D 175 -18.63 3.91 1.80
C SER D 175 -17.27 4.52 2.14
N VAL D 176 -16.21 3.75 1.92
CA VAL D 176 -14.87 4.29 1.92
C VAL D 176 -14.23 3.86 0.61
N ASN D 177 -13.86 4.83 -0.23
CA ASN D 177 -13.29 4.50 -1.53
C ASN D 177 -11.99 3.73 -1.40
N ILE D 178 -11.81 2.74 -2.26
CA ILE D 178 -10.51 2.12 -2.43
C ILE D 178 -10.29 1.99 -3.92
N VAL D 179 -9.17 2.54 -4.40
CA VAL D 179 -8.87 2.59 -5.82
C VAL D 179 -7.63 1.75 -6.08
N CYS D 180 -7.79 0.69 -6.87
CA CYS D 180 -6.67 -0.21 -7.11
C CYS D 180 -6.32 -0.19 -8.57
N THR D 181 -5.02 -0.13 -8.83
CA THR D 181 -4.54 0.06 -10.18
C THR D 181 -3.23 -0.68 -10.38
N ARG D 182 -3.14 -1.39 -11.50
CA ARG D 182 -1.89 -1.79 -12.12
C ARG D 182 -1.69 -0.85 -13.28
N PRO D 183 -0.72 0.06 -13.22
CA PRO D 183 -0.70 1.17 -14.17
C PRO D 183 -0.12 0.70 -15.50
N ASN D 184 0.31 1.64 -16.33
CA ASN D 184 0.82 1.33 -17.65
C ASN D 184 2.22 1.88 -17.84
N ASN D 193 7.84 -4.07 -13.62
CA ASN D 193 7.04 -5.26 -13.28
C ASN D 193 5.59 -5.17 -13.70
N ILE D 194 5.13 -6.14 -14.51
CA ILE D 194 3.74 -6.11 -14.99
C ILE D 194 2.77 -6.61 -13.90
N ARG D 195 3.25 -7.47 -13.01
CA ARG D 195 2.54 -7.99 -11.84
C ARG D 195 2.50 -7.05 -10.62
N GLN D 196 2.89 -5.78 -10.70
CA GLN D 196 2.85 -4.91 -9.53
C GLN D 196 1.83 -3.78 -9.68
N ALA D 197 1.05 -3.55 -8.60
CA ALA D 197 -0.02 -2.55 -8.56
C ALA D 197 -0.13 -1.98 -7.15
N HIS D 198 -1.09 -1.09 -6.94
CA HIS D 198 -1.23 -0.42 -5.64
C HIS D 198 -2.67 0.06 -5.48
N CYS D 199 -3.05 0.31 -4.23
CA CYS D 199 -4.38 0.83 -3.90
C CYS D 199 -4.28 2.08 -3.03
N ASN D 200 -5.25 2.97 -3.20
CA ASN D 200 -5.28 4.22 -2.46
C ASN D 200 -6.59 4.34 -1.71
N ILE D 201 -6.46 4.56 -0.40
CA ILE D 201 -7.57 4.90 0.47
C ILE D 201 -7.29 6.26 1.11
N ASN D 202 -8.28 7.14 1.11
CA ASN D 202 -8.12 8.44 1.72
C ASN D 202 -7.98 8.24 3.23
N GLU D 203 -6.74 8.34 3.76
CA GLU D 203 -6.50 8.07 5.17
C GLU D 203 -7.46 8.81 6.10
N SER D 204 -7.98 9.97 5.70
CA SER D 204 -8.93 10.68 6.56
C SER D 204 -10.23 9.89 6.75
N LYS D 205 -10.80 9.38 5.66
CA LYS D 205 -12.05 8.67 5.86
C LYS D 205 -11.81 7.30 6.46
N TRP D 206 -10.64 6.70 6.23
CA TRP D 206 -10.34 5.47 6.96
C TRP D 206 -10.27 5.73 8.46
N ASN D 207 -9.40 6.66 8.89
CA ASN D 207 -9.41 7.38 10.17
C ASN D 207 -10.79 7.37 10.82
N ASN D 208 -11.71 8.14 10.23
CA ASN D 208 -13.04 8.23 10.81
C ASN D 208 -13.65 6.86 10.95
N THR D 209 -13.56 6.04 9.90
CA THR D 209 -14.31 4.80 9.87
C THR D 209 -13.85 3.86 10.97
N LEU D 210 -12.56 3.79 11.21
CA LEU D 210 -12.12 2.93 12.29
C LEU D 210 -12.42 3.56 13.65
N GLN D 211 -12.43 4.90 13.75
CA GLN D 211 -13.01 5.58 14.90
C GLN D 211 -14.33 4.91 15.28
N LYS D 212 -15.32 5.09 14.42
CA LYS D 212 -16.69 4.64 14.65
C LYS D 212 -16.75 3.11 14.82
N VAL D 213 -15.96 2.36 14.06
CA VAL D 213 -15.99 0.91 14.23
C VAL D 213 -15.49 0.56 15.63
N GLY D 214 -14.46 1.25 16.10
CA GLY D 214 -13.98 1.02 17.46
C GLY D 214 -15.03 1.34 18.51
N GLU D 215 -15.77 2.43 18.32
CA GLU D 215 -16.87 2.70 19.25
C GLU D 215 -17.80 1.50 19.35
N GLU D 216 -18.31 1.03 18.19
CA GLU D 216 -19.28 -0.07 18.19
C GLU D 216 -18.69 -1.35 18.80
N LEU D 217 -17.47 -1.69 18.40
CA LEU D 217 -16.80 -2.83 19.00
C LEU D 217 -16.63 -2.64 20.49
N ALA D 218 -16.51 -1.38 20.93
CA ALA D 218 -16.30 -1.12 22.35
C ALA D 218 -17.57 -1.40 23.13
N LYS D 219 -18.72 -0.93 22.63
CA LYS D 219 -19.95 -1.35 23.31
C LYS D 219 -20.03 -2.86 23.43
N HIS D 220 -19.50 -3.60 22.47
CA HIS D 220 -19.61 -5.03 22.75
C HIS D 220 -18.49 -5.56 23.65
N PHE D 221 -17.51 -4.73 24.00
CA PHE D 221 -16.26 -5.19 24.60
C PHE D 221 -15.79 -4.09 25.56
N PRO D 222 -16.42 -3.99 26.75
CA PRO D 222 -16.49 -2.69 27.42
C PRO D 222 -15.21 -2.26 28.14
N SER D 223 -14.54 -3.19 28.84
CA SER D 223 -13.43 -2.73 29.69
C SER D 223 -12.18 -2.43 28.87
N LYS D 224 -12.17 -2.71 27.59
CA LYS D 224 -10.93 -3.00 26.89
C LYS D 224 -10.62 -1.99 25.81
N THR D 225 -9.33 -1.88 25.54
CA THR D 225 -8.83 -1.05 24.45
C THR D 225 -8.79 -1.90 23.17
N ILE D 226 -9.19 -1.29 22.06
CA ILE D 226 -9.56 -2.03 20.86
C ILE D 226 -8.46 -1.78 19.83
N LYS D 227 -7.68 -2.82 19.52
CA LYS D 227 -6.54 -2.65 18.61
C LYS D 227 -6.87 -3.32 17.29
N PHE D 228 -6.61 -2.60 16.19
CA PHE D 228 -6.63 -3.16 14.84
C PHE D 228 -5.20 -3.44 14.40
N GLU D 229 -4.96 -4.66 13.93
CA GLU D 229 -3.65 -5.16 13.61
C GLU D 229 -3.77 -6.01 12.36
N PRO D 230 -2.75 -6.04 11.51
CA PRO D 230 -2.88 -6.72 10.22
C PRO D 230 -2.87 -8.21 10.44
N SER D 231 -3.40 -8.94 9.48
CA SER D 231 -3.70 -10.35 9.71
C SER D 231 -2.42 -11.14 9.92
N SER D 232 -2.43 -12.00 10.93
CA SER D 232 -1.24 -12.77 11.30
C SER D 232 -0.74 -13.70 10.18
N GLY D 233 -1.40 -14.84 9.98
CA GLY D 233 -0.87 -15.85 9.08
C GLY D 233 -1.94 -16.51 8.24
N GLY D 234 -1.46 -17.23 7.23
CA GLY D 234 -2.38 -17.95 6.38
C GLY D 234 -1.97 -17.88 4.94
N ASP D 235 -2.83 -18.39 4.06
CA ASP D 235 -2.58 -18.24 2.63
C ASP D 235 -2.60 -16.77 2.27
N LEU D 236 -1.88 -16.42 1.22
CA LEU D 236 -1.88 -15.03 0.81
C LEU D 236 -3.29 -14.50 0.61
N GLU D 237 -4.22 -15.36 0.20
CA GLU D 237 -5.52 -14.85 -0.14
C GLU D 237 -6.26 -14.28 1.07
N ILE D 238 -5.90 -14.70 2.31
CA ILE D 238 -6.55 -14.19 3.52
C ILE D 238 -5.66 -13.26 4.33
N THR D 239 -4.33 -13.31 4.16
CA THR D 239 -3.46 -12.39 4.87
C THR D 239 -3.29 -11.09 4.11
N THR D 240 -3.86 -11.00 2.92
CA THR D 240 -3.92 -9.75 2.18
C THR D 240 -5.34 -9.56 1.71
N HIS D 241 -5.71 -8.34 1.37
CA HIS D 241 -7.02 -8.05 0.82
C HIS D 241 -6.99 -8.50 -0.62
N SER D 242 -7.54 -9.67 -0.92
CA SER D 242 -7.47 -10.18 -2.28
C SER D 242 -8.83 -10.07 -2.94
N PHE D 243 -8.83 -9.95 -4.26
CA PHE D 243 -10.10 -9.77 -4.97
C PHE D 243 -9.79 -9.81 -6.46
N ASN D 244 -10.84 -9.85 -7.29
CA ASN D 244 -10.64 -9.96 -8.72
C ASN D 244 -11.08 -8.68 -9.40
N CYS D 245 -10.16 -8.07 -10.12
CA CYS D 245 -10.42 -6.83 -10.83
C CYS D 245 -10.25 -7.09 -12.31
N ARG D 246 -11.35 -7.05 -13.06
CA ARG D 246 -11.30 -7.10 -14.52
C ARG D 246 -10.61 -8.38 -14.96
N GLY D 247 -10.85 -9.44 -14.20
CA GLY D 247 -10.33 -10.74 -14.51
C GLY D 247 -9.07 -11.10 -13.77
N GLU D 248 -8.36 -10.13 -13.21
CA GLU D 248 -7.05 -10.40 -12.63
C GLU D 248 -7.13 -10.45 -11.11
N PHE D 249 -6.41 -11.39 -10.50
CA PHE D 249 -6.49 -11.60 -9.07
C PHE D 249 -5.47 -10.69 -8.42
N PHE D 250 -5.93 -9.63 -7.78
CA PHE D 250 -5.07 -8.74 -7.00
C PHE D 250 -4.97 -9.24 -5.58
N TYR D 251 -3.79 -9.07 -4.98
CA TYR D 251 -3.55 -9.35 -3.57
C TYR D 251 -2.89 -8.12 -2.99
N CYS D 252 -3.57 -7.42 -2.07
CA CYS D 252 -3.09 -6.12 -1.59
C CYS D 252 -2.74 -6.17 -0.12
N ASN D 253 -1.58 -5.66 0.24
CA ASN D 253 -1.13 -5.65 1.61
C ASN D 253 -1.98 -4.70 2.44
N THR D 254 -2.42 -5.13 3.62
CA THR D 254 -3.26 -4.25 4.43
C THR D 254 -2.63 -3.85 5.75
N SER D 255 -1.32 -4.04 5.92
CA SER D 255 -0.76 -3.76 7.24
C SER D 255 -0.64 -2.25 7.50
N ASP D 256 -0.74 -1.40 6.50
CA ASP D 256 -0.93 0.01 6.81
C ASP D 256 -2.40 0.39 6.94
N LEU D 257 -3.31 -0.58 6.86
CA LEU D 257 -4.74 -0.31 6.98
C LEU D 257 -5.31 -0.81 8.30
N PHE D 258 -5.08 -2.08 8.63
CA PHE D 258 -5.53 -2.64 9.89
C PHE D 258 -4.39 -2.50 10.88
N ASN D 259 -4.27 -1.29 11.41
CA ASN D 259 -3.09 -0.87 12.15
C ASN D 259 -3.43 0.43 12.87
N GLY D 260 -3.86 0.32 14.12
CA GLY D 260 -4.44 1.46 14.81
C GLY D 260 -4.90 1.04 16.18
N THR D 261 -5.04 2.00 17.10
CA THR D 261 -5.54 1.73 18.44
C THR D 261 -6.66 2.70 18.78
N TYR D 262 -7.73 2.17 19.39
CA TYR D 262 -8.85 2.97 19.87
C TYR D 262 -8.94 2.73 21.37
N ARG D 263 -8.59 3.75 22.17
CA ARG D 263 -8.41 3.57 23.61
C ARG D 263 -9.36 4.42 24.42
N ASN D 264 -9.22 5.73 24.37
CA ASN D 264 -9.94 6.54 25.34
C ASN D 264 -11.09 7.21 24.62
N GLY D 265 -12.00 6.41 24.06
CA GLY D 265 -12.98 7.00 23.18
C GLY D 265 -12.40 7.71 21.97
N THR D 266 -11.10 7.53 21.70
CA THR D 266 -10.43 8.10 20.52
C THR D 266 -9.63 7.03 19.78
N TYR D 267 -9.70 7.09 18.44
CA TYR D 267 -8.92 6.23 17.55
C TYR D 267 -7.66 6.96 17.05
N ASN D 268 -6.52 6.27 17.17
CA ASN D 268 -5.21 6.74 16.71
C ASN D 268 -4.77 5.76 15.62
N HIS D 269 -4.61 6.25 14.39
CA HIS D 269 -4.11 5.39 13.32
C HIS D 269 -2.60 5.22 13.39
N THR D 270 -2.14 4.03 13.07
CA THR D 270 -0.77 3.62 13.34
C THR D 270 -0.04 3.06 12.13
N GLY D 271 -0.75 2.58 11.12
CA GLY D 271 -0.10 2.32 9.87
C GLY D 271 0.36 3.60 9.21
N ARG D 272 1.30 3.45 8.30
CA ARG D 272 2.00 4.59 7.76
C ARG D 272 1.22 5.17 6.58
N SER D 273 0.87 6.44 6.66
CA SER D 273 0.16 7.14 5.61
C SER D 273 1.16 8.00 4.83
N SER D 274 0.65 8.89 3.96
CA SER D 274 1.57 9.76 3.22
C SER D 274 0.88 10.74 2.27
N ASN D 275 1.04 12.04 2.50
CA ASN D 275 0.31 13.07 1.76
C ASN D 275 -1.19 12.83 1.87
N GLY D 276 -1.59 12.22 2.99
CA GLY D 276 -2.99 12.11 3.36
C GLY D 276 -3.73 10.89 2.86
N THR D 277 -3.01 9.90 2.30
CA THR D 277 -3.64 8.70 1.77
C THR D 277 -2.77 7.49 2.09
N ILE D 278 -3.46 6.35 2.37
CA ILE D 278 -2.82 5.06 2.60
C ILE D 278 -2.69 4.39 1.25
N THR D 279 -1.54 3.76 1.02
CA THR D 279 -1.26 3.12 -0.27
C THR D 279 -0.80 1.69 -0.03
N LEU D 280 -1.58 0.76 -0.56
CA LEU D 280 -1.34 -0.66 -0.37
C LEU D 280 -0.56 -1.17 -1.56
N GLN D 281 0.47 -1.93 -1.28
CA GLN D 281 1.22 -2.58 -2.33
C GLN D 281 0.49 -3.86 -2.73
N CYS D 282 0.12 -4.00 -4.01
CA CYS D 282 -0.52 -5.22 -4.49
C CYS D 282 0.35 -5.94 -5.52
N LYS D 283 0.24 -7.27 -5.49
CA LYS D 283 0.73 -8.16 -6.54
C LYS D 283 -0.47 -8.68 -7.32
N ILE D 284 -0.39 -8.74 -8.62
CA ILE D 284 -1.31 -9.58 -9.39
C ILE D 284 -0.75 -10.99 -9.43
N LYS D 285 -1.59 -12.01 -9.34
CA LYS D 285 -1.04 -13.36 -9.20
C LYS D 285 -1.70 -14.33 -10.16
N GLN D 286 -0.90 -15.26 -10.70
CA GLN D 286 -1.49 -16.35 -11.48
C GLN D 286 -1.87 -17.58 -10.68
N ILE D 287 -1.26 -17.86 -9.52
CA ILE D 287 -1.54 -19.11 -8.82
C ILE D 287 -2.43 -18.86 -7.61
N ILE D 288 -3.69 -19.23 -7.72
CA ILE D 288 -4.73 -18.86 -6.78
C ILE D 288 -5.11 -20.05 -5.92
N ASN D 289 -5.24 -19.84 -4.61
CA ASN D 289 -5.91 -20.79 -3.75
C ASN D 289 -7.41 -20.57 -3.90
N MET D 290 -8.08 -21.55 -4.47
CA MET D 290 -9.51 -21.43 -4.77
C MET D 290 -10.33 -21.18 -3.51
N TRP D 291 -11.36 -20.31 -3.62
CA TRP D 291 -12.36 -20.17 -2.54
C TRP D 291 -13.48 -21.17 -2.70
N GLN D 292 -13.69 -21.67 -3.92
CA GLN D 292 -14.78 -22.59 -4.17
C GLN D 292 -14.59 -23.91 -3.43
N GLU D 293 -13.36 -24.35 -3.27
CA GLU D 293 -13.08 -25.68 -2.76
C GLU D 293 -11.58 -25.70 -2.47
N VAL D 294 -11.12 -26.76 -1.83
CA VAL D 294 -9.70 -26.86 -1.51
C VAL D 294 -8.96 -27.27 -2.77
N GLY D 295 -8.15 -26.37 -3.30
CA GLY D 295 -7.49 -26.63 -4.57
C GLY D 295 -6.78 -25.37 -5.01
N ARG D 296 -6.01 -25.52 -6.06
CA ARG D 296 -5.25 -24.41 -6.64
C ARG D 296 -5.64 -24.23 -8.09
N ALA D 297 -5.56 -22.99 -8.58
CA ALA D 297 -6.02 -22.66 -9.92
C ALA D 297 -4.99 -21.74 -10.55
N ILE D 298 -4.44 -22.12 -11.70
CA ILE D 298 -3.47 -21.28 -12.39
C ILE D 298 -4.10 -20.59 -13.59
N TYR D 299 -3.82 -19.29 -13.71
CA TYR D 299 -4.36 -18.41 -14.73
C TYR D 299 -3.24 -17.83 -15.59
N ALA D 300 -3.64 -17.25 -16.72
CA ALA D 300 -2.66 -16.68 -17.62
C ALA D 300 -2.17 -15.36 -17.06
N PRO D 301 -1.00 -14.89 -17.48
CA PRO D 301 -0.47 -13.64 -16.93
C PRO D 301 -1.34 -12.47 -17.36
N PRO D 302 -1.15 -11.31 -16.76
CA PRO D 302 -2.20 -10.29 -16.83
C PRO D 302 -2.32 -9.69 -18.22
N ILE D 303 -3.53 -9.21 -18.54
CA ILE D 303 -3.76 -8.35 -19.71
C ILE D 303 -2.82 -7.16 -19.67
N GLU D 304 -2.93 -6.28 -20.66
CA GLU D 304 -2.04 -5.13 -20.81
C GLU D 304 -2.79 -3.82 -20.56
N GLY D 305 -2.03 -2.81 -20.16
CA GLY D 305 -2.59 -1.49 -19.91
C GLY D 305 -3.07 -1.33 -18.48
N GLU D 306 -3.58 -0.14 -18.20
CA GLU D 306 -4.13 0.17 -16.89
C GLU D 306 -5.26 -0.81 -16.55
N ILE D 307 -5.05 -1.61 -15.52
CA ILE D 307 -6.13 -2.36 -14.90
C ILE D 307 -6.53 -1.57 -13.67
N THR D 308 -7.76 -1.07 -13.64
CA THR D 308 -8.17 -0.26 -12.50
C THR D 308 -9.56 -0.61 -12.03
N CYS D 309 -9.69 -0.77 -10.71
CA CYS D 309 -10.99 -0.94 -10.06
C CYS D 309 -11.17 0.16 -9.04
N ASN D 310 -12.33 0.82 -9.11
CA ASN D 310 -12.69 1.91 -8.22
C ASN D 310 -13.87 1.42 -7.39
N SER D 311 -13.61 0.96 -6.17
CA SER D 311 -14.64 0.22 -5.44
C SER D 311 -14.96 0.93 -4.14
N ASN D 312 -16.17 0.65 -3.61
CA ASN D 312 -16.61 1.14 -2.31
C ASN D 312 -16.36 0.06 -1.25
N ILE D 313 -15.43 0.28 -0.33
CA ILE D 313 -15.39 -0.56 0.87
C ILE D 313 -16.67 -0.31 1.65
N THR D 314 -17.54 -1.32 1.77
CA THR D 314 -18.79 -1.16 2.51
C THR D 314 -18.95 -2.12 3.69
N GLY D 315 -17.92 -2.86 4.06
CA GLY D 315 -17.97 -3.68 5.26
C GLY D 315 -16.61 -4.28 5.47
N LEU D 316 -16.38 -4.80 6.66
CA LEU D 316 -15.13 -5.48 6.94
C LEU D 316 -15.42 -6.88 7.43
N LEU D 317 -14.45 -7.76 7.26
CA LEU D 317 -14.49 -9.09 7.86
C LEU D 317 -13.34 -9.15 8.87
N LEU D 318 -13.68 -9.27 10.16
CA LEU D 318 -12.67 -9.26 11.21
C LEU D 318 -12.64 -10.57 11.96
N LEU D 319 -11.55 -10.79 12.68
CA LEU D 319 -11.46 -11.89 13.62
C LEU D 319 -10.72 -11.40 14.85
N ARG D 320 -11.20 -11.80 16.02
CA ARG D 320 -10.68 -11.38 17.31
C ARG D 320 -9.69 -12.41 17.83
N ASP D 321 -8.63 -11.97 18.48
CA ASP D 321 -7.73 -12.96 19.08
C ASP D 321 -8.34 -13.62 20.31
N ASP D 330 -7.55 -4.45 29.95
CA ASP D 330 -6.91 -5.36 29.03
C ASP D 330 -7.33 -5.00 27.59
N THR D 331 -6.82 -5.76 26.63
CA THR D 331 -6.99 -5.43 25.21
C THR D 331 -7.74 -6.53 24.44
N GLU D 332 -8.52 -6.09 23.46
CA GLU D 332 -9.04 -6.95 22.41
C GLU D 332 -8.43 -6.50 21.10
N THR D 333 -7.88 -7.45 20.33
CA THR D 333 -7.27 -7.19 19.04
C THR D 333 -8.07 -7.80 17.90
N PHE D 334 -8.29 -7.01 16.85
CA PHE D 334 -9.02 -7.42 15.68
C PHE D 334 -8.12 -7.37 14.45
N ARG D 335 -8.06 -8.48 13.73
CA ARG D 335 -7.28 -8.55 12.51
C ARG D 335 -8.20 -8.86 11.35
N PRO D 336 -7.84 -8.47 10.13
CA PRO D 336 -8.72 -8.75 9.01
C PRO D 336 -8.81 -10.24 8.81
N GLY D 337 -9.96 -10.69 8.31
CA GLY D 337 -10.13 -12.11 8.02
C GLY D 337 -10.79 -12.37 6.68
N GLY D 338 -11.39 -13.54 6.50
CA GLY D 338 -12.03 -13.88 5.25
C GLY D 338 -11.62 -15.26 4.78
N GLY D 339 -12.13 -15.64 3.63
CA GLY D 339 -11.77 -16.90 3.00
C GLY D 339 -12.96 -17.79 2.73
N ASP D 340 -14.06 -17.62 3.51
CA ASP D 340 -15.26 -18.43 3.37
C ASP D 340 -16.24 -17.54 2.63
N MET D 341 -16.38 -17.74 1.33
CA MET D 341 -17.10 -16.71 0.61
C MET D 341 -18.54 -16.62 1.01
N ARG D 342 -19.07 -17.58 1.75
CA ARG D 342 -20.46 -17.47 2.15
C ARG D 342 -20.66 -16.25 3.05
N ASP D 343 -19.67 -15.94 3.89
CA ASP D 343 -19.78 -14.74 4.70
C ASP D 343 -20.04 -13.51 3.83
N ASN D 344 -19.41 -13.43 2.66
CA ASN D 344 -19.74 -12.31 1.78
C ASN D 344 -21.23 -12.31 1.47
N TRP D 345 -21.74 -13.41 0.93
CA TRP D 345 -23.18 -13.51 0.68
C TRP D 345 -23.99 -13.23 1.96
N ARG D 346 -23.56 -13.74 3.11
CA ARG D 346 -24.33 -13.49 4.33
C ARG D 346 -24.51 -11.99 4.53
N SER D 347 -23.42 -11.24 4.40
CA SER D 347 -23.46 -9.81 4.63
C SER D 347 -24.61 -9.14 3.90
N GLU D 348 -25.02 -9.68 2.74
CA GLU D 348 -26.11 -9.08 1.99
C GLU D 348 -27.45 -9.78 2.18
N LEU D 349 -27.45 -11.09 2.45
CA LEU D 349 -28.68 -11.87 2.57
C LEU D 349 -29.17 -11.90 4.00
N TYR D 350 -28.48 -11.22 4.91
CA TYR D 350 -28.78 -11.39 6.32
C TYR D 350 -30.21 -11.03 6.65
N LYS D 351 -30.85 -10.19 5.85
CA LYS D 351 -32.11 -9.64 6.31
C LYS D 351 -33.27 -10.30 5.63
N TYR D 352 -33.06 -11.50 5.07
CA TYR D 352 -34.05 -12.22 4.30
C TYR D 352 -34.12 -13.66 4.77
N LYS D 353 -35.33 -14.21 4.84
CA LYS D 353 -35.52 -15.65 4.89
C LYS D 353 -36.67 -16.06 4.00
N VAL D 354 -36.67 -17.30 3.57
CA VAL D 354 -37.71 -17.83 2.70
C VAL D 354 -38.72 -18.57 3.56
N VAL D 355 -40.02 -18.40 3.28
CA VAL D 355 -41.00 -19.00 4.17
C VAL D 355 -42.10 -19.59 3.29
N GLU D 356 -42.78 -20.58 3.91
CA GLU D 356 -44.08 -21.16 3.50
C GLU D 356 -43.98 -22.25 2.43
C1 NAG E . -7.18 22.60 -25.97
C2 NAG E . -7.56 24.03 -25.58
C3 NAG E . -7.07 25.03 -26.64
C4 NAG E . -5.61 24.79 -27.01
C5 NAG E . -5.36 23.31 -27.27
C6 NAG E . -3.90 22.97 -27.45
C7 NAG E . -9.60 23.91 -24.25
C8 NAG E . -11.09 24.06 -24.27
N2 NAG E . -8.99 24.15 -25.41
O3 NAG E . -7.22 26.36 -26.15
O4 NAG E . -5.36 25.51 -28.21
O5 NAG E . -5.82 22.51 -26.16
O6 NAG E . -3.70 21.62 -27.09
O7 NAG E . -8.99 23.59 -23.24
C1 NAG F . -27.78 3.58 -18.38
C2 NAG F . -29.24 3.62 -18.79
C3 NAG F . -30.08 2.80 -17.80
C4 NAG F . -29.55 1.38 -17.72
C5 NAG F . -28.09 1.41 -17.29
C6 NAG F . -27.46 0.04 -17.29
C7 NAG F . -30.27 5.51 -19.95
C8 NAG F . -30.72 6.94 -19.84
N2 NAG F . -29.73 4.99 -18.86
O3 NAG F . -31.45 2.83 -18.17
O4 NAG F . -30.27 0.65 -16.74
O5 NAG F . -27.35 2.20 -18.24
O6 NAG F . -27.19 -0.41 -18.61
O7 NAG F . -30.41 4.88 -21.00
C1 NAG G . -10.41 13.76 -11.14
C2 NAG G . -9.27 13.22 -10.31
C3 NAG G . -9.18 14.00 -9.02
C4 NAG G . -8.93 15.47 -9.34
C5 NAG G . -10.06 15.98 -10.25
C6 NAG G . -9.88 17.42 -10.69
C7 NAG G . -10.35 11.24 -9.33
C8 NAG G . -11.32 12.19 -8.71
N2 NAG G . -9.39 11.79 -10.08
O3 NAG G . -8.17 13.46 -8.17
O4 NAG G . -8.90 16.24 -8.15
O5 NAG G . -10.16 15.18 -11.44
O6 NAG G . -9.55 17.52 -12.07
O7 NAG G . -10.43 10.02 -9.19
C1 NAG H . -38.03 23.85 -11.84
C2 NAG H . -38.87 24.76 -12.75
C3 NAG H . -38.76 26.20 -12.28
C4 NAG H . -39.22 26.30 -10.84
C5 NAG H . -38.33 25.41 -9.99
C6 NAG H . -38.69 25.40 -8.53
C7 NAG H . -39.07 23.90 -15.05
C8 NAG H . -38.50 23.98 -16.44
N2 NAG H . -38.45 24.66 -14.13
O3 NAG H . -39.48 27.08 -13.15
O4 NAG H . -39.10 27.65 -10.39
O5 NAG H . -38.45 24.04 -10.45
O6 NAG H . -39.76 24.49 -8.31
O7 NAG H . -40.02 23.15 -14.75
C1 NAG I . -31.23 27.16 -5.69
C2 NAG I . -31.93 28.10 -6.66
C3 NAG I . -32.95 28.96 -5.91
C4 NAG I . -33.93 28.10 -5.13
C5 NAG I . -33.17 27.17 -4.19
C6 NAG I . -34.11 26.19 -3.51
C7 NAG I . -31.13 29.53 -8.51
C8 NAG I . -30.01 30.40 -8.98
N2 NAG I . -30.96 28.96 -7.30
O3 NAG I . -33.70 29.75 -6.83
O4 NAG I . -34.75 28.94 -4.32
O5 NAG I . -32.22 26.39 -4.92
O6 NAG I . -33.57 24.87 -3.58
O7 NAG I . -32.14 29.33 -9.18
C1 NAG J . -12.94 32.47 -29.86
C2 NAG J . -11.67 32.71 -30.72
C3 NAG J . -11.61 34.11 -31.39
C4 NAG J . -12.38 35.23 -30.67
C5 NAG J . -13.45 34.74 -29.71
C6 NAG J . -14.67 35.63 -29.71
C7 NAG J . -9.58 31.53 -30.24
C8 NAG J . -8.39 31.42 -29.33
N2 NAG J . -10.46 32.48 -29.94
O3 NAG J . -11.99 33.98 -32.76
O4 NAG J . -11.47 36.10 -30.01
O5 NAG J . -13.89 33.45 -30.13
O6 NAG J . -15.70 35.17 -28.86
O7 NAG J . -9.73 30.78 -31.22
C13 Y1X K . -32.79 20.95 -31.60
C17 Y1X K . -33.98 18.26 -28.17
C20 Y1X K . -36.16 15.38 -27.36
C21 Y1X K . -36.19 14.16 -26.72
C22 Y1X K . -35.17 13.87 -25.84
C24 Y1X K . -34.18 14.79 -25.66
C26 Y1X K . -34.13 16.01 -26.29
C02 Y1X K . -30.67 20.97 -32.82
C04 Y1X K . -31.05 22.38 -30.72
C05 Y1X K . -32.11 22.43 -29.79
C06 Y1X K . -32.07 23.26 -28.69
C07 Y1X K . -30.96 24.07 -28.50
C08 Y1X K . -29.89 24.07 -29.41
C09 Y1X K . -28.74 25.03 -29.10
C11 Y1X K . -26.50 24.41 -29.83
C12 Y1X K . -29.92 23.20 -30.54
C14 Y1X K . -33.20 21.39 -30.23
C16 Y1X K . -34.13 19.48 -29.05
C19 Y1X K . -35.16 16.31 -27.12
C29 Y1X K . -33.73 21.56 -32.66
C31 Y1X K . -36.26 21.32 -32.51
C35 Y1X K . -30.43 19.39 -34.50
C36 Y1X K . -30.94 19.49 -35.94
F25 Y1X K . -33.20 14.45 -24.80
N03 Y1X K . -31.46 21.41 -31.71
N10 Y1X K . -27.76 25.07 -30.17
N15 Y1X K . -32.99 20.27 -29.41
N18 Y1X K . -35.20 17.55 -27.87
N30 Y1X K . -34.93 20.74 -32.73
N32 Y1X K . -36.39 22.74 -32.24
N33 Y1X K . -37.30 20.60 -32.55
O01 Y1X K . -29.51 21.24 -32.93
O27 Y1X K . -32.91 17.94 -27.76
O28 Y1X K . -35.18 19.81 -29.45
O34 Y1X K . -31.31 20.22 -33.79
CL23 Y1X K . -35.07 12.35 -24.95
C1 NAG L . 43.15 -19.94 -1.24
C2 NAG L . 42.84 -18.49 -0.88
C3 NAG L . 43.44 -17.53 -1.91
C4 NAG L . 44.90 -17.87 -2.18
C5 NAG L . 45.10 -19.36 -2.42
C6 NAG L . 46.55 -19.78 -2.48
C7 NAG L . 40.69 -18.48 0.31
C8 NAG L . 39.22 -18.24 0.19
N2 NAG L . 41.40 -18.29 -0.81
O3 NAG L . 43.34 -16.20 -1.45
O4 NAG L . 45.28 -17.17 -3.35
O5 NAG L . 44.52 -20.11 -1.33
O6 NAG L . 46.64 -21.15 -2.10
O7 NAG L . 41.21 -18.82 1.36
C1 NAG M . 21.01 -37.67 5.06
C2 NAG M . 19.59 -37.55 4.54
C3 NAG M . 18.65 -38.31 5.48
C4 NAG M . 19.07 -39.76 5.61
C5 NAG M . 20.50 -39.81 6.14
C6 NAG M . 21.06 -41.21 6.20
C7 NAG M . 18.74 -35.61 3.30
C8 NAG M . 18.39 -34.16 3.38
N2 NAG M . 19.19 -36.16 4.44
O3 NAG M . 17.30 -38.20 5.02
O4 NAG M . 18.25 -40.43 6.55
O5 NAG M . 21.35 -39.08 5.24
O6 NAG M . 21.39 -41.69 4.90
O7 NAG M . 18.65 -36.26 2.25
C1 NAG N . 38.40 -28.42 13.41
C2 NAG N . 39.45 -29.00 14.31
C3 NAG N . 39.50 -28.21 15.61
C4 NAG N . 39.85 -26.77 15.28
C5 NAG N . 38.82 -26.21 14.30
C6 NAG N . 39.11 -24.78 13.86
C7 NAG N . 38.20 -30.91 15.22
C8 NAG N . 37.24 -29.90 15.78
N2 NAG N . 39.24 -30.42 14.55
O3 NAG N . 40.42 -28.80 16.52
O4 NAG N . 39.85 -25.98 16.48
O5 NAG N . 38.75 -27.01 13.11
O6 NAG N . 39.54 -24.72 12.51
O7 NAG N . 38.03 -32.12 15.38
C1 NAG O . 11.52 -16.77 10.72
C2 NAG O . 10.81 -15.83 9.74
C3 NAG O . 10.97 -14.39 10.21
C4 NAG O . 10.42 -14.25 11.62
C5 NAG O . 11.19 -15.18 12.53
C6 NAG O . 10.73 -15.14 13.96
C7 NAG O . 10.72 -16.70 7.44
C8 NAG O . 11.39 -16.67 6.09
N2 NAG O . 11.32 -15.97 8.39
O3 NAG O . 10.37 -13.48 9.29
O4 NAG O . 10.57 -12.90 12.07
O5 NAG O . 11.03 -16.54 12.07
O6 NAG O . 9.60 -15.99 14.11
O7 NAG O . 9.70 -17.39 7.67
C1 NAG P . 18.08 -13.78 17.29
C2 NAG P . 17.49 -12.81 16.28
C3 NAG P . 16.47 -11.89 16.94
C4 NAG P . 15.40 -12.69 17.66
C5 NAG P . 16.03 -13.64 18.66
C6 NAG P . 15.00 -14.57 19.27
C7 NAG P . 18.50 -11.46 14.48
C8 NAG P . 19.69 -10.66 14.07
N2 NAG P . 18.56 -12.03 15.69
O3 NAG P . 15.84 -11.08 15.96
O4 NAG P . 14.58 -11.80 18.40
O5 NAG P . 16.99 -14.49 17.99
O6 NAG P . 15.47 -15.91 19.26
O7 NAG P . 17.52 -11.60 13.74
C1 NAG Q . 38.26 -9.81 -5.58
C2 NAG Q . 39.60 -9.65 -6.36
C3 NAG Q . 39.77 -8.27 -7.04
C4 NAG Q . 39.03 -7.10 -6.39
C5 NAG Q . 37.87 -7.51 -5.50
C6 NAG Q . 36.70 -6.55 -5.58
C7 NAG Q . 41.58 -10.95 -5.73
C8 NAG Q . 42.69 -11.11 -4.74
N2 NAG Q . 40.73 -9.94 -5.49
O3 NAG Q . 39.48 -8.39 -8.42
O4 NAG Q . 39.93 -6.27 -5.67
O5 NAG Q . 37.38 -8.78 -5.94
O6 NAG Q . 35.58 -6.96 -4.80
O7 NAG Q . 41.45 -11.70 -6.71
C13 Y1X R . 17.93 -20.19 -8.61
C17 Y1X R . 16.36 -22.77 -5.25
C20 Y1X R . 13.96 -25.51 -4.57
C21 Y1X R . 13.82 -26.72 -3.92
C22 Y1X R . 14.76 -27.06 -2.98
C24 Y1X R . 15.79 -26.20 -2.73
C26 Y1X R . 15.95 -24.99 -3.36
C02 Y1X R . 20.14 -20.30 -9.68
C04 Y1X R . 19.70 -18.87 -7.62
C05 Y1X R . 18.58 -18.73 -6.77
C06 Y1X R . 18.59 -17.90 -5.67
C07 Y1X R . 19.73 -17.14 -5.42
C08 Y1X R . 20.87 -17.23 -6.25
C09 Y1X R . 22.03 -16.33 -5.86
C11 Y1X R . 24.28 -17.08 -6.44
C12 Y1X R . 20.85 -18.10 -7.37
C14 Y1X R . 17.46 -19.72 -7.27
C16 Y1X R . 16.34 -21.55 -6.15
C19 Y1X R . 15.00 -24.64 -4.27
C29 Y1X R . 17.10 -19.55 -9.73
C31 Y1X R . 14.57 -19.64 -9.76
C35 Y1X R . 20.39 -21.92 -11.33
C36 Y1X R . 20.00 -21.82 -12.80
F25 Y1X R . 16.69 -26.58 -1.80
N03 Y1X R . 19.29 -19.81 -8.62
N10 Y1X R . 23.08 -16.35 -6.87
N15 Y1X R . 17.55 -20.84 -6.44
N18 Y1X R . 15.09 -23.42 -5.03
N30 Y1X R . 15.86 -20.29 -9.88
N32 Y1X R . 14.50 -18.22 -9.52
N33 Y1X R . 13.50 -20.30 -9.86
O01 Y1X R . 21.30 -20.10 -9.71
O27 Y1X R . 17.38 -23.15 -4.77
O28 Y1X R . 15.34 -21.17 -6.63
O34 Y1X R . 19.52 -21.04 -10.68
CL23 Y1X R . 14.72 -28.58 -2.07
C1 NAG S . 32.27 14.95 14.57
C2 NAG S . 31.93 13.51 14.95
C3 NAG S . 33.17 12.80 15.52
C4 NAG S . 34.38 12.98 14.62
C5 NAG S . 34.54 14.44 14.23
C6 NAG S . 35.60 14.67 13.18
C7 NAG S . 29.57 13.48 15.60
C8 NAG S . 28.60 13.48 16.74
N2 NAG S . 30.86 13.50 15.94
O3 NAG S . 32.89 11.41 15.67
O4 NAG S . 35.51 12.59 15.38
O5 NAG S . 33.32 14.96 13.66
O6 NAG S . 35.29 15.84 12.46
O7 NAG S . 29.20 13.44 14.42
C1 NAG T . 10.31 33.16 20.06
C2 NAG T . 9.64 33.39 21.40
C3 NAG T . 8.25 33.97 21.18
C4 NAG T . 8.35 35.27 20.38
C5 NAG T . 9.02 34.97 19.06
C6 NAG T . 9.25 36.22 18.23
C7 NAG T . 10.05 31.99 23.38
C8 NAG T . 9.87 30.63 23.99
N2 NAG T . 9.55 32.14 22.14
O3 NAG T . 7.59 34.18 22.43
O4 NAG T . 7.05 35.76 20.11
O5 NAG T . 10.31 34.41 19.30
O6 NAG T . 10.34 36.98 18.75
O7 NAG T . 10.63 32.90 23.97
C1 NAG U . 18.09 19.71 5.35
C2 NAG U . 18.19 19.88 3.85
C3 NAG U . 17.41 18.78 3.17
C4 NAG U . 18.01 17.43 3.57
C5 NAG U . 17.99 17.30 5.10
C6 NAG U . 18.63 16.03 5.62
C7 NAG U . 16.48 21.63 3.53
C8 NAG U . 15.50 20.64 4.09
N2 NAG U . 17.74 21.20 3.44
O3 NAG U . 17.39 18.97 1.77
O4 NAG U . 17.27 16.37 2.99
O5 NAG U . 18.67 18.41 5.73
O6 NAG U . 19.86 16.27 6.26
O7 NAG U . 16.15 22.76 3.19
C1 NAG V . 1.43 13.00 28.65
C2 NAG V . 1.66 12.48 30.07
C3 NAG V . 1.58 10.96 30.06
C4 NAG V . 0.24 10.50 29.52
C5 NAG V . 0.10 11.05 28.10
C6 NAG V . -1.21 10.68 27.45
C7 NAG V . 3.09 13.94 31.44
C8 NAG V . 4.49 14.18 31.92
N2 NAG V . 2.94 12.90 30.60
O3 NAG V . 1.86 10.42 31.35
O4 NAG V . 0.17 9.08 29.49
O5 NAG V . 0.17 12.48 28.13
O6 NAG V . -2.20 11.61 27.86
O7 NAG V . 2.13 14.67 31.77
C1 NAG W . 1.98 7.49 20.62
C2 NAG W . 2.33 6.92 21.99
C3 NAG W . 1.22 6.00 22.49
C4 NAG W . -0.12 6.71 22.49
C5 NAG W . -0.42 7.27 21.11
C6 NAG W . -1.68 8.12 21.13
C7 NAG W . 4.41 5.98 22.93
C8 NAG W . 5.64 5.16 22.63
N2 NAG W . 3.58 6.19 21.90
O3 NAG W . 1.50 5.57 23.82
O4 NAG W . -1.14 5.77 22.80
O5 NAG W . 0.65 8.11 20.67
O6 NAG W . -1.45 9.33 20.43
O7 NAG W . 4.21 6.45 24.05
C1 NAG X . 32.59 7.14 23.76
C2 NAG X . 34.10 7.01 23.42
C3 NAG X . 34.81 5.86 24.17
C4 NAG X . 33.93 4.67 24.56
C5 NAG X . 32.44 4.97 24.62
C6 NAG X . 31.75 4.24 25.75
C7 NAG X . 34.99 7.81 21.29
C8 NAG X . 35.11 7.54 19.81
N2 NAG X . 34.31 6.90 21.99
O3 NAG X . 35.54 6.38 25.27
O4 NAG X . 34.17 3.56 23.70
O5 NAG X . 32.28 6.37 24.87
O6 NAG X . 30.37 4.57 25.85
O7 NAG X . 35.50 8.80 21.82
C13 Y1X Y . 18.95 20.62 36.49
C17 Y1X Y . 15.29 22.39 34.52
C20 Y1X Y . 12.84 25.14 34.88
C21 Y1X Y . 12.18 26.14 34.18
C22 Y1X Y . 12.20 26.08 32.81
C24 Y1X Y . 12.85 25.05 32.19
C26 Y1X Y . 13.51 24.05 32.87
C02 Y1X Y . 21.27 20.72 35.71
C04 Y1X Y . 19.67 18.85 35.02
C05 Y1X Y . 18.29 18.64 35.23
C06 Y1X Y . 17.63 17.55 34.71
C07 Y1X Y . 18.35 16.60 33.99
C08 Y1X Y . 19.74 16.76 33.78
C09 Y1X Y . 20.40 15.63 32.99
C11 Y1X Y . 22.36 16.20 31.64
C12 Y1X Y . 20.41 17.90 34.28
C14 Y1X Y . 17.73 19.87 36.05
C16 Y1X Y . 15.99 21.46 35.50
C19 Y1X Y . 13.46 24.08 34.23
C29 Y1X Y . 19.17 20.42 38.00
C31 Y1X Y . 17.34 20.87 39.71
C35 Y1X Y . 22.43 22.67 36.17
C36 Y1X Y . 23.16 23.02 37.48
F25 Y1X Y . 12.84 25.03 30.85
N03 Y1X Y . 19.98 20.08 35.70
N10 Y1X Y . 21.85 15.78 32.95
N15 Y1X Y . 17.13 20.70 35.09
N18 Y1X Y . 14.15 23.12 35.04
N30 Y1X Y . 18.30 21.34 38.72
N32 Y1X Y . 17.25 19.45 40.00
N33 Y1X Y . 16.57 21.67 40.31
O01 Y1X Y . 22.17 20.38 35.00
O27 Y1X Y . 15.66 22.48 33.38
O28 Y1X Y . 15.62 21.37 36.61
O34 Y1X Y . 21.44 21.77 36.59
CL23 Y1X Y . 11.41 27.29 31.78
N1 IMD Z . -0.10 8.51 10.92
C2 IMD Z . -0.04 7.64 11.96
N3 IMD Z . -0.50 8.24 13.07
C4 IMD Z . -0.90 9.48 12.70
C5 IMD Z . -0.66 9.67 11.33
HN1 IMD Z . 0.20 8.32 10.01
H2 IMD Z . 0.34 6.73 11.93
HN3 IMD Z . -0.58 7.86 13.96
H4 IMD Z . -1.33 10.15 13.29
H5 IMD Z . -0.84 10.47 10.79
C1 NAG AA . -27.74 -9.88 18.25
C2 NAG AA . -26.62 -10.15 19.27
C3 NAG AA . -27.00 -11.31 20.18
C4 NAG AA . -28.40 -11.13 20.76
C5 NAG AA . -29.40 -10.76 19.65
C6 NAG AA . -30.75 -10.38 20.19
C7 NAG AA . -24.51 -9.51 18.20
C8 NAG AA . -23.29 -10.00 17.48
N2 NAG AA . -25.38 -10.44 18.57
O3 NAG AA . -26.07 -11.40 21.25
O4 NAG AA . -28.79 -12.38 21.31
O5 NAG AA . -28.92 -9.62 18.92
O6 NAG AA . -31.37 -9.51 19.25
O7 NAG AA . -24.69 -8.32 18.45
C1 NAG BA . -17.19 -2.13 -7.68
C2 NAG BA . -16.22 -2.92 -8.54
C3 NAG BA . -15.51 -1.99 -9.52
C4 NAG BA . -16.53 -1.25 -10.37
C5 NAG BA . -17.46 -0.47 -9.45
C6 NAG BA . -18.57 0.22 -10.21
C7 NAG BA . -15.05 -4.93 -7.76
C8 NAG BA . -14.00 -5.47 -6.82
N2 NAG BA . -15.25 -3.62 -7.71
O3 NAG BA . -14.59 -2.71 -10.32
O4 NAG BA . -15.88 -0.32 -11.22
O5 NAG BA . -18.09 -1.38 -8.54
O6 NAG BA . -19.57 -0.72 -10.61
O7 NAG BA . -15.70 -5.67 -8.51
C1 NAG CA . -22.81 5.57 11.46
C2 NAG CA . -23.59 6.83 11.81
C3 NAG CA . -22.73 7.72 12.68
C4 NAG CA . -22.39 6.97 13.96
C5 NAG CA . -21.68 5.65 13.61
C6 NAG CA . -21.36 4.79 14.81
C7 NAG CA . -23.23 8.09 9.73
C8 NAG CA . -21.77 8.03 10.05
N2 NAG CA . -24.05 7.52 10.62
O3 NAG CA . -23.40 8.95 12.94
O4 NAG CA . -21.54 7.75 14.79
O5 NAG CA . -22.49 4.85 12.72
O6 NAG CA . -22.16 3.63 14.87
O7 NAG CA . -23.66 8.65 8.72
C1 NAG DA . 2.89 -6.60 3.97
C2 NAG DA . 3.56 -7.97 4.10
C3 NAG DA . 4.34 -8.05 5.40
C4 NAG DA . 5.37 -6.93 5.44
C5 NAG DA . 4.64 -5.60 5.34
C6 NAG DA . 5.57 -4.41 5.35
C7 NAG DA . 2.31 -9.76 2.94
C8 NAG DA . 1.31 -10.86 3.12
N2 NAG DA . 2.58 -9.05 4.05
O3 NAG DA . 4.91 -9.33 5.58
O4 NAG DA . 6.10 -6.98 6.66
O5 NAG DA . 3.92 -5.55 4.10
O6 NAG DA . 6.06 -4.19 4.04
O7 NAG DA . 2.84 -9.50 1.84
C1 NAG EA . 1.82 -0.39 11.42
C2 NAG EA . 2.37 -1.80 11.64
C3 NAG EA . 3.89 -1.73 11.86
C4 NAG EA . 4.58 -1.00 10.74
C5 NAG EA . 3.99 0.38 10.54
C6 NAG EA . 4.55 1.06 9.33
C7 NAG EA . 1.61 -3.72 12.97
C8 NAG EA . 0.92 -4.14 14.24
N2 NAG EA . 1.72 -2.40 12.78
O3 NAG EA . 4.42 -3.05 11.95
O4 NAG EA . 5.95 -0.82 11.08
O5 NAG EA . 2.57 0.28 10.35
O6 NAG EA . 3.51 1.64 8.56
O7 NAG EA . 2.00 -4.54 12.14
C1 NAG FA . -20.46 -18.54 22.43
C2 NAG FA . -21.71 -19.02 23.22
C3 NAG FA . -21.41 -20.11 24.27
C4 NAG FA . -19.99 -20.10 24.86
C5 NAG FA . -18.96 -19.38 24.00
C6 NAG FA . -17.60 -20.05 24.05
C7 NAG FA . -23.66 -17.58 23.50
C8 NAG FA . -24.23 -16.38 24.23
N2 NAG FA . -22.41 -17.91 23.83
O3 NAG FA . -21.76 -21.38 23.75
O4 NAG FA . -19.99 -19.57 26.18
O5 NAG FA . -19.39 -19.41 22.65
O6 NAG FA . -16.64 -19.41 23.20
O7 NAG FA . -24.31 -18.22 22.67
C13 Y1X GA . -11.12 -21.58 1.62
C17 Y1X GA . -9.93 -17.91 -0.73
C20 Y1X GA . -9.20 -16.76 -4.18
C21 Y1X GA . -9.46 -15.76 -5.09
C22 Y1X GA . -10.00 -14.59 -4.62
C24 Y1X GA . -10.27 -14.47 -3.28
C26 Y1X GA . -10.02 -15.46 -2.36
C02 Y1X GA . -13.28 -22.07 2.65
C04 Y1X GA . -11.43 -20.81 3.89
C05 Y1X GA . -10.18 -20.32 3.47
C06 Y1X GA . -9.35 -19.62 4.33
C07 Y1X GA . -9.75 -19.44 5.65
C08 Y1X GA . -10.98 -19.94 6.11
C09 Y1X GA . -11.29 -19.68 7.58
C11 Y1X GA . -13.63 -19.47 8.24
C12 Y1X GA . -11.85 -20.64 5.22
C14 Y1X GA . -10.00 -20.63 1.95
C16 Y1X GA . -9.64 -19.17 0.05
C19 Y1X GA . -9.44 -16.60 -2.82
C29 Y1X GA . -10.56 -23.01 1.42
C31 Y1X GA . -8.66 -23.52 -0.19
C35 Y1X GA . -14.92 -22.91 1.24
C36 Y1X GA . -15.12 -24.37 0.82
F25 Y1X GA . -10.81 -13.30 -2.87
N03 Y1X GA . -11.97 -21.46 2.72
N10 Y1X GA . -12.50 -20.38 8.01
N15 Y1X GA . -10.32 -19.45 1.27
N18 Y1X GA . -9.19 -17.72 -1.95
N30 Y1X GA . -10.04 -23.12 0.06
N32 Y1X GA . -7.79 -23.83 0.93
N33 Y1X GA . -8.20 -23.58 -1.36
O01 Y1X GA . -14.10 -21.93 3.51
O27 Y1X GA . -10.73 -17.11 -0.33
O28 Y1X GA . -8.85 -19.95 -0.35
O34 Y1X GA . -13.55 -22.84 1.54
CL23 Y1X GA . -10.40 -13.22 -5.67
#